data_7OUF
#
_entry.id   7OUF
#
_cell.length_a   1.00
_cell.length_b   1.00
_cell.length_c   1.00
_cell.angle_alpha   90.00
_cell.angle_beta   90.00
_cell.angle_gamma   90.00
#
_symmetry.space_group_name_H-M   'P 1'
#
loop_
_entity.id
_entity.type
_entity.pdbx_description
1 polymer Integrase
2 polymer 'Isoform 3 of PC4 and SFRS1-interacting protein,Isoform Gamma-1 of Serine/threonine-protein phosphatase 2A 56 kDa regulatory subunit gamma isoform'
3 polymer "DNA (5'-D(*AP*CP*TP*GP*TP*GP*TP*TP*TP*GP*GP*CP*GP*CP*TP*TP*CP*TP*CP*TP*C)-3')"
4 polymer "DNA (5'-D(*GP*AP*GP*AP*GP*AP*AP*GP*CP*GP*CP*CP*AP*AP*AP*CP*AP*CP*A)-3')"
5 non-polymer 'ZINC ION'
6 non-polymer 'MAGNESIUM ION'
7 non-polymer 4-azanyl-~{N}-[[2,4-bis(fluoranyl)phenyl]methyl]-6-[3-(dimethylamino)-3-oxidanylidene-propyl]-1-oxidanyl-2-oxidanylidene-1,8-naphthyridine-3-carboxamide
8 water water
#
loop_
_entity_poly.entity_id
_entity_poly.type
_entity_poly.pdbx_seq_one_letter_code
_entity_poly.pdbx_strand_id
1 'polypeptide(L)'
;GPEFQLSPAKLHSFTHCGQAALTLHGATTTEALNILHSCHACRKNNPQHQMPRGHIRRGLLPNHIWQGDITHFKYKNTLY
RLHVWVDTFSGSVSATHKKRETSSEAISSLLHAIAHLGRPSHINTDNGPAYASQEFQHACTSLAIRHTTHIPYNPTSSGL
VERTNGILKTLLYKYFSDNPNLPMDNALSVALWTINHLNVLTHCQKTRWQLHHSPRLPPIPEEKPVTTSKTHWYYFKIPG
LNSRQWKGPQRALQEAAGAALIPVSDTAAQWIPWKLLKRAVCPRLAGDTADPKERDHQHHG
;
D,E,A,B
2 'polypeptide(L)'
;SMTRDFKPGDLIFAKMKGYPHWPARVDEVPDGAVKPPTNKLPIFFFGTHETAFLGPKDIFPYSENKEKYGKPNKRKGFNE
GLWEIDNNPKVKFSSQQAATKQSNASSDVEVEEKETSVSKEDTDHEEKASNEDVTKAVDITTPKAARRGRKRKAEKQVET
EEAGVVTTATASVNLKVSPKRGRPAATEVKIPKPRGRPKMVKQPCPSESDIITEEDKSKKKGQEEKQPKKQPKKDEEGQK
EEDKPRKEPDKKEGKKEVESKRKNLAKTGVTSTSDSEEEGDDQEGEKKRKGGRNFQTAHRRNMLKGQHEKEAADRKRKQE
EQMETEFMVVDAANSNGPFQPVVLLHIRDVPPADQEKLFIQKLRQCCVLFDFVSDPLSDLKWKEVKRAALSEMVEYITHN
RNVITEPIYPEVVHMFAVNMFRTLPPSSNPTGAEFDPEEDEPTLEAAWPHLQLVYEFFLRFLESPDFQPNIAKKYIDQKF
VLQLLELFDSEDPRERDFLKTTLHRIYGKFLGLRAYIRKQINNIFYRFIYETEHHNGIAELLEILGSIINGFALPLKEEH
KIFLLKVLLPLHKVKSLSVYHPQLAYCVVQFLEKDSTLTEPVVMALLKYWPKTHSPKEVMFLNELEEILDVIEPSEFVKI
MEPLFRQLAKCVSSPHFQVAERALYYWNNEYIMSLISDNAAKILPIMFPSLYRNSKT
;
F,C
3 'polydeoxyribonucleotide'
;(DA)(DC)(DT)(DG)(DT)(DG)(DT)(DT)(DT)(DG)(DG)(DC)(DG)(DC)(DT)(DT)(DC)(DT)(DC)(DT)
(DC)(DC)(DC)(DG)(DG)(DA)(DG)(DA)(DG)(DA)
;
I,K
4 'polydeoxyribonucleotide'
;(DT)(DC)(DT)(DC)(DT)(DC)(DC)(DG)(DG)(DG)(DA)(DG)(DA)(DG)(DA)(DA)(DG)(DC)(DG)(DC)
(DC)(DA)(DA)(DA)(DC)(DA)(DC)(DA)
;
J,H
#
# COMPACT_ATOMS: atom_id res chain seq x y z
N SER A 7 8.17 44.93 16.21
CA SER A 7 8.76 46.25 16.35
C SER A 7 9.73 46.29 17.53
N PRO A 8 10.81 47.07 17.40
CA PRO A 8 11.81 47.12 18.47
C PRO A 8 11.26 47.57 19.82
N ALA A 9 10.32 48.51 19.83
CA ALA A 9 9.77 48.98 21.10
C ALA A 9 9.04 47.86 21.84
N LYS A 10 8.19 47.11 21.13
CA LYS A 10 7.49 46.00 21.77
C LYS A 10 8.46 44.91 22.20
N LEU A 11 9.49 44.64 21.39
CA LEU A 11 10.46 43.62 21.73
C LEU A 11 11.18 43.96 23.03
N HIS A 12 11.60 45.22 23.19
CA HIS A 12 12.27 45.60 24.42
C HIS A 12 11.30 45.65 25.59
N SER A 13 10.06 46.11 25.35
CA SER A 13 9.08 46.16 26.42
C SER A 13 8.75 44.77 26.94
N PHE A 14 8.88 43.75 26.10
CA PHE A 14 8.57 42.39 26.52
C PHE A 14 9.78 41.64 27.06
N THR A 15 10.97 41.87 26.50
CA THR A 15 12.15 41.10 26.87
C THR A 15 13.21 41.90 27.62
N HIS A 16 13.26 43.22 27.43
CA HIS A 16 14.23 44.09 28.10
C HIS A 16 15.66 43.64 27.83
N CYS A 17 15.96 43.42 26.55
CA CYS A 17 17.31 43.08 26.14
C CYS A 17 18.10 44.34 25.82
N GLY A 18 19.40 44.16 25.60
CA GLY A 18 20.31 45.27 25.38
C GLY A 18 20.12 45.92 24.03
N GLN A 19 20.75 47.09 23.89
CA GLN A 19 20.62 47.85 22.64
C GLN A 19 21.29 47.12 21.47
N ALA A 20 22.42 46.45 21.73
CA ALA A 20 23.07 45.68 20.67
C ALA A 20 22.20 44.52 20.20
N ALA A 21 21.31 44.04 21.06
CA ALA A 21 20.32 43.06 20.63
C ALA A 21 19.30 43.69 19.69
N LEU A 22 18.88 44.93 19.98
CA LEU A 22 17.94 45.62 19.10
C LEU A 22 18.57 45.97 17.77
N THR A 23 19.89 46.20 17.74
CA THR A 23 20.54 46.55 16.49
C THR A 23 20.49 45.41 15.47
N LEU A 24 20.53 44.16 15.94
CA LEU A 24 20.37 43.04 15.03
C LEU A 24 19.00 43.00 14.37
N HIS A 25 18.01 43.65 14.98
CA HIS A 25 16.70 43.82 14.39
C HIS A 25 16.67 45.13 13.60
N GLY A 26 15.47 45.58 13.23
CA GLY A 26 15.34 46.73 12.36
C GLY A 26 15.88 48.03 12.94
N ALA A 27 16.06 48.10 14.25
CA ALA A 27 16.52 49.33 14.88
C ALA A 27 17.98 49.63 14.52
N THR A 28 18.28 50.90 14.33
CA THR A 28 19.64 51.39 14.13
C THR A 28 20.19 51.89 15.45
N THR A 29 21.51 52.07 15.51
CA THR A 29 22.20 52.31 16.77
C THR A 29 21.64 53.51 17.51
N THR A 30 21.33 54.60 16.80
CA THR A 30 20.88 55.82 17.47
C THR A 30 19.51 55.62 18.14
N GLU A 31 18.54 55.09 17.40
CA GLU A 31 17.25 54.84 18.03
C GLU A 31 17.31 53.65 18.99
N ALA A 32 18.27 52.74 18.80
CA ALA A 32 18.49 51.69 19.78
C ALA A 32 18.89 52.30 21.13
N LEU A 33 19.84 53.24 21.11
CA LEU A 33 20.23 53.93 22.33
C LEU A 33 19.08 54.76 22.89
N ASN A 34 18.29 55.38 22.01
CA ASN A 34 17.14 56.16 22.46
C ASN A 34 16.15 55.28 23.22
N ILE A 35 15.81 54.11 22.67
CA ILE A 35 14.90 53.20 23.35
C ILE A 35 15.54 52.65 24.62
N LEU A 36 16.86 52.42 24.60
CA LEU A 36 17.54 51.90 25.79
C LEU A 36 17.45 52.89 26.95
N HIS A 37 17.67 54.18 26.68
CA HIS A 37 17.61 55.17 27.74
C HIS A 37 16.21 55.74 27.94
N SER A 38 15.23 55.28 27.16
CA SER A 38 13.85 55.69 27.34
C SER A 38 13.07 54.76 28.27
N CYS A 39 13.71 53.74 28.82
CA CYS A 39 13.05 52.79 29.71
C CYS A 39 13.43 53.10 31.15
N HIS A 40 12.41 53.19 32.02
CA HIS A 40 12.66 53.54 33.42
C HIS A 40 13.47 52.46 34.12
N ALA A 41 13.18 51.19 33.85
CA ALA A 41 13.87 50.10 34.52
C ALA A 41 15.28 49.87 33.98
N CYS A 42 15.58 50.36 32.79
CA CYS A 42 16.88 50.10 32.16
C CYS A 42 17.90 51.21 32.39
N ARG A 43 17.45 52.44 32.62
CA ARG A 43 18.38 53.54 32.84
C ARG A 43 19.01 53.46 34.22
N ILE A 56 37.95 34.64 32.74
CA ILE A 56 38.54 33.90 31.64
C ILE A 56 37.80 32.59 31.42
N ARG A 57 37.89 32.04 30.21
CA ARG A 57 37.20 30.82 29.85
C ARG A 57 38.10 29.63 30.14
N ARG A 58 37.63 28.72 31.01
CA ARG A 58 38.42 27.56 31.37
C ARG A 58 38.23 26.39 30.41
N GLY A 59 37.01 26.18 29.91
CA GLY A 59 36.79 25.15 28.93
C GLY A 59 37.36 25.51 27.57
N LEU A 60 37.68 24.48 26.79
CA LEU A 60 38.29 24.66 25.48
C LEU A 60 37.30 24.56 24.33
N LEU A 61 36.23 23.79 24.50
CA LEU A 61 35.21 23.61 23.49
C LEU A 61 33.85 23.63 24.19
N PRO A 62 32.77 23.88 23.44
CA PRO A 62 31.45 23.76 24.05
C PRO A 62 31.20 22.35 24.56
N ASN A 63 30.48 22.26 25.68
CA ASN A 63 30.19 20.98 26.33
C ASN A 63 31.47 20.25 26.71
N HIS A 64 32.40 20.99 27.31
CA HIS A 64 33.64 20.41 27.83
C HIS A 64 33.68 20.49 29.35
N ILE A 65 33.53 21.66 29.92
CA ILE A 65 33.42 21.84 31.37
C ILE A 65 32.19 22.68 31.65
N TRP A 66 31.36 22.23 32.58
CA TRP A 66 30.21 22.97 33.04
C TRP A 66 30.41 23.42 34.48
N GLN A 67 29.66 24.43 34.89
CA GLN A 67 29.66 24.91 36.26
C GLN A 67 28.23 24.86 36.78
N GLY A 68 28.04 24.21 37.92
CA GLY A 68 26.71 24.05 38.49
C GLY A 68 26.54 24.73 39.82
N ASP A 69 25.53 25.59 39.93
CA ASP A 69 25.24 26.32 41.15
C ASP A 69 23.78 26.12 41.55
N ILE A 70 23.52 26.29 42.84
CA ILE A 70 22.17 26.32 43.38
C ILE A 70 21.97 27.66 44.07
N THR A 71 20.95 28.39 43.65
CA THR A 71 20.78 29.78 44.04
C THR A 71 19.40 29.99 44.65
N HIS A 72 19.32 30.87 45.63
CA HIS A 72 18.05 31.23 46.26
C HIS A 72 17.49 32.48 45.58
N PHE A 73 16.33 32.34 44.94
CA PHE A 73 15.61 33.48 44.39
C PHE A 73 14.59 33.96 45.42
N LYS A 74 14.73 35.21 45.83
CA LYS A 74 13.90 35.78 46.89
C LYS A 74 12.65 36.40 46.29
N TYR A 75 11.51 36.13 46.94
CA TYR A 75 10.25 36.77 46.61
C TYR A 75 9.65 37.36 47.88
N LYS A 76 8.57 38.12 47.69
CA LYS A 76 7.97 38.81 48.83
C LYS A 76 7.44 37.84 49.87
N ASN A 77 6.82 36.74 49.45
CA ASN A 77 6.24 35.80 50.40
C ASN A 77 6.68 34.35 50.17
N THR A 78 7.69 34.11 49.32
CA THR A 78 8.13 32.76 49.05
C THR A 78 9.58 32.78 48.58
N LEU A 79 10.16 31.59 48.50
CA LEU A 79 11.52 31.41 48.00
C LEU A 79 11.50 30.36 46.89
N TYR A 80 12.44 30.50 45.96
CA TYR A 80 12.64 29.49 44.93
C TYR A 80 14.10 29.07 44.92
N ARG A 81 14.36 27.83 44.49
CA ARG A 81 15.72 27.32 44.39
C ARG A 81 16.02 27.04 42.92
N LEU A 82 16.92 27.83 42.35
CA LEU A 82 17.26 27.74 40.94
C LEU A 82 18.54 26.93 40.80
N HIS A 83 18.44 25.79 40.11
CA HIS A 83 19.60 25.02 39.73
C HIS A 83 20.07 25.52 38.37
N VAL A 84 21.31 26.00 38.30
CA VAL A 84 21.83 26.66 37.12
C VAL A 84 23.08 25.93 36.66
N TRP A 85 23.14 25.61 35.38
CA TRP A 85 24.33 25.05 34.75
C TRP A 85 24.79 26.00 33.65
N VAL A 86 26.06 26.38 33.71
CA VAL A 86 26.63 27.34 32.77
C VAL A 86 27.84 26.71 32.09
N ASP A 87 27.90 26.83 30.77
CA ASP A 87 29.05 26.36 30.02
C ASP A 87 30.20 27.36 30.15
N THR A 88 31.39 26.84 30.42
CA THR A 88 32.55 27.69 30.64
C THR A 88 33.14 28.25 29.35
N PHE A 89 32.69 27.78 28.19
CA PHE A 89 33.20 28.27 26.92
C PHE A 89 32.28 29.26 26.23
N SER A 90 30.97 29.00 26.22
CA SER A 90 30.01 29.86 25.53
C SER A 90 29.18 30.72 26.46
N GLY A 91 29.09 30.37 27.74
CA GLY A 91 28.23 31.08 28.65
C GLY A 91 26.77 30.69 28.57
N SER A 92 26.44 29.67 27.79
CA SER A 92 25.05 29.22 27.70
C SER A 92 24.57 28.73 29.05
N VAL A 93 23.32 29.07 29.38
CA VAL A 93 22.76 28.86 30.70
C VAL A 93 21.54 27.96 30.60
N SER A 94 21.47 26.97 31.47
CA SER A 94 20.28 26.15 31.64
C SER A 94 19.85 26.26 33.10
N ALA A 95 18.65 26.78 33.34
CA ALA A 95 18.15 27.02 34.68
C ALA A 95 16.84 26.29 34.89
N THR A 96 16.68 25.69 36.06
CA THR A 96 15.45 25.01 36.43
C THR A 96 15.08 25.40 37.86
N HIS A 97 13.82 25.76 38.08
CA HIS A 97 13.37 26.20 39.40
C HIS A 97 12.68 25.06 40.13
N LYS A 98 12.99 24.91 41.41
CA LYS A 98 12.35 23.94 42.29
C LYS A 98 12.02 24.61 43.61
N LYS A 99 11.36 23.86 44.49
CA LYS A 99 10.98 24.33 45.81
C LYS A 99 11.72 23.61 46.93
N ARG A 100 12.62 22.69 46.61
CA ARG A 100 13.41 21.99 47.61
C ARG A 100 14.83 21.86 47.07
N GLU A 101 15.66 21.08 47.76
CA GLU A 101 17.05 20.87 47.33
C GLU A 101 17.47 19.48 47.77
N THR A 102 17.72 18.60 46.81
CA THR A 102 18.10 17.23 47.10
C THR A 102 18.88 16.68 45.92
N SER A 103 19.45 15.48 46.11
CA SER A 103 20.20 14.84 45.04
C SER A 103 19.31 14.50 43.85
N SER A 104 18.05 14.15 44.11
CA SER A 104 17.13 13.83 43.02
C SER A 104 16.89 15.04 42.13
N GLU A 105 16.68 16.21 42.73
CA GLU A 105 16.47 17.40 41.92
C GLU A 105 17.73 17.84 41.21
N ALA A 106 18.90 17.60 41.82
CA ALA A 106 20.15 17.84 41.10
C ALA A 106 20.25 16.96 39.87
N ILE A 107 19.88 15.68 40.00
CA ILE A 107 19.87 14.77 38.87
C ILE A 107 18.92 15.26 37.79
N SER A 108 17.71 15.67 38.21
CA SER A 108 16.71 16.13 37.23
C SER A 108 17.20 17.38 36.50
N SER A 109 17.80 18.31 37.23
CA SER A 109 18.31 19.53 36.61
C SER A 109 19.45 19.22 35.65
N LEU A 110 20.34 18.30 36.02
CA LEU A 110 21.42 17.92 35.13
C LEU A 110 20.88 17.29 33.85
N LEU A 111 19.87 16.41 33.98
CA LEU A 111 19.28 15.79 32.80
C LEU A 111 18.59 16.82 31.91
N HIS A 112 17.88 17.78 32.52
CA HIS A 112 17.24 18.84 31.74
C HIS A 112 18.28 19.67 31.00
N ALA A 113 19.37 20.01 31.67
CA ALA A 113 20.43 20.77 31.03
C ALA A 113 21.07 19.99 29.89
N ILE A 114 21.22 18.67 30.07
CA ILE A 114 21.76 17.83 28.99
C ILE A 114 20.81 17.82 27.81
N ALA A 115 19.51 17.75 28.07
CA ALA A 115 18.53 17.78 26.99
C ALA A 115 18.58 19.10 26.23
N HIS A 116 18.71 20.22 26.95
CA HIS A 116 18.69 21.53 26.30
C HIS A 116 20.00 21.84 25.58
N LEU A 117 21.13 21.46 26.17
CA LEU A 117 22.45 21.84 25.67
C LEU A 117 23.22 20.69 25.04
N GLY A 118 23.19 19.52 25.66
CA GLY A 118 23.99 18.39 25.24
C GLY A 118 24.74 17.77 26.41
N ARG A 119 25.37 16.63 26.12
CA ARG A 119 26.08 15.91 27.17
C ARG A 119 27.43 16.54 27.44
N PRO A 120 27.73 16.94 28.68
CA PRO A 120 29.07 17.47 28.98
C PRO A 120 30.05 16.36 29.31
N SER A 121 31.30 16.59 28.96
CA SER A 121 32.36 15.64 29.24
C SER A 121 32.89 15.76 30.67
N HIS A 122 33.02 16.99 31.16
CA HIS A 122 33.53 17.24 32.51
C HIS A 122 32.56 18.17 33.23
N ILE A 123 32.31 17.86 34.50
CA ILE A 123 31.34 18.59 35.31
C ILE A 123 32.02 19.05 36.60
N ASN A 124 31.71 20.27 37.02
CA ASN A 124 32.35 20.88 38.17
C ASN A 124 31.30 21.60 39.00
N THR A 125 31.38 21.44 40.32
CA THR A 125 30.42 22.06 41.22
C THR A 125 31.00 22.12 42.63
N ASP A 126 30.23 22.72 43.53
CA ASP A 126 30.63 22.88 44.91
C ASP A 126 30.11 21.72 45.77
N ASN A 127 30.73 21.55 46.94
CA ASN A 127 30.22 20.61 47.92
C ASN A 127 28.88 21.07 48.47
N GLY A 128 28.09 20.10 48.93
CA GLY A 128 26.81 20.37 49.53
C GLY A 128 26.07 19.08 49.83
N PRO A 129 24.85 19.20 50.36
CA PRO A 129 24.03 17.99 50.53
C PRO A 129 23.82 17.23 49.22
N ALA A 130 23.65 17.97 48.13
CA ALA A 130 23.63 17.38 46.80
C ALA A 130 25.05 17.36 46.24
N TYR A 131 25.22 16.71 45.08
CA TYR A 131 26.47 16.56 44.36
C TYR A 131 27.49 15.70 45.12
N ALA A 132 27.17 15.23 46.32
CA ALA A 132 28.09 14.44 47.12
C ALA A 132 27.55 13.08 47.53
N SER A 133 26.25 12.87 47.48
CA SER A 133 25.68 11.58 47.82
C SER A 133 25.96 10.56 46.72
N GLN A 134 25.71 9.29 47.03
CA GLN A 134 25.95 8.23 46.06
C GLN A 134 24.99 8.31 44.87
N GLU A 135 23.83 8.96 45.04
CA GLU A 135 22.89 9.10 43.94
C GLU A 135 23.49 9.91 42.79
N PHE A 136 24.03 11.09 43.11
CA PHE A 136 24.62 11.93 42.07
C PHE A 136 25.85 11.29 41.46
N GLN A 137 26.66 10.61 42.28
CA GLN A 137 27.84 9.93 41.75
C GLN A 137 27.44 8.82 40.79
N HIS A 138 26.43 8.03 41.15
CA HIS A 138 25.96 6.98 40.25
C HIS A 138 25.37 7.56 38.98
N ALA A 139 24.64 8.68 39.10
CA ALA A 139 24.07 9.32 37.91
C ALA A 139 25.17 9.80 36.97
N CYS A 140 26.24 10.37 37.52
CA CYS A 140 27.35 10.81 36.69
C CYS A 140 28.04 9.62 36.03
N THR A 141 28.24 8.52 36.76
CA THR A 141 28.88 7.35 36.17
C THR A 141 28.02 6.67 35.12
N SER A 142 26.68 6.77 35.23
CA SER A 142 25.82 6.22 34.20
C SER A 142 26.01 6.94 32.86
N LEU A 143 26.20 8.25 32.89
CA LEU A 143 26.46 9.03 31.69
C LEU A 143 27.94 9.11 31.35
N ALA A 144 28.81 8.53 32.19
CA ALA A 144 30.26 8.60 32.01
C ALA A 144 30.75 10.05 31.98
N ILE A 145 30.41 10.79 33.03
CA ILE A 145 30.82 12.19 33.18
C ILE A 145 31.78 12.27 34.37
N ARG A 146 32.97 12.81 34.11
CA ARG A 146 33.96 12.98 35.16
C ARG A 146 33.57 14.17 36.04
N HIS A 147 33.56 13.95 37.35
CA HIS A 147 33.04 14.92 38.31
C HIS A 147 34.13 15.32 39.28
N THR A 148 34.38 16.63 39.38
CA THR A 148 35.32 17.20 40.34
C THR A 148 34.63 18.30 41.13
N THR A 149 34.90 18.35 42.43
CA THR A 149 34.23 19.27 43.34
C THR A 149 35.28 20.05 44.13
N HIS A 150 35.02 21.34 44.33
CA HIS A 150 36.01 22.22 44.94
C HIS A 150 35.31 23.23 45.84
N ILE A 151 36.09 23.84 46.74
CA ILE A 151 35.57 24.84 47.67
C ILE A 151 36.23 26.18 47.34
N PRO A 152 35.48 27.28 47.29
CA PRO A 152 36.09 28.60 47.06
C PRO A 152 36.98 29.04 48.22
N VAL A 161 29.73 30.05 37.25
CA VAL A 161 30.15 31.41 37.56
C VAL A 161 29.02 32.14 38.26
N GLU A 162 29.37 33.14 39.08
CA GLU A 162 28.40 33.88 39.87
C GLU A 162 27.90 35.14 39.19
N ARG A 163 28.36 35.44 37.97
CA ARG A 163 27.90 36.64 37.29
C ARG A 163 26.63 36.38 36.50
N THR A 164 26.61 35.29 35.71
CA THR A 164 25.41 34.94 34.95
C THR A 164 24.23 34.73 35.87
N ASN A 165 24.48 34.27 37.09
CA ASN A 165 23.43 34.20 38.11
C ASN A 165 22.88 35.59 38.39
N GLY A 166 23.75 36.59 38.46
CA GLY A 166 23.28 37.95 38.68
C GLY A 166 22.48 38.50 37.51
N ILE A 167 22.93 38.25 36.29
CA ILE A 167 22.13 38.65 35.12
C ILE A 167 20.76 37.99 35.15
N LEU A 168 20.71 36.69 35.47
CA LEU A 168 19.42 36.00 35.54
C LEU A 168 18.53 36.63 36.60
N LYS A 169 19.09 36.91 37.78
CA LYS A 169 18.31 37.52 38.85
C LYS A 169 17.75 38.88 38.44
N THR A 170 18.60 39.74 37.86
CA THR A 170 18.15 41.09 37.54
C THR A 170 17.12 41.08 36.41
N LEU A 171 17.29 40.17 35.45
CA LEU A 171 16.30 40.08 34.38
C LEU A 171 14.96 39.57 34.92
N LEU A 172 15.00 38.57 35.81
CA LEU A 172 13.77 38.10 36.44
C LEU A 172 13.10 39.21 37.24
N TYR A 173 13.90 40.00 37.97
CA TYR A 173 13.35 41.09 38.77
C TYR A 173 12.70 42.14 37.88
N LYS A 174 13.33 42.48 36.76
CA LYS A 174 12.70 43.43 35.83
C LYS A 174 11.40 42.88 35.29
N TYR A 175 11.37 41.60 34.93
CA TYR A 175 10.14 40.99 34.41
C TYR A 175 9.03 41.04 35.44
N PHE A 176 9.35 40.74 36.70
CA PHE A 176 8.32 40.74 37.73
C PHE A 176 7.88 42.15 38.10
N SER A 177 8.81 43.12 38.03
CA SER A 177 8.42 44.52 38.28
C SER A 177 7.50 45.02 37.19
N ASP A 178 7.73 44.61 35.94
CA ASP A 178 6.83 45.02 34.86
C ASP A 178 5.43 44.48 35.08
N ASN A 179 5.31 43.24 35.53
CA ASN A 179 4.02 42.62 35.77
C ASN A 179 4.10 41.68 36.96
N PRO A 180 3.45 42.00 38.09
CA PRO A 180 3.53 41.13 39.26
C PRO A 180 2.75 39.83 39.14
N ASN A 181 1.92 39.68 38.11
CA ASN A 181 1.12 38.47 37.94
C ASN A 181 1.77 37.55 36.90
N LEU A 182 2.83 36.86 37.35
CA LEU A 182 3.51 35.87 36.55
C LEU A 182 3.67 34.57 37.33
N PRO A 183 3.58 33.42 36.67
CA PRO A 183 3.66 32.13 37.36
C PRO A 183 5.06 31.57 37.57
N MET A 184 6.11 32.36 37.32
CA MET A 184 7.50 32.02 37.64
C MET A 184 8.08 30.97 36.69
N ASP A 185 7.25 30.37 35.84
CA ASP A 185 7.79 29.51 34.80
C ASP A 185 7.91 30.26 33.47
N ASN A 186 6.88 31.05 33.13
CA ASN A 186 6.97 31.90 31.95
C ASN A 186 8.09 32.91 32.08
N ALA A 187 8.26 33.47 33.28
CA ALA A 187 9.35 34.43 33.50
C ALA A 187 10.71 33.77 33.27
N LEU A 188 10.90 32.56 33.81
CA LEU A 188 12.17 31.87 33.61
C LEU A 188 12.40 31.53 32.14
N SER A 189 11.36 31.09 31.44
CA SER A 189 11.50 30.78 30.03
C SER A 189 11.87 32.01 29.21
N VAL A 190 11.20 33.14 29.47
CA VAL A 190 11.50 34.36 28.74
C VAL A 190 12.89 34.87 29.07
N ALA A 191 13.31 34.75 30.33
CA ALA A 191 14.66 35.16 30.71
C ALA A 191 15.70 34.31 30.01
N LEU A 192 15.49 33.00 29.95
CA LEU A 192 16.43 32.12 29.25
C LEU A 192 16.48 32.45 27.76
N TRP A 193 15.32 32.71 27.15
CA TRP A 193 15.30 33.10 25.75
C TRP A 193 16.07 34.39 25.52
N THR A 194 15.86 35.38 26.39
CA THR A 194 16.56 36.66 26.25
C THR A 194 18.06 36.50 26.42
N ILE A 195 18.49 35.72 27.41
CA ILE A 195 19.91 35.52 27.65
C ILE A 195 20.59 34.74 26.53
N ASN A 196 19.96 33.68 26.02
CA ASN A 196 20.62 32.78 25.10
C ASN A 196 20.45 33.17 23.63
N HIS A 197 19.31 33.74 23.25
CA HIS A 197 19.03 34.02 21.85
C HIS A 197 19.00 35.48 21.48
N LEU A 198 18.89 36.39 22.44
CA LEU A 198 18.70 37.81 22.14
C LEU A 198 19.93 38.64 22.45
N ASN A 199 20.44 38.58 23.68
CA ASN A 199 21.64 39.33 24.02
C ASN A 199 22.83 38.81 23.23
N VAL A 200 23.75 39.72 22.91
CA VAL A 200 24.93 39.40 22.11
C VAL A 200 26.18 39.68 22.94
N LEU A 201 27.17 38.80 22.80
CA LEU A 201 28.40 38.95 23.56
C LEU A 201 29.21 40.13 23.05
N THR A 202 29.91 40.80 23.97
CA THR A 202 30.64 42.01 23.62
C THR A 202 31.90 41.70 22.82
N HIS A 203 32.63 40.66 23.20
CA HIS A 203 33.91 40.37 22.57
C HIS A 203 33.75 39.97 21.11
N CYS A 204 32.76 39.14 20.79
CA CYS A 204 32.64 38.57 19.46
C CYS A 204 31.36 38.95 18.73
N GLN A 205 30.50 39.77 19.32
CA GLN A 205 29.25 40.21 18.70
C GLN A 205 28.39 39.02 18.29
N LYS A 206 28.34 38.00 19.14
CA LYS A 206 27.53 36.82 18.92
C LYS A 206 26.63 36.59 20.13
N THR A 207 25.53 35.88 19.90
CA THR A 207 24.73 35.40 21.02
C THR A 207 25.33 34.13 21.58
N ARG A 208 24.91 33.78 22.79
CA ARG A 208 25.42 32.57 23.43
C ARG A 208 24.99 31.31 22.66
N TRP A 209 23.78 31.33 22.09
CA TRP A 209 23.29 30.18 21.34
C TRP A 209 24.16 29.91 20.11
N GLN A 210 24.50 30.95 19.36
CA GLN A 210 25.31 30.76 18.16
C GLN A 210 26.71 30.28 18.52
N LEU A 211 27.30 30.83 19.59
CA LEU A 211 28.62 30.39 20.00
C LEU A 211 28.59 28.93 20.44
N HIS A 212 27.54 28.52 21.16
CA HIS A 212 27.45 27.15 21.64
C HIS A 212 27.24 26.17 20.49
N HIS A 213 26.36 26.50 19.54
CA HIS A 213 25.92 25.55 18.53
C HIS A 213 26.53 25.81 17.16
N SER A 214 27.57 26.62 17.07
CA SER A 214 28.25 26.80 15.80
C SER A 214 29.07 25.55 15.49
N PRO A 215 28.82 24.87 14.37
CA PRO A 215 29.64 23.70 14.03
C PRO A 215 31.10 24.08 13.86
N ARG A 216 31.99 23.18 14.29
CA ARG A 216 33.42 23.43 14.20
C ARG A 216 33.93 23.10 12.80
N LEU A 217 35.12 23.59 12.51
CA LEU A 217 35.73 23.35 11.21
C LEU A 217 36.15 21.89 11.08
N PRO A 218 35.85 21.24 9.97
CA PRO A 218 36.27 19.85 9.79
C PRO A 218 37.78 19.73 9.70
N PRO A 219 38.35 18.58 10.07
CA PRO A 219 39.79 18.39 9.93
C PRO A 219 40.21 18.36 8.46
N ILE A 220 41.47 18.72 8.23
CA ILE A 220 42.03 18.81 6.90
C ILE A 220 43.12 17.76 6.77
N PRO A 221 42.84 16.64 6.09
CA PRO A 221 43.86 15.61 5.91
C PRO A 221 45.05 16.11 5.09
N GLU A 222 46.23 15.57 5.40
CA GLU A 222 47.45 15.92 4.69
C GLU A 222 47.69 14.95 3.54
N GLU A 223 48.25 15.48 2.45
CA GLU A 223 48.54 14.72 1.24
C GLU A 223 47.30 14.10 0.62
N LYS A 224 46.12 14.62 0.96
CA LYS A 224 44.85 14.13 0.43
C LYS A 224 43.90 15.30 0.22
N PRO A 225 43.52 15.61 -1.02
CA PRO A 225 42.61 16.73 -1.25
C PRO A 225 41.25 16.50 -0.61
N VAL A 226 40.65 17.58 -0.13
CA VAL A 226 39.32 17.53 0.46
C VAL A 226 38.32 17.76 -0.67
N THR A 227 37.79 16.67 -1.22
CA THR A 227 36.84 16.77 -2.31
C THR A 227 35.47 17.19 -1.79
N THR A 228 34.70 17.85 -2.65
CA THR A 228 33.35 18.27 -2.31
C THR A 228 32.40 17.07 -2.34
N SER A 229 31.60 16.92 -1.29
CA SER A 229 30.66 15.81 -1.22
C SER A 229 29.60 15.95 -2.31
N LYS A 230 29.34 14.85 -3.01
CA LYS A 230 28.33 14.81 -4.06
C LYS A 230 27.05 14.22 -3.48
N THR A 231 25.96 14.97 -3.59
CA THR A 231 24.68 14.53 -3.06
C THR A 231 24.01 13.57 -4.05
N HIS A 232 22.75 13.25 -3.83
CA HIS A 232 22.10 12.15 -4.51
C HIS A 232 21.16 12.64 -5.62
N TRP A 233 20.72 11.68 -6.44
CA TRP A 233 19.79 11.92 -7.53
C TRP A 233 18.44 11.30 -7.17
N TYR A 234 17.36 11.96 -7.59
CA TYR A 234 16.02 11.51 -7.23
C TYR A 234 15.09 11.53 -8.43
N TYR A 235 14.26 10.48 -8.53
CA TYR A 235 13.06 10.54 -9.35
C TYR A 235 11.94 11.16 -8.51
N PHE A 236 11.19 12.08 -9.11
CA PHE A 236 10.25 12.87 -8.35
C PHE A 236 8.89 12.91 -9.04
N LYS A 237 7.87 13.24 -8.25
CA LYS A 237 6.53 13.50 -8.74
C LYS A 237 6.03 14.81 -8.16
N ILE A 238 5.37 15.61 -8.99
CA ILE A 238 4.90 16.92 -8.55
C ILE A 238 3.68 16.75 -7.66
N PRO A 239 3.66 17.33 -6.46
CA PRO A 239 2.50 17.17 -5.58
C PRO A 239 1.24 17.79 -6.18
N GLY A 240 0.10 17.15 -5.88
CA GLY A 240 -1.17 17.67 -6.32
C GLY A 240 -1.55 17.35 -7.75
N LEU A 241 -0.96 16.32 -8.35
CA LEU A 241 -1.28 15.94 -9.72
C LEU A 241 -1.81 14.51 -9.87
N ASN A 242 -1.67 13.66 -8.85
CA ASN A 242 -2.05 12.25 -8.94
C ASN A 242 -1.39 11.58 -10.13
N SER A 243 -0.10 11.83 -10.32
CA SER A 243 0.63 11.18 -11.38
C SER A 243 1.14 9.81 -10.91
N ARG A 244 1.56 9.00 -11.88
CA ARG A 244 2.05 7.65 -11.59
C ARG A 244 3.34 7.35 -12.33
N GLN A 245 3.98 8.35 -12.92
CA GLN A 245 5.22 8.17 -13.67
C GLN A 245 6.26 9.14 -13.14
N TRP A 246 7.40 8.61 -12.71
CA TRP A 246 8.50 9.42 -12.22
C TRP A 246 9.17 10.11 -13.40
N LYS A 247 9.10 11.44 -13.43
CA LYS A 247 9.59 12.22 -14.56
C LYS A 247 10.97 12.78 -14.22
N GLY A 248 12.01 12.16 -14.78
CA GLY A 248 13.34 12.71 -14.76
C GLY A 248 14.05 12.54 -13.44
N PRO A 249 15.31 12.13 -13.50
CA PRO A 249 16.16 12.17 -12.29
C PRO A 249 16.84 13.52 -12.16
N GLN A 250 16.71 14.15 -10.99
CA GLN A 250 17.30 15.46 -10.76
C GLN A 250 18.21 15.43 -9.53
N ARG A 251 19.12 16.39 -9.50
CA ARG A 251 20.02 16.58 -8.37
C ARG A 251 19.31 17.36 -7.27
N ALA A 252 19.58 16.98 -6.03
CA ALA A 252 18.98 17.66 -4.89
C ALA A 252 19.85 18.83 -4.46
N LEU A 253 19.22 19.98 -4.24
CA LEU A 253 19.93 21.16 -3.76
C LEU A 253 20.13 21.11 -2.26
N GLN A 254 19.05 21.03 -1.51
CA GLN A 254 19.10 20.97 -0.06
C GLN A 254 18.24 19.82 0.44
N GLU A 255 18.68 19.19 1.52
CA GLU A 255 17.98 18.07 2.12
C GLU A 255 17.59 18.43 3.54
N ALA A 256 16.30 18.28 3.86
CA ALA A 256 15.78 18.55 5.18
C ALA A 256 14.88 17.41 5.61
N ALA A 257 14.39 17.48 6.84
CA ALA A 257 13.42 16.50 7.31
C ALA A 257 12.09 16.72 6.61
N GLY A 258 11.56 15.65 6.02
CA GLY A 258 10.25 15.69 5.42
C GLY A 258 10.21 16.09 3.95
N ALA A 259 11.27 16.69 3.42
CA ALA A 259 11.26 17.14 2.03
C ALA A 259 12.68 17.35 1.55
N ALA A 260 12.82 17.47 0.23
CA ALA A 260 14.09 17.79 -0.41
C ALA A 260 13.85 18.83 -1.50
N LEU A 261 14.87 19.62 -1.79
CA LEU A 261 14.76 20.71 -2.75
C LEU A 261 15.16 20.19 -4.13
N ILE A 262 14.21 20.14 -5.06
CA ILE A 262 14.45 19.67 -6.41
C ILE A 262 14.04 20.74 -7.41
N PRO A 263 14.84 21.01 -8.44
CA PRO A 263 14.43 21.96 -9.48
C PRO A 263 13.45 21.32 -10.45
N VAL A 264 12.18 21.71 -10.33
CA VAL A 264 11.15 21.15 -11.21
C VAL A 264 11.34 21.63 -12.64
N SER A 265 11.89 22.83 -12.81
CA SER A 265 12.19 23.39 -14.13
C SER A 265 13.51 24.14 -14.04
N ASP A 266 13.89 24.79 -15.14
CA ASP A 266 15.10 25.59 -15.18
C ASP A 266 14.86 27.02 -14.75
N THR A 267 13.75 27.28 -14.04
CA THR A 267 13.43 28.63 -13.62
C THR A 267 13.01 28.68 -12.15
N ALA A 268 12.61 27.55 -11.59
CA ALA A 268 12.14 27.50 -10.21
C ALA A 268 12.48 26.16 -9.59
N ALA A 269 12.50 26.15 -8.27
CA ALA A 269 12.75 24.95 -7.48
C ALA A 269 11.61 24.75 -6.49
N GLN A 270 11.40 23.50 -6.07
CA GLN A 270 10.29 23.18 -5.19
C GLN A 270 10.74 22.16 -4.14
N TRP A 271 10.09 22.21 -2.98
CA TRP A 271 10.34 21.25 -1.92
C TRP A 271 9.39 20.08 -2.09
N ILE A 272 9.92 18.95 -2.53
CA ILE A 272 9.15 17.74 -2.80
C ILE A 272 9.24 16.84 -1.57
N PRO A 273 8.13 16.29 -1.08
CA PRO A 273 8.19 15.41 0.09
C PRO A 273 8.89 14.10 -0.24
N TRP A 274 9.29 13.40 0.82
CA TRP A 274 10.05 12.16 0.66
C TRP A 274 9.23 11.08 -0.02
N LYS A 275 7.92 11.00 0.28
CA LYS A 275 7.09 9.97 -0.30
C LYS A 275 6.95 10.09 -1.81
N LEU A 276 7.18 11.28 -2.36
CA LEU A 276 7.17 11.48 -3.80
C LEU A 276 8.57 11.45 -4.40
N LEU A 277 9.56 10.96 -3.65
CA LEU A 277 10.93 10.85 -4.12
C LEU A 277 11.36 9.39 -4.10
N LYS A 278 12.16 9.02 -5.10
CA LYS A 278 12.70 7.68 -5.20
C LYS A 278 14.18 7.76 -5.53
N ARG A 279 14.98 6.95 -4.83
CA ARG A 279 16.42 6.98 -5.01
C ARG A 279 16.79 6.53 -6.42
N ALA A 280 17.76 7.23 -7.01
CA ALA A 280 18.21 6.97 -8.37
C ALA A 280 19.71 6.70 -8.37
N VAL A 281 20.26 6.55 -9.56
CA VAL A 281 21.68 6.36 -9.78
C VAL A 281 22.15 7.38 -10.81
N CYS A 282 23.41 7.79 -10.69
CA CYS A 282 23.96 8.79 -11.61
C CYS A 282 23.91 8.26 -13.04
N PRO A 283 23.48 9.07 -14.00
CA PRO A 283 23.36 8.56 -15.39
C PRO A 283 24.67 8.09 -15.98
N ARG A 284 25.81 8.67 -15.59
CA ARG A 284 27.11 8.35 -16.15
C ARG A 284 27.13 8.53 -17.67
N SER B 7 -31.44 -2.83 -25.08
CA SER B 7 -30.69 -1.59 -24.97
C SER B 7 -29.84 -1.57 -23.70
N PRO B 8 -28.56 -1.22 -23.85
CA PRO B 8 -27.70 -1.14 -22.66
C PRO B 8 -28.19 -0.16 -21.61
N ALA B 9 -28.76 0.97 -22.04
CA ALA B 9 -29.17 2.00 -21.09
C ALA B 9 -30.28 1.49 -20.17
N LYS B 10 -31.31 0.86 -20.74
CA LYS B 10 -32.40 0.36 -19.92
C LYS B 10 -31.96 -0.81 -19.06
N LEU B 11 -31.08 -1.66 -19.59
CA LEU B 11 -30.56 -2.77 -18.81
C LEU B 11 -29.80 -2.27 -17.58
N HIS B 12 -28.95 -1.26 -17.77
CA HIS B 12 -28.21 -0.71 -16.63
C HIS B 12 -29.13 0.04 -15.69
N SER B 13 -30.15 0.72 -16.22
CA SER B 13 -31.10 1.41 -15.35
C SER B 13 -31.87 0.44 -14.50
N PHE B 14 -32.09 -0.78 -14.99
CA PHE B 14 -32.81 -1.77 -14.20
C PHE B 14 -31.90 -2.50 -13.22
N THR B 15 -30.74 -2.97 -13.68
CA THR B 15 -29.89 -3.84 -12.88
C THR B 15 -28.61 -3.19 -12.36
N HIS B 16 -28.19 -2.07 -12.94
CA HIS B 16 -26.92 -1.42 -12.58
C HIS B 16 -25.75 -2.38 -12.72
N CYS B 17 -25.74 -3.15 -13.80
CA CYS B 17 -24.64 -4.04 -14.09
C CYS B 17 -23.41 -3.25 -14.52
N GLY B 18 -22.29 -3.95 -14.61
CA GLY B 18 -21.01 -3.32 -14.86
C GLY B 18 -20.72 -3.09 -16.34
N GLN B 19 -19.46 -2.75 -16.62
CA GLN B 19 -19.05 -2.42 -17.97
C GLN B 19 -19.14 -3.63 -18.91
N ALA B 20 -18.55 -4.76 -18.50
CA ALA B 20 -18.51 -5.92 -19.37
C ALA B 20 -19.90 -6.48 -19.63
N ALA B 21 -20.81 -6.36 -18.66
CA ALA B 21 -22.18 -6.80 -18.89
C ALA B 21 -22.85 -5.99 -19.99
N LEU B 22 -22.61 -4.67 -20.00
CA LEU B 22 -23.16 -3.84 -21.07
C LEU B 22 -22.47 -4.11 -22.40
N THR B 23 -21.17 -4.40 -22.37
CA THR B 23 -20.46 -4.69 -23.61
C THR B 23 -20.94 -5.99 -24.24
N LEU B 24 -21.18 -7.03 -23.43
CA LEU B 24 -21.62 -8.31 -23.97
C LEU B 24 -23.05 -8.26 -24.51
N HIS B 25 -23.86 -7.30 -24.06
CA HIS B 25 -25.20 -7.12 -24.60
C HIS B 25 -25.22 -6.18 -25.79
N GLY B 26 -24.06 -5.68 -26.21
CA GLY B 26 -23.94 -4.86 -27.40
C GLY B 26 -23.82 -3.39 -27.09
N ALA B 27 -22.59 -2.91 -27.05
CA ALA B 27 -22.22 -1.51 -26.80
C ALA B 27 -20.72 -1.40 -26.92
N THR B 28 -20.25 -0.25 -27.37
CA THR B 28 -18.82 -0.03 -27.40
C THR B 28 -18.32 0.27 -25.99
N THR B 29 -17.00 0.14 -25.81
CA THR B 29 -16.40 0.46 -24.52
C THR B 29 -16.68 1.91 -24.13
N THR B 30 -16.66 2.82 -25.11
CA THR B 30 -16.90 4.22 -24.81
C THR B 30 -18.33 4.46 -24.31
N GLU B 31 -19.32 3.88 -24.99
CA GLU B 31 -20.71 4.07 -24.55
C GLU B 31 -20.96 3.46 -23.18
N ALA B 32 -20.44 2.25 -22.96
CA ALA B 32 -20.63 1.61 -21.65
C ALA B 32 -19.97 2.41 -20.54
N LEU B 33 -18.75 2.90 -20.79
CA LEU B 33 -18.05 3.69 -19.78
C LEU B 33 -18.76 5.00 -19.52
N ASN B 34 -19.30 5.63 -20.56
CA ASN B 34 -20.07 6.85 -20.38
C ASN B 34 -21.34 6.60 -19.58
N ILE B 35 -22.02 5.48 -19.86
CA ILE B 35 -23.20 5.11 -19.09
C ILE B 35 -22.84 4.92 -17.62
N LEU B 36 -21.72 4.26 -17.35
CA LEU B 36 -21.28 4.06 -15.97
C LEU B 36 -20.98 5.40 -15.30
N HIS B 37 -20.26 6.28 -15.98
CA HIS B 37 -19.89 7.56 -15.38
C HIS B 37 -21.06 8.50 -15.22
N SER B 38 -22.12 8.35 -16.01
CA SER B 38 -23.26 9.24 -15.94
C SER B 38 -24.31 8.81 -14.92
N CYS B 39 -24.15 7.65 -14.30
CA CYS B 39 -25.14 7.15 -13.36
C CYS B 39 -24.89 7.75 -11.97
N HIS B 40 -25.85 8.52 -11.47
CA HIS B 40 -25.72 9.09 -10.13
C HIS B 40 -25.75 8.01 -9.06
N ALA B 41 -26.57 6.99 -9.24
CA ALA B 41 -26.66 5.92 -8.25
C ALA B 41 -25.36 5.13 -8.15
N CYS B 42 -24.71 4.85 -9.28
CA CYS B 42 -23.47 4.10 -9.25
C CYS B 42 -22.28 4.93 -8.77
N ARG B 43 -22.44 6.25 -8.61
CA ARG B 43 -21.36 7.10 -8.11
C ARG B 43 -21.62 7.61 -6.71
N LYS B 44 -22.87 7.67 -6.26
CA LYS B 44 -23.17 8.03 -4.89
C LYS B 44 -22.97 6.87 -3.93
N ASN B 45 -22.94 5.64 -4.43
CA ASN B 45 -22.91 4.45 -3.57
C ASN B 45 -21.60 3.68 -3.65
N ASN B 46 -20.69 4.05 -4.55
CA ASN B 46 -19.39 3.42 -4.61
C ASN B 46 -18.40 4.20 -3.76
N PRO B 47 -17.86 3.62 -2.69
CA PRO B 47 -16.89 4.36 -1.86
C PRO B 47 -15.56 4.63 -2.55
N GLN B 48 -15.25 3.94 -3.65
CA GLN B 48 -13.98 4.13 -4.34
C GLN B 48 -13.94 5.48 -5.04
N HIS B 49 -12.78 6.11 -5.02
CA HIS B 49 -12.57 7.40 -5.68
C HIS B 49 -11.08 7.57 -5.92
N GLN B 50 -10.73 8.59 -6.70
CA GLN B 50 -9.37 8.73 -7.20
C GLN B 50 -9.05 10.22 -7.32
N MET B 51 -8.38 10.77 -6.31
CA MET B 51 -7.94 12.15 -6.28
C MET B 51 -6.56 12.28 -5.66
N PRO B 52 -5.86 13.40 -5.92
CA PRO B 52 -4.48 13.54 -5.42
C PRO B 52 -4.43 13.66 -3.91
N ARG B 53 -3.25 13.40 -3.38
CA ARG B 53 -2.98 13.47 -1.95
C ARG B 53 -2.55 14.87 -1.55
N GLY B 54 -2.75 15.18 -0.27
CA GLY B 54 -2.32 16.45 0.29
C GLY B 54 -1.12 16.31 1.20
N HIS B 55 -0.38 17.39 1.40
CA HIS B 55 0.79 17.41 2.25
C HIS B 55 0.79 18.67 3.10
N ILE B 56 1.16 18.52 4.39
CA ILE B 56 1.20 19.68 5.26
C ILE B 56 2.19 20.71 4.73
N ARG B 57 1.95 21.97 5.05
CA ARG B 57 2.88 23.03 4.66
C ARG B 57 4.13 22.95 5.51
N ARG B 58 5.29 23.08 4.86
CA ARG B 58 6.58 22.94 5.52
C ARG B 58 7.34 24.25 5.44
N GLY B 59 8.09 24.55 6.50
CA GLY B 59 8.91 25.74 6.51
C GLY B 59 10.06 25.65 5.53
N LEU B 60 10.54 26.83 5.12
CA LEU B 60 11.65 26.95 4.20
C LEU B 60 12.99 27.08 4.90
N LEU B 61 12.99 27.30 6.21
CA LEU B 61 14.19 27.42 7.04
C LEU B 61 13.77 27.17 8.49
N PRO B 62 14.72 26.92 9.40
CA PRO B 62 14.34 26.64 10.79
C PRO B 62 13.59 27.81 11.42
N ASN B 63 12.65 27.47 12.29
CA ASN B 63 11.82 28.45 12.99
C ASN B 63 10.96 29.27 12.02
N HIS B 64 10.41 28.60 11.01
CA HIS B 64 9.47 29.21 10.08
C HIS B 64 8.03 28.79 10.34
N ILE B 65 7.77 27.49 10.39
CA ILE B 65 6.45 26.96 10.69
C ILE B 65 6.60 25.85 11.72
N TRP B 66 5.76 25.88 12.75
CA TRP B 66 5.75 24.88 13.81
C TRP B 66 4.37 24.22 13.87
N GLN B 67 4.35 22.98 14.35
CA GLN B 67 3.11 22.27 14.59
C GLN B 67 3.07 21.83 16.04
N GLY B 68 1.93 22.07 16.70
CA GLY B 68 1.80 21.76 18.11
C GLY B 68 0.55 20.95 18.39
N ASP B 69 0.64 20.11 19.42
CA ASP B 69 -0.46 19.23 19.78
C ASP B 69 -0.33 18.84 21.24
N ILE B 70 -1.42 18.30 21.79
CA ILE B 70 -1.46 17.84 23.17
C ILE B 70 -1.86 16.37 23.16
N THR B 71 -1.06 15.54 23.82
CA THR B 71 -1.33 14.12 23.94
C THR B 71 -1.41 13.73 25.41
N HIS B 72 -1.87 12.52 25.67
CA HIS B 72 -2.03 12.00 27.01
C HIS B 72 -1.05 10.86 27.25
N PHE B 73 -0.63 10.71 28.50
CA PHE B 73 0.26 9.61 28.90
C PHE B 73 -0.17 9.09 30.25
N LYS B 74 -0.27 7.77 30.39
CA LYS B 74 -0.66 7.14 31.64
C LYS B 74 0.58 6.60 32.32
N TYR B 75 0.79 6.99 33.58
CA TYR B 75 2.00 6.60 34.30
C TYR B 75 1.69 6.62 35.79
N LYS B 76 1.75 5.46 36.43
CA LYS B 76 1.59 5.33 37.88
C LYS B 76 0.29 5.97 38.35
N ASN B 77 -0.80 5.60 37.69
CA ASN B 77 -2.15 6.09 37.99
C ASN B 77 -2.25 7.61 37.82
N THR B 78 -1.38 8.21 37.01
CA THR B 78 -1.39 9.63 36.75
C THR B 78 -1.52 9.87 35.25
N LEU B 79 -2.42 10.78 34.88
CA LEU B 79 -2.66 11.14 33.48
C LEU B 79 -1.91 12.44 33.20
N TYR B 80 -0.71 12.33 32.67
CA TYR B 80 0.08 13.49 32.30
C TYR B 80 -0.34 13.99 30.92
N ARG B 81 -0.38 15.31 30.76
CA ARG B 81 -0.65 15.94 29.48
C ARG B 81 0.67 16.41 28.89
N LEU B 82 1.01 15.92 27.71
CA LEU B 82 2.25 16.29 27.03
C LEU B 82 1.93 17.30 25.95
N HIS B 83 2.46 18.51 26.10
CA HIS B 83 2.39 19.53 25.07
C HIS B 83 3.64 19.42 24.20
N VAL B 84 3.44 19.17 22.91
CA VAL B 84 4.52 18.87 21.98
C VAL B 84 4.50 19.91 20.87
N TRP B 85 5.66 20.49 20.59
CA TRP B 85 5.89 21.37 19.45
C TRP B 85 6.98 20.77 18.59
N VAL B 86 6.80 20.81 17.27
CA VAL B 86 7.76 20.25 16.34
C VAL B 86 7.98 21.25 15.21
N ASP B 87 9.23 21.39 14.79
CA ASP B 87 9.60 22.27 13.69
C ASP B 87 9.45 21.52 12.37
N THR B 88 8.71 22.12 11.44
CA THR B 88 8.38 21.44 10.19
C THR B 88 9.56 21.39 9.21
N PHE B 89 10.67 22.05 9.51
CA PHE B 89 11.85 22.00 8.65
C PHE B 89 12.90 21.05 9.18
N SER B 90 13.33 21.25 10.44
CA SER B 90 14.38 20.43 11.03
C SER B 90 13.85 19.20 11.74
N GLY B 91 12.58 19.19 12.14
CA GLY B 91 12.03 18.09 12.90
C GLY B 91 12.31 18.16 14.39
N SER B 92 12.92 19.24 14.86
CA SER B 92 13.24 19.37 16.28
C SER B 92 11.98 19.42 17.13
N VAL B 93 12.06 18.80 18.31
CA VAL B 93 10.91 18.57 19.15
C VAL B 93 11.16 19.19 20.52
N SER B 94 10.15 19.89 21.03
CA SER B 94 10.12 20.36 22.41
C SER B 94 8.85 19.83 23.05
N ALA B 95 8.97 19.27 24.25
CA ALA B 95 7.82 18.69 24.92
C ALA B 95 7.85 19.03 26.40
N THR B 96 6.68 19.36 26.94
CA THR B 96 6.54 19.64 28.36
C THR B 96 5.39 18.84 28.94
N HIS B 97 5.54 18.36 30.17
CA HIS B 97 4.52 17.58 30.84
C HIS B 97 3.80 18.43 31.89
N LYS B 98 2.48 18.31 31.92
CA LYS B 98 1.63 19.07 32.83
C LYS B 98 0.55 18.14 33.37
N LYS B 99 -0.29 18.67 34.27
CA LYS B 99 -1.35 17.89 34.89
C LYS B 99 -2.68 17.99 34.15
N ARG B 100 -2.99 19.14 33.56
CA ARG B 100 -4.20 19.26 32.76
C ARG B 100 -3.93 20.05 31.48
N GLU B 101 -4.98 20.41 30.75
CA GLU B 101 -4.86 21.19 29.53
C GLU B 101 -5.65 22.48 29.68
N THR B 102 -5.02 23.59 29.29
CA THR B 102 -5.58 24.92 29.48
C THR B 102 -4.84 25.87 28.57
N SER B 103 -5.48 27.00 28.23
CA SER B 103 -4.84 28.00 27.40
C SER B 103 -3.57 28.53 28.04
N SER B 104 -3.58 28.74 29.36
CA SER B 104 -2.39 29.23 30.05
C SER B 104 -1.24 28.23 29.95
N GLU B 105 -1.55 26.94 30.09
CA GLU B 105 -0.51 25.92 29.96
C GLU B 105 -0.01 25.81 28.52
N ALA B 106 -0.88 26.02 27.54
CA ALA B 106 -0.42 26.08 26.16
C ALA B 106 0.54 27.25 25.96
N ILE B 107 0.23 28.40 26.57
CA ILE B 107 1.12 29.55 26.48
C ILE B 107 2.46 29.25 27.13
N SER B 108 2.44 28.61 28.30
CA SER B 108 3.67 28.26 28.99
C SER B 108 4.51 27.30 28.18
N SER B 109 3.87 26.29 27.57
CA SER B 109 4.60 25.35 26.73
C SER B 109 5.17 26.04 25.49
N LEU B 110 4.42 26.98 24.91
CA LEU B 110 4.95 27.74 23.77
C LEU B 110 6.17 28.54 24.18
N LEU B 111 6.13 29.18 25.35
CA LEU B 111 7.27 29.96 25.81
C LEU B 111 8.48 29.07 26.08
N HIS B 112 8.26 27.91 26.68
CA HIS B 112 9.36 26.98 26.91
C HIS B 112 9.96 26.49 25.59
N ALA B 113 9.10 26.21 24.61
CA ALA B 113 9.58 25.78 23.30
C ALA B 113 10.37 26.89 22.63
N ILE B 114 9.93 28.15 22.78
CA ILE B 114 10.66 29.27 22.21
C ILE B 114 12.03 29.39 22.86
N ALA B 115 12.09 29.21 24.19
CA ALA B 115 13.38 29.26 24.88
C ALA B 115 14.29 28.13 24.42
N HIS B 116 13.72 26.95 24.17
CA HIS B 116 14.54 25.79 23.81
C HIS B 116 15.03 25.87 22.37
N LEU B 117 14.18 26.32 21.45
CA LEU B 117 14.46 26.29 20.02
C LEU B 117 14.62 27.65 19.38
N GLY B 118 13.77 28.61 19.72
CA GLY B 118 13.74 29.92 19.09
C GLY B 118 12.33 30.36 18.82
N ARG B 119 12.21 31.58 18.30
CA ARG B 119 10.90 32.16 18.03
C ARG B 119 10.46 31.82 16.61
N PRO B 120 9.31 31.17 16.44
CA PRO B 120 8.82 30.88 15.10
C PRO B 120 8.01 32.02 14.49
N SER B 121 7.80 31.92 13.19
CA SER B 121 7.00 32.92 12.48
C SER B 121 5.53 32.55 12.48
N HIS B 122 5.20 31.31 12.12
CA HIS B 122 3.83 30.83 12.11
C HIS B 122 3.74 29.52 12.87
N ILE B 123 2.57 29.27 13.47
CA ILE B 123 2.27 28.00 14.12
C ILE B 123 0.86 27.58 13.70
N ASN B 124 0.69 26.32 13.34
CA ASN B 124 -0.60 25.77 12.97
C ASN B 124 -0.93 24.58 13.86
N THR B 125 -2.09 24.63 14.49
CA THR B 125 -2.57 23.57 15.38
C THR B 125 -4.01 23.25 15.03
N ASP B 126 -4.49 22.13 15.54
CA ASP B 126 -5.88 21.75 15.34
C ASP B 126 -6.80 22.69 16.11
N ASN B 127 -8.10 22.44 16.02
CA ASN B 127 -9.10 23.28 16.69
C ASN B 127 -9.41 22.73 18.08
N GLY B 128 -8.36 22.63 18.89
CA GLY B 128 -8.50 22.23 20.27
C GLY B 128 -9.12 23.32 21.11
N PRO B 129 -9.70 22.95 22.25
CA PRO B 129 -10.32 23.96 23.11
C PRO B 129 -9.35 25.01 23.62
N ALA B 130 -8.09 24.66 23.83
CA ALA B 130 -7.10 25.58 24.39
C ALA B 130 -6.33 26.34 23.32
N TYR B 131 -6.62 26.13 22.04
CA TYR B 131 -5.90 26.79 20.96
C TYR B 131 -6.70 27.88 20.27
N ALA B 132 -8.02 27.79 20.25
CA ALA B 132 -8.87 28.82 19.70
C ALA B 132 -9.29 29.85 20.73
N SER B 133 -8.81 29.72 21.96
CA SER B 133 -9.16 30.65 23.02
C SER B 133 -8.58 32.04 22.75
N GLN B 134 -9.28 33.05 23.25
CA GLN B 134 -8.81 34.43 23.09
C GLN B 134 -7.46 34.64 23.74
N GLU B 135 -7.20 33.96 24.86
CA GLU B 135 -5.92 34.13 25.56
C GLU B 135 -4.75 33.69 24.68
N PHE B 136 -4.90 32.55 23.99
CA PHE B 136 -3.83 32.06 23.12
C PHE B 136 -3.59 33.01 21.95
N GLN B 137 -4.66 33.55 21.37
CA GLN B 137 -4.50 34.52 20.28
C GLN B 137 -3.78 35.77 20.77
N HIS B 138 -4.13 36.25 21.96
CA HIS B 138 -3.45 37.42 22.52
C HIS B 138 -1.97 37.13 22.74
N ALA B 139 -1.65 35.93 23.27
CA ALA B 139 -0.26 35.58 23.48
C ALA B 139 0.50 35.51 22.16
N CYS B 140 -0.11 34.92 21.12
CA CYS B 140 0.55 34.84 19.83
C CYS B 140 0.76 36.22 19.23
N THR B 141 -0.23 37.11 19.35
CA THR B 141 -0.09 38.46 18.82
C THR B 141 0.95 39.26 19.61
N SER B 142 1.14 38.94 20.89
CA SER B 142 2.12 39.64 21.71
C SER B 142 3.53 39.50 21.15
N LEU B 143 3.88 38.29 20.71
CA LEU B 143 5.19 38.03 20.13
C LEU B 143 5.17 38.08 18.61
N ALA B 144 4.07 38.53 18.02
CA ALA B 144 3.91 38.60 16.57
C ALA B 144 4.11 37.23 15.92
N ILE B 145 3.28 36.28 16.34
CA ILE B 145 3.27 34.93 15.80
C ILE B 145 1.91 34.70 15.17
N ARG B 146 1.89 34.40 13.87
CA ARG B 146 0.65 34.16 13.16
C ARG B 146 0.20 32.72 13.42
N HIS B 147 -1.00 32.56 13.99
CA HIS B 147 -1.54 31.26 14.33
C HIS B 147 -2.75 30.98 13.44
N THR B 148 -2.72 29.86 12.73
CA THR B 148 -3.84 29.38 11.93
C THR B 148 -4.33 28.06 12.51
N THR B 149 -5.50 27.63 12.02
CA THR B 149 -6.11 26.39 12.47
C THR B 149 -6.43 25.51 11.27
N HIS B 150 -6.47 24.21 11.52
CA HIS B 150 -6.73 23.22 10.49
C HIS B 150 -8.23 23.08 10.25
N ILE B 151 -8.57 22.24 9.27
CA ILE B 151 -9.97 21.85 9.11
C ILE B 151 -10.40 21.03 10.32
N PRO B 152 -11.52 21.35 10.97
CA PRO B 152 -11.93 20.59 12.15
C PRO B 152 -12.20 19.13 11.83
N TYR B 153 -11.91 18.28 12.81
CA TYR B 153 -12.12 16.83 12.71
C TYR B 153 -11.32 16.21 11.57
N ASN B 154 -10.12 16.72 11.32
CA ASN B 154 -9.22 16.19 10.29
C ASN B 154 -7.81 16.13 10.87
N PRO B 155 -7.52 15.14 11.72
CA PRO B 155 -6.19 15.08 12.35
C PRO B 155 -5.03 14.88 11.37
N THR B 156 -5.28 14.34 10.18
CA THR B 156 -4.21 14.14 9.21
C THR B 156 -3.50 15.44 8.85
N SER B 157 -4.21 16.57 8.92
CA SER B 157 -3.59 17.86 8.62
C SER B 157 -2.52 18.25 9.63
N SER B 158 -2.50 17.63 10.81
CA SER B 158 -1.46 17.85 11.80
C SER B 158 -0.54 16.63 11.88
N GLY B 159 -0.53 15.84 10.79
CA GLY B 159 0.03 14.50 10.85
C GLY B 159 1.42 14.45 11.44
N LEU B 160 2.29 15.35 11.02
CA LEU B 160 3.67 15.35 11.51
C LEU B 160 3.72 15.36 13.03
N VAL B 161 3.05 16.32 13.65
CA VAL B 161 3.13 16.38 15.11
C VAL B 161 2.51 15.12 15.70
N GLU B 162 1.42 14.63 15.11
CA GLU B 162 0.82 13.39 15.60
C GLU B 162 1.85 12.27 15.57
N ARG B 163 2.55 12.13 14.44
CA ARG B 163 3.59 11.10 14.37
C ARG B 163 4.58 11.27 15.50
N THR B 164 5.04 12.51 15.71
CA THR B 164 6.02 12.76 16.76
C THR B 164 5.51 12.29 18.11
N ASN B 165 4.23 12.54 18.39
CA ASN B 165 3.65 12.10 19.65
C ASN B 165 3.92 10.61 19.84
N GLY B 166 3.56 9.80 18.85
CA GLY B 166 3.77 8.37 18.97
C GLY B 166 5.23 8.05 19.24
N ILE B 167 6.13 8.66 18.46
CA ILE B 167 7.55 8.39 18.65
C ILE B 167 7.94 8.66 20.10
N LEU B 168 7.56 9.83 20.60
CA LEU B 168 7.92 10.18 21.97
C LEU B 168 7.41 9.11 22.93
N LYS B 169 6.13 8.77 22.82
CA LYS B 169 5.55 7.85 23.78
C LYS B 169 6.27 6.52 23.75
N THR B 170 6.66 6.07 22.56
CA THR B 170 7.34 4.78 22.46
C THR B 170 8.58 4.76 23.34
N LEU B 171 9.43 5.80 23.23
CA LEU B 171 10.64 5.82 24.06
C LEU B 171 10.27 5.77 25.53
N LEU B 172 9.25 6.54 25.92
CA LEU B 172 8.87 6.55 27.33
C LEU B 172 8.54 5.14 27.80
N TYR B 173 7.82 4.38 26.98
CA TYR B 173 7.47 3.02 27.35
C TYR B 173 8.72 2.20 27.57
N LYS B 174 9.69 2.31 26.66
CA LYS B 174 10.96 1.62 26.85
C LYS B 174 11.61 2.04 28.16
N TYR B 175 11.63 3.35 28.44
CA TYR B 175 12.26 3.82 29.65
C TYR B 175 11.54 3.30 30.88
N PHE B 176 10.24 3.01 30.75
CA PHE B 176 9.51 2.47 31.89
C PHE B 176 9.50 0.97 31.91
N SER B 177 9.97 0.31 30.84
CA SER B 177 10.07 -1.14 30.86
C SER B 177 11.25 -1.61 31.70
N ASP B 178 12.38 -0.91 31.59
CA ASP B 178 13.56 -1.29 32.35
C ASP B 178 13.40 -0.95 33.83
N ASN B 179 12.90 0.24 34.13
CA ASN B 179 12.77 0.72 35.51
C ASN B 179 11.44 1.45 35.67
N PRO B 180 10.44 0.80 36.28
CA PRO B 180 9.15 1.47 36.47
C PRO B 180 9.18 2.59 37.51
N ASN B 181 10.27 2.75 38.25
CA ASN B 181 10.38 3.76 39.30
C ASN B 181 11.05 5.03 38.82
N LEU B 182 11.34 5.14 37.53
CA LEU B 182 12.00 6.33 37.01
C LEU B 182 11.04 7.52 37.01
N PRO B 183 11.46 8.69 37.48
CA PRO B 183 10.56 9.85 37.50
C PRO B 183 10.21 10.32 36.11
N MET B 184 9.04 10.96 36.00
CA MET B 184 8.54 11.39 34.70
C MET B 184 9.44 12.46 34.07
N ASP B 185 9.89 13.43 34.86
CA ASP B 185 10.73 14.49 34.31
C ASP B 185 12.04 13.94 33.78
N ASN B 186 12.66 13.02 34.51
CA ASN B 186 13.89 12.40 34.04
C ASN B 186 13.67 11.68 32.73
N ALA B 187 12.58 10.90 32.63
CA ALA B 187 12.29 10.18 31.41
C ALA B 187 12.09 11.12 30.24
N LEU B 188 11.34 12.21 30.45
CA LEU B 188 11.08 13.15 29.37
C LEU B 188 12.36 13.83 28.92
N SER B 189 13.22 14.23 29.87
CA SER B 189 14.47 14.89 29.48
C SER B 189 15.38 13.94 28.71
N VAL B 190 15.49 12.69 29.17
CA VAL B 190 16.33 11.72 28.47
C VAL B 190 15.78 11.44 27.09
N ALA B 191 14.46 11.31 26.97
CA ALA B 191 13.84 11.05 25.67
C ALA B 191 14.06 12.21 24.71
N LEU B 192 13.93 13.44 25.20
CA LEU B 192 14.18 14.60 24.35
C LEU B 192 15.64 14.65 23.91
N TRP B 193 16.56 14.35 24.82
CA TRP B 193 17.98 14.30 24.44
C TRP B 193 18.22 13.25 23.37
N THR B 194 17.64 12.05 23.53
CA THR B 194 17.83 10.99 22.56
C THR B 194 17.24 11.37 21.20
N ILE B 195 16.03 11.94 21.20
CA ILE B 195 15.36 12.27 19.95
C ILE B 195 16.10 13.36 19.20
N ASN B 196 16.49 14.42 19.89
CA ASN B 196 17.04 15.58 19.22
C ASN B 196 18.54 15.49 18.97
N HIS B 197 19.28 14.72 19.76
CA HIS B 197 20.74 14.68 19.63
C HIS B 197 21.29 13.34 19.21
N LEU B 198 20.65 12.23 19.56
CA LEU B 198 21.22 10.91 19.31
C LEU B 198 20.61 10.20 18.12
N ASN B 199 19.29 10.20 17.98
CA ASN B 199 18.65 9.53 16.86
C ASN B 199 18.93 10.28 15.56
N VAL B 200 19.05 9.52 14.48
CA VAL B 200 19.36 10.06 13.16
C VAL B 200 18.13 9.90 12.28
N LEU B 201 17.77 10.98 11.57
CA LEU B 201 16.61 10.95 10.69
C LEU B 201 16.82 9.94 9.57
N THR B 202 15.73 9.30 9.17
CA THR B 202 15.81 8.13 8.28
C THR B 202 16.32 8.51 6.89
N HIS B 203 15.75 9.56 6.30
CA HIS B 203 15.99 9.83 4.89
C HIS B 203 17.14 10.79 4.63
N CYS B 204 17.25 11.88 5.40
CA CYS B 204 18.37 12.79 5.20
C CYS B 204 19.64 12.32 5.89
N GLN B 205 19.56 11.26 6.71
CA GLN B 205 20.73 10.68 7.37
C GLN B 205 21.47 11.71 8.22
N LYS B 206 20.71 12.57 8.89
CA LYS B 206 21.27 13.56 9.80
C LYS B 206 20.43 13.60 11.06
N THR B 207 20.88 14.42 12.01
CA THR B 207 20.18 14.59 13.28
C THR B 207 19.35 15.87 13.25
N ARG B 208 18.25 15.87 14.01
CA ARG B 208 17.38 17.03 14.06
C ARG B 208 18.13 18.26 14.55
N TRP B 209 18.98 18.10 15.56
CA TRP B 209 19.77 19.22 16.06
C TRP B 209 20.72 19.76 15.00
N GLN B 210 21.32 18.86 14.21
CA GLN B 210 22.23 19.31 13.16
C GLN B 210 21.51 20.14 12.11
N LEU B 211 20.29 19.73 11.73
CA LEU B 211 19.51 20.53 10.80
C LEU B 211 19.09 21.85 11.40
N HIS B 212 18.73 21.86 12.69
CA HIS B 212 18.23 23.08 13.31
C HIS B 212 19.30 24.17 13.33
N HIS B 213 20.55 23.80 13.61
CA HIS B 213 21.62 24.76 13.79
C HIS B 213 22.60 24.78 12.62
N SER B 214 22.26 24.13 11.51
CA SER B 214 23.12 24.21 10.34
C SER B 214 23.12 25.64 9.80
N PRO B 215 24.23 26.08 9.20
CA PRO B 215 24.31 27.45 8.69
C PRO B 215 23.14 27.79 7.77
N ARG B 216 22.56 28.95 8.00
CA ARG B 216 21.43 29.44 7.21
C ARG B 216 21.87 30.07 5.90
N LEU B 217 23.07 29.75 5.44
CA LEU B 217 23.60 30.33 4.21
C LEU B 217 22.66 30.20 3.01
N PRO B 218 22.00 29.06 2.77
CA PRO B 218 20.98 29.03 1.71
C PRO B 218 19.80 29.91 2.08
N PRO B 219 19.52 30.93 1.29
CA PRO B 219 18.35 31.78 1.53
C PRO B 219 17.07 31.09 1.07
N ILE B 220 15.97 31.85 1.13
CA ILE B 220 14.64 31.33 0.84
C ILE B 220 14.42 31.41 -0.66
N PRO B 221 14.08 30.31 -1.33
CA PRO B 221 13.57 30.43 -2.71
C PRO B 221 12.26 31.21 -2.72
N GLU B 222 12.05 31.99 -3.77
CA GLU B 222 10.82 32.74 -3.89
C GLU B 222 9.65 31.81 -4.21
N GLU B 223 8.48 32.15 -3.71
CA GLU B 223 7.27 31.37 -3.93
C GLU B 223 6.27 32.14 -4.78
N LYS B 224 5.27 31.42 -5.28
CA LYS B 224 4.25 31.99 -6.16
C LYS B 224 2.88 31.65 -5.61
N PRO B 225 2.00 32.64 -5.38
CA PRO B 225 0.66 32.34 -4.85
C PRO B 225 -0.34 32.03 -5.96
N VAL B 226 0.16 31.77 -7.18
CA VAL B 226 -0.71 31.53 -8.32
C VAL B 226 -1.41 30.18 -8.14
N THR B 227 -2.73 30.19 -8.31
CA THR B 227 -3.54 28.98 -8.20
C THR B 227 -4.42 28.84 -9.45
N THR B 228 -4.99 27.65 -9.61
CA THR B 228 -5.84 27.38 -10.75
C THR B 228 -7.12 28.23 -10.66
N SER B 229 -7.51 28.79 -11.80
CA SER B 229 -8.66 29.69 -11.86
C SER B 229 -9.96 28.99 -12.23
N LYS B 230 -9.94 27.67 -12.38
CA LYS B 230 -11.12 26.91 -12.76
C LYS B 230 -11.63 26.09 -11.58
N THR B 231 -12.92 25.84 -11.57
CA THR B 231 -13.57 25.07 -10.52
C THR B 231 -14.35 23.92 -11.16
N HIS B 232 -14.61 22.90 -10.34
CA HIS B 232 -15.24 21.67 -10.80
C HIS B 232 -16.41 21.32 -9.91
N TRP B 233 -17.10 20.24 -10.26
CA TRP B 233 -18.18 19.68 -9.47
C TRP B 233 -17.65 18.50 -8.66
N TYR B 234 -18.22 18.32 -7.46
CA TYR B 234 -17.71 17.31 -6.54
C TYR B 234 -18.84 16.71 -5.72
N TYR B 235 -18.83 15.39 -5.60
CA TYR B 235 -19.50 14.73 -4.49
C TYR B 235 -18.61 14.85 -3.25
N PHE B 236 -19.23 14.97 -2.08
CA PHE B 236 -18.47 15.26 -0.88
C PHE B 236 -18.99 14.47 0.31
N LYS B 237 -18.12 14.37 1.32
CA LYS B 237 -18.44 13.79 2.62
C LYS B 237 -17.94 14.73 3.70
N ILE B 238 -18.77 14.98 4.70
CA ILE B 238 -18.42 15.92 5.77
C ILE B 238 -17.40 15.27 6.69
N PRO B 239 -16.28 15.94 6.99
CA PRO B 239 -15.25 15.31 7.84
C PRO B 239 -15.72 14.99 9.24
N GLY B 240 -16.62 15.79 9.81
CA GLY B 240 -17.00 15.60 11.20
C GLY B 240 -17.69 14.27 11.44
N LEU B 241 -18.63 13.91 10.56
CA LEU B 241 -19.42 12.70 10.71
C LEU B 241 -19.22 11.82 9.48
N ASN B 242 -18.93 10.55 9.71
CA ASN B 242 -18.74 9.61 8.62
C ASN B 242 -20.07 9.25 7.98
N SER B 243 -20.11 9.28 6.66
CA SER B 243 -21.31 8.95 5.90
C SER B 243 -21.01 7.80 4.96
N ARG B 244 -22.00 6.91 4.81
CA ARG B 244 -21.81 5.75 3.96
C ARG B 244 -21.78 6.14 2.48
N GLN B 245 -22.63 7.07 2.08
CA GLN B 245 -22.73 7.47 0.68
C GLN B 245 -22.35 8.92 0.51
N TRP B 246 -21.93 9.26 -0.71
CA TRP B 246 -21.54 10.62 -1.04
C TRP B 246 -22.76 11.54 -1.07
N LYS B 247 -22.49 12.84 -1.11
CA LYS B 247 -23.52 13.86 -1.15
C LYS B 247 -23.23 14.81 -2.30
N GLY B 248 -24.28 15.49 -2.76
CA GLY B 248 -24.14 16.43 -3.85
C GLY B 248 -24.64 15.86 -5.16
N PRO B 249 -23.95 16.18 -6.26
CA PRO B 249 -22.76 17.03 -6.31
C PRO B 249 -23.04 18.54 -6.28
N GLN B 250 -22.07 19.29 -5.79
CA GLN B 250 -22.09 20.75 -5.79
C GLN B 250 -20.89 21.26 -6.57
N ARG B 251 -20.79 22.57 -6.71
CA ARG B 251 -19.69 23.20 -7.43
C ARG B 251 -18.82 24.00 -6.46
N ALA B 252 -17.51 23.87 -6.62
CA ALA B 252 -16.58 24.51 -5.70
C ALA B 252 -16.55 26.02 -5.93
N LEU B 253 -16.69 26.79 -4.86
CA LEU B 253 -16.55 28.24 -4.96
C LEU B 253 -15.12 28.64 -5.28
N GLN B 254 -14.16 27.99 -4.65
CA GLN B 254 -12.74 28.24 -4.92
C GLN B 254 -11.94 27.01 -4.49
N GLU B 255 -10.92 26.70 -5.28
CA GLU B 255 -10.12 25.49 -5.08
C GLU B 255 -8.73 25.88 -4.60
N ALA B 256 -8.30 25.30 -3.50
CA ALA B 256 -6.97 25.51 -2.95
C ALA B 256 -6.11 24.27 -3.18
N ALA B 257 -4.88 24.34 -2.72
CA ALA B 257 -3.98 23.19 -2.80
C ALA B 257 -4.26 22.25 -1.63
N GLY B 258 -4.95 21.14 -1.91
CA GLY B 258 -5.23 20.15 -0.90
C GLY B 258 -6.65 20.16 -0.37
N ALA B 259 -7.45 21.17 -0.72
CA ALA B 259 -8.82 21.25 -0.23
C ALA B 259 -9.62 22.08 -1.21
N ALA B 260 -10.92 22.20 -0.93
CA ALA B 260 -11.81 22.99 -1.77
C ALA B 260 -12.95 23.55 -0.92
N LEU B 261 -13.51 24.67 -1.38
CA LEU B 261 -14.65 25.28 -0.72
C LEU B 261 -15.94 24.79 -1.36
N ILE B 262 -16.77 24.11 -0.58
CA ILE B 262 -17.95 23.42 -1.08
C ILE B 262 -19.15 23.93 -0.29
N PRO B 263 -20.24 24.31 -0.94
CA PRO B 263 -21.45 24.70 -0.19
C PRO B 263 -22.21 23.49 0.33
N VAL B 264 -22.12 23.25 1.64
CA VAL B 264 -22.84 22.14 2.23
C VAL B 264 -24.34 22.42 2.22
N SER B 265 -24.73 23.64 2.58
CA SER B 265 -26.12 24.07 2.56
C SER B 265 -26.24 25.32 1.72
N ASP B 266 -27.47 25.79 1.55
CA ASP B 266 -27.73 27.00 0.77
C ASP B 266 -27.26 28.27 1.47
N THR B 267 -26.89 28.18 2.75
CA THR B 267 -26.50 29.35 3.53
C THR B 267 -24.99 29.59 3.53
N ALA B 268 -24.20 28.63 3.99
CA ALA B 268 -22.76 28.82 4.13
C ALA B 268 -22.02 27.63 3.57
N ALA B 269 -20.74 27.84 3.27
CA ALA B 269 -19.89 26.83 2.67
C ALA B 269 -18.99 26.21 3.73
N GLN B 270 -18.07 25.35 3.29
CA GLN B 270 -17.19 24.63 4.19
C GLN B 270 -15.94 24.22 3.41
N TRP B 271 -14.83 24.09 4.12
CA TRP B 271 -13.59 23.64 3.51
C TRP B 271 -13.49 22.13 3.67
N ILE B 272 -13.30 21.43 2.56
CA ILE B 272 -13.30 19.98 2.52
C ILE B 272 -11.96 19.53 1.97
N PRO B 273 -11.25 18.63 2.62
CA PRO B 273 -9.99 18.13 2.06
C PRO B 273 -10.23 17.27 0.84
N TRP B 274 -9.18 17.11 0.05
CA TRP B 274 -9.27 16.35 -1.19
C TRP B 274 -9.66 14.90 -0.96
N LYS B 275 -9.36 14.35 0.21
CA LYS B 275 -9.57 12.92 0.44
C LYS B 275 -11.00 12.58 0.82
N LEU B 276 -11.88 13.58 1.00
CA LEU B 276 -13.30 13.33 1.20
C LEU B 276 -14.11 13.96 0.06
N LEU B 277 -13.55 13.94 -1.14
CA LEU B 277 -14.18 14.45 -2.33
C LEU B 277 -14.11 13.42 -3.45
N LYS B 278 -15.06 13.49 -4.37
CA LYS B 278 -15.13 12.61 -5.52
C LYS B 278 -15.52 13.42 -6.75
N ARG B 279 -14.85 13.15 -7.87
CA ARG B 279 -15.10 13.89 -9.10
C ARG B 279 -16.51 13.66 -9.61
N ALA B 280 -17.10 14.70 -10.20
CA ALA B 280 -18.46 14.63 -10.73
C ALA B 280 -18.48 15.16 -12.16
N VAL B 281 -19.38 14.59 -12.96
CA VAL B 281 -19.55 15.02 -14.34
C VAL B 281 -20.33 16.33 -14.38
N CYS B 282 -19.98 17.20 -15.31
CA CYS B 282 -20.66 18.48 -15.42
C CYS B 282 -22.10 18.28 -15.84
N PRO B 283 -23.07 18.85 -15.11
CA PRO B 283 -24.48 18.69 -15.51
C PRO B 283 -24.80 19.23 -16.88
N ARG B 284 -24.12 20.29 -17.32
CA ARG B 284 -24.38 20.87 -18.63
C ARG B 284 -23.29 20.50 -19.63
N LEU C 344 18.52 47.84 -13.97
CA LEU C 344 18.77 46.91 -15.07
C LEU C 344 17.65 45.88 -15.17
N LEU C 345 18.02 44.64 -15.44
CA LEU C 345 17.07 43.54 -15.59
C LEU C 345 17.48 42.38 -14.70
N HIS C 346 16.50 41.76 -14.07
CA HIS C 346 16.77 40.64 -13.16
C HIS C 346 17.35 39.47 -13.94
N ILE C 347 18.27 38.75 -13.29
CA ILE C 347 18.98 37.66 -13.95
C ILE C 347 18.05 36.47 -14.21
N ARG C 348 17.07 36.26 -13.35
CA ARG C 348 16.21 35.08 -13.49
C ARG C 348 15.16 35.24 -14.57
N ASP C 349 14.94 36.45 -15.08
CA ASP C 349 13.91 36.72 -16.07
C ASP C 349 14.47 36.92 -17.47
N VAL C 350 15.50 36.16 -17.83
CA VAL C 350 16.11 36.27 -19.16
C VAL C 350 16.32 34.86 -19.70
N PRO C 351 16.26 34.70 -21.02
CA PRO C 351 16.62 33.41 -21.60
C PRO C 351 18.03 33.01 -21.22
N PRO C 352 18.29 31.71 -21.04
CA PRO C 352 19.63 31.27 -20.64
C PRO C 352 20.71 31.54 -21.67
N ALA C 353 20.34 31.83 -22.92
CA ALA C 353 21.35 32.07 -23.95
C ALA C 353 22.22 33.26 -23.60
N ASP C 354 21.62 34.36 -23.12
CA ASP C 354 22.35 35.55 -22.73
C ASP C 354 22.32 35.78 -21.22
N GLN C 355 21.96 34.76 -20.44
CA GLN C 355 21.91 34.91 -18.99
C GLN C 355 23.30 35.09 -18.40
N GLU C 356 24.30 34.39 -18.96
CA GLU C 356 25.66 34.52 -18.45
C GLU C 356 26.19 35.93 -18.67
N LYS C 357 25.87 36.54 -19.82
CA LYS C 357 26.31 37.91 -20.07
C LYS C 357 25.69 38.88 -19.06
N LEU C 358 24.40 38.70 -18.75
CA LEU C 358 23.78 39.54 -17.74
C LEU C 358 24.37 39.30 -16.35
N PHE C 359 24.75 38.05 -16.05
CA PHE C 359 25.42 37.77 -14.79
C PHE C 359 26.75 38.50 -14.71
N ILE C 360 27.52 38.49 -15.81
CA ILE C 360 28.79 39.22 -15.83
C ILE C 360 28.56 40.71 -15.67
N GLN C 361 27.54 41.26 -16.34
CA GLN C 361 27.25 42.69 -16.22
C GLN C 361 26.86 43.06 -14.79
N LYS C 362 26.06 42.20 -14.13
CA LYS C 362 25.65 42.48 -12.76
C LYS C 362 26.81 42.31 -11.79
N LEU C 363 27.74 41.42 -12.09
CA LEU C 363 29.00 41.36 -11.36
C LEU C 363 29.77 42.66 -11.50
N ARG C 364 29.88 43.17 -12.73
CA ARG C 364 30.70 44.35 -12.99
C ARG C 364 30.09 45.61 -12.39
N GLN C 365 28.76 45.70 -12.36
CA GLN C 365 28.13 46.92 -11.85
C GLN C 365 28.27 47.07 -10.34
N CYS C 366 28.65 46.02 -9.62
CA CYS C 366 28.91 46.11 -8.19
C CYS C 366 30.37 46.39 -7.88
N CYS C 367 31.21 46.52 -8.90
CA CYS C 367 32.63 46.83 -8.67
C CYS C 367 32.84 48.25 -8.20
N VAL C 368 31.87 49.13 -8.41
CA VAL C 368 32.00 50.52 -7.98
C VAL C 368 32.00 50.58 -6.45
N LEU C 369 32.89 51.40 -5.91
CA LEU C 369 33.05 51.49 -4.46
C LEU C 369 32.02 52.43 -3.85
N PHE C 370 31.83 52.29 -2.55
CA PHE C 370 30.96 53.18 -1.77
C PHE C 370 31.56 53.31 -0.38
N ASP C 371 31.92 54.53 0.01
CA ASP C 371 32.60 54.78 1.27
C ASP C 371 31.60 55.30 2.29
N PHE C 372 31.33 54.49 3.32
CA PHE C 372 30.49 54.93 4.42
C PHE C 372 31.27 55.79 5.41
N VAL C 373 32.59 55.58 5.51
CA VAL C 373 33.39 56.33 6.47
C VAL C 373 33.62 57.76 6.01
N SER C 374 33.55 58.00 4.69
CA SER C 374 33.75 59.35 4.18
C SER C 374 32.66 60.29 4.67
N ASP C 375 31.41 59.85 4.64
CA ASP C 375 30.28 60.65 5.10
C ASP C 375 29.10 59.72 5.31
N PRO C 376 28.25 59.98 6.31
CA PRO C 376 27.16 59.05 6.61
C PRO C 376 26.12 58.92 5.51
N LEU C 377 26.03 59.88 4.59
CA LEU C 377 25.01 59.86 3.54
C LEU C 377 25.66 60.24 2.22
N SER C 378 25.75 59.26 1.31
CA SER C 378 26.33 59.50 -0.02
C SER C 378 25.87 58.39 -0.94
N ASP C 379 25.21 58.77 -2.04
CA ASP C 379 24.73 57.81 -3.05
C ASP C 379 23.81 56.77 -2.42
N LEU C 380 22.70 57.25 -1.86
CA LEU C 380 21.77 56.37 -1.15
C LEU C 380 21.16 55.34 -2.09
N LYS C 381 20.66 55.78 -3.24
CA LYS C 381 20.00 54.83 -4.15
C LYS C 381 21.02 53.92 -4.82
N TRP C 382 22.23 54.42 -5.10
CA TRP C 382 23.29 53.54 -5.60
C TRP C 382 23.62 52.44 -4.60
N LYS C 383 23.74 52.81 -3.32
CA LYS C 383 24.02 51.82 -2.29
C LYS C 383 22.87 50.82 -2.16
N GLU C 384 21.64 51.31 -2.23
CA GLU C 384 20.49 50.42 -2.12
C GLU C 384 20.43 49.43 -3.28
N VAL C 385 20.67 49.90 -4.51
CA VAL C 385 20.63 48.99 -5.64
C VAL C 385 21.79 48.01 -5.59
N LYS C 386 22.96 48.44 -5.11
CA LYS C 386 24.07 47.51 -4.94
C LYS C 386 23.74 46.42 -3.93
N ARG C 387 23.14 46.82 -2.79
CA ARG C 387 22.73 45.83 -1.79
C ARG C 387 21.71 44.87 -2.37
N ALA C 388 20.70 45.40 -3.07
CA ALA C 388 19.71 44.55 -3.71
C ALA C 388 20.38 43.56 -4.65
N ALA C 389 21.24 44.04 -5.55
CA ALA C 389 21.88 43.19 -6.54
C ALA C 389 22.70 42.10 -5.87
N LEU C 390 23.43 42.45 -4.80
CA LEU C 390 24.13 41.42 -4.04
C LEU C 390 23.17 40.38 -3.50
N SER C 391 21.99 40.82 -3.04
CA SER C 391 21.00 39.87 -2.52
C SER C 391 20.52 38.91 -3.62
N GLU C 392 20.15 39.44 -4.79
CA GLU C 392 19.69 38.53 -5.83
C GLU C 392 20.81 37.64 -6.33
N MET C 393 22.06 38.14 -6.33
CA MET C 393 23.17 37.30 -6.75
C MET C 393 23.39 36.14 -5.79
N VAL C 394 23.36 36.41 -4.48
CA VAL C 394 23.58 35.32 -3.54
C VAL C 394 22.39 34.36 -3.56
N GLU C 395 21.18 34.86 -3.80
CA GLU C 395 20.03 33.98 -3.96
C GLU C 395 20.16 33.09 -5.19
N TYR C 396 20.62 33.66 -6.31
CA TYR C 396 20.63 32.95 -7.58
C TYR C 396 21.76 31.93 -7.64
N ILE C 397 22.91 32.26 -7.05
CA ILE C 397 24.07 31.37 -7.16
C ILE C 397 23.82 30.04 -6.46
N THR C 398 22.94 29.99 -5.46
CA THR C 398 22.74 28.80 -4.65
C THR C 398 21.45 28.06 -4.98
N HIS C 399 20.87 28.30 -6.15
CA HIS C 399 19.66 27.60 -6.55
C HIS C 399 19.70 27.07 -7.98
N ASN C 400 20.81 27.20 -8.69
CA ASN C 400 20.93 26.69 -10.05
C ASN C 400 22.29 26.02 -10.21
N ARG C 401 22.33 25.00 -11.05
CA ARG C 401 23.54 24.26 -11.33
C ARG C 401 24.01 24.52 -12.75
N ASN C 402 25.30 24.25 -12.99
CA ASN C 402 25.93 24.48 -14.29
C ASN C 402 25.76 25.94 -14.74
N VAL C 403 25.90 26.86 -13.79
CA VAL C 403 25.73 28.28 -14.07
C VAL C 403 27.09 28.96 -14.08
N ILE C 404 28.05 28.39 -13.36
CA ILE C 404 29.38 28.97 -13.25
C ILE C 404 30.30 28.28 -14.24
N THR C 405 30.87 29.07 -15.16
CA THR C 405 31.81 28.53 -16.14
C THR C 405 33.10 29.36 -16.15
N GLU C 406 33.96 29.09 -17.12
CA GLU C 406 35.27 29.73 -17.15
C GLU C 406 35.25 31.25 -17.13
N PRO C 407 34.39 31.96 -17.91
CA PRO C 407 34.49 33.42 -17.94
C PRO C 407 33.95 34.11 -16.69
N ILE C 408 33.67 33.35 -15.63
CA ILE C 408 33.15 33.90 -14.39
C ILE C 408 34.19 33.85 -13.27
N TYR C 409 35.03 32.82 -13.26
CA TYR C 409 35.96 32.61 -12.15
C TYR C 409 36.89 33.79 -11.88
N PRO C 410 37.61 34.37 -12.88
CA PRO C 410 38.54 35.46 -12.55
C PRO C 410 37.81 36.76 -12.23
N GLU C 411 36.64 36.95 -12.83
CA GLU C 411 35.91 38.20 -12.60
C GLU C 411 35.40 38.28 -11.17
N VAL C 412 34.94 37.15 -10.62
CA VAL C 412 34.49 37.14 -9.23
C VAL C 412 35.65 37.42 -8.29
N VAL C 413 36.82 36.87 -8.59
CA VAL C 413 38.01 37.12 -7.79
C VAL C 413 38.37 38.60 -7.84
N HIS C 414 38.27 39.20 -9.03
CA HIS C 414 38.49 40.64 -9.16
C HIS C 414 37.49 41.44 -8.34
N MET C 415 36.23 41.03 -8.35
CA MET C 415 35.20 41.72 -7.58
C MET C 415 35.51 41.66 -6.09
N PHE C 416 35.90 40.48 -5.60
CA PHE C 416 36.26 40.34 -4.19
C PHE C 416 37.48 41.19 -3.84
N ALA C 417 38.48 41.19 -4.73
CA ALA C 417 39.68 42.00 -4.49
C ALA C 417 39.37 43.49 -4.46
N VAL C 418 38.49 43.96 -5.34
CA VAL C 418 38.08 45.36 -5.34
C VAL C 418 37.26 45.72 -4.11
N ASN C 419 36.38 44.83 -3.64
CA ASN C 419 35.51 45.13 -2.51
C ASN C 419 36.16 44.94 -1.15
N MET C 420 37.16 44.05 -1.04
CA MET C 420 37.79 43.76 0.24
C MET C 420 39.21 44.30 0.35
N PHE C 421 40.10 43.93 -0.56
CA PHE C 421 41.50 44.29 -0.44
C PHE C 421 41.68 45.81 -0.50
N ARG C 422 42.07 46.40 0.61
CA ARG C 422 42.24 47.84 0.71
C ARG C 422 43.14 48.12 1.91
N THR C 423 43.56 49.37 2.05
CA THR C 423 44.33 49.78 3.21
C THR C 423 43.50 49.61 4.48
N LEU C 424 44.13 49.10 5.52
CA LEU C 424 43.43 48.84 6.76
C LEU C 424 43.07 50.15 7.46
N PRO C 425 41.98 50.16 8.23
CA PRO C 425 41.66 51.34 9.02
C PRO C 425 42.75 51.62 10.02
N PRO C 426 42.98 52.90 10.37
CA PRO C 426 44.05 53.22 11.31
C PRO C 426 43.84 52.56 12.65
N SER C 427 44.95 52.14 13.27
CA SER C 427 44.88 51.45 14.55
C SER C 427 44.39 52.39 15.64
N SER C 428 43.48 51.88 16.48
CA SER C 428 42.93 52.65 17.58
C SER C 428 42.93 51.87 18.89
N ASN C 429 43.56 50.70 18.93
CA ASN C 429 43.62 49.85 20.12
C ASN C 429 42.23 49.52 20.65
N GLU C 441 34.34 47.85 24.15
CA GLU C 441 33.89 47.14 22.95
C GLU C 441 34.61 47.68 21.71
N PRO C 442 34.93 46.79 20.78
CA PRO C 442 35.57 47.21 19.54
C PRO C 442 34.62 47.99 18.65
N THR C 443 35.20 48.87 17.84
CA THR C 443 34.41 49.63 16.88
C THR C 443 33.97 48.74 15.73
N LEU C 444 32.86 49.13 15.11
CA LEU C 444 32.27 48.34 14.04
C LEU C 444 32.42 49.08 12.71
N GLU C 445 32.78 48.34 11.67
CA GLU C 445 32.95 48.93 10.35
C GLU C 445 31.60 49.42 9.83
N ALA C 446 31.57 50.67 9.37
CA ALA C 446 30.31 51.27 8.93
C ALA C 446 29.82 50.73 7.59
N ALA C 447 30.69 50.07 6.82
CA ALA C 447 30.31 49.48 5.55
C ALA C 447 29.85 48.03 5.68
N TRP C 448 29.35 47.65 6.85
CA TRP C 448 29.03 46.27 7.15
C TRP C 448 27.96 45.63 6.25
N PRO C 449 26.94 46.35 5.77
CA PRO C 449 25.97 45.71 4.87
C PRO C 449 26.59 45.08 3.63
N HIS C 450 27.29 45.90 2.84
CA HIS C 450 27.92 45.39 1.62
C HIS C 450 28.99 44.35 1.95
N LEU C 451 29.77 44.60 3.00
CA LEU C 451 30.82 43.66 3.40
C LEU C 451 30.23 42.29 3.73
N GLN C 452 29.18 42.26 4.55
CA GLN C 452 28.55 41.00 4.93
C GLN C 452 27.92 40.31 3.75
N LEU C 453 27.23 41.05 2.88
CA LEU C 453 26.60 40.43 1.72
C LEU C 453 27.65 39.84 0.77
N VAL C 454 28.76 40.55 0.56
CA VAL C 454 29.77 40.02 -0.36
C VAL C 454 30.51 38.85 0.27
N TYR C 455 30.70 38.84 1.60
CA TYR C 455 31.24 37.65 2.26
C TYR C 455 30.30 36.46 2.11
N GLU C 456 29.00 36.68 2.26
CA GLU C 456 28.04 35.60 2.06
C GLU C 456 28.13 35.06 0.63
N PHE C 457 28.19 35.97 -0.35
CA PHE C 457 28.30 35.55 -1.75
C PHE C 457 29.57 34.76 -2.00
N PHE C 458 30.70 35.24 -1.48
CA PHE C 458 31.97 34.55 -1.72
C PHE C 458 31.98 33.18 -1.06
N LEU C 459 31.44 33.09 0.16
CA LEU C 459 31.37 31.78 0.83
C LEU C 459 30.50 30.81 0.06
N ARG C 460 29.35 31.27 -0.42
CA ARG C 460 28.49 30.38 -1.20
C ARG C 460 29.12 30.00 -2.53
N PHE C 461 29.93 30.90 -3.11
CA PHE C 461 30.56 30.60 -4.38
C PHE C 461 31.70 29.61 -4.23
N LEU C 462 32.46 29.70 -3.13
CA LEU C 462 33.63 28.86 -2.95
C LEU C 462 33.28 27.38 -2.74
N GLU C 463 32.09 27.08 -2.23
CA GLU C 463 31.72 25.71 -1.90
C GLU C 463 30.60 25.18 -2.80
N SER C 464 30.39 25.80 -3.96
CA SER C 464 29.41 25.28 -4.89
C SER C 464 29.90 23.93 -5.46
N PRO C 465 28.99 22.97 -5.68
CA PRO C 465 29.43 21.69 -6.25
C PRO C 465 30.01 21.80 -7.65
N ASP C 466 29.69 22.87 -8.37
CA ASP C 466 30.22 23.09 -9.71
C ASP C 466 31.60 23.73 -9.71
N PHE C 467 32.14 24.07 -8.54
CA PHE C 467 33.47 24.63 -8.45
C PHE C 467 34.50 23.60 -8.92
N GLN C 468 35.44 24.04 -9.75
CA GLN C 468 36.47 23.16 -10.27
C GLN C 468 37.84 23.61 -9.83
N PRO C 469 38.64 22.73 -9.22
CA PRO C 469 39.96 23.13 -8.71
C PRO C 469 41.01 23.30 -9.79
N ASN C 470 40.71 22.99 -11.04
CA ASN C 470 41.65 23.14 -12.14
C ASN C 470 41.52 24.49 -12.84
N ILE C 471 40.59 25.33 -12.40
CA ILE C 471 40.39 26.63 -13.03
C ILE C 471 40.91 27.78 -12.17
N ALA C 472 40.91 27.64 -10.85
CA ALA C 472 41.35 28.69 -9.95
C ALA C 472 42.85 28.68 -9.70
N LYS C 473 43.57 27.67 -10.20
CA LYS C 473 45.02 27.64 -10.04
C LYS C 473 45.73 28.69 -10.89
N LYS C 474 45.07 29.23 -11.93
CA LYS C 474 45.65 30.27 -12.76
C LYS C 474 45.02 31.64 -12.55
N TYR C 475 43.89 31.72 -11.84
CA TYR C 475 43.27 33.00 -11.53
C TYR C 475 43.45 33.42 -10.08
N ILE C 476 43.76 32.48 -9.18
CA ILE C 476 44.09 32.78 -7.80
C ILE C 476 45.50 32.27 -7.54
N ASP C 477 46.38 33.17 -7.10
CA ASP C 477 47.78 32.82 -6.86
C ASP C 477 48.19 33.21 -5.45
N GLN C 478 49.49 33.14 -5.17
CA GLN C 478 49.98 33.46 -3.83
C GLN C 478 49.69 34.90 -3.45
N LYS C 479 49.69 35.82 -4.42
CA LYS C 479 49.43 37.21 -4.11
C LYS C 479 48.05 37.41 -3.50
N PHE C 480 47.05 36.75 -4.08
CA PHE C 480 45.68 36.86 -3.55
C PHE C 480 45.61 36.35 -2.11
N VAL C 481 46.23 35.21 -1.84
CA VAL C 481 46.11 34.61 -0.51
C VAL C 481 46.90 35.42 0.52
N LEU C 482 48.04 35.98 0.11
CA LEU C 482 48.76 36.90 1.00
C LEU C 482 47.94 38.13 1.31
N GLN C 483 47.31 38.73 0.30
CA GLN C 483 46.48 39.90 0.54
C GLN C 483 45.28 39.57 1.41
N LEU C 484 44.78 38.33 1.31
CA LEU C 484 43.67 37.89 2.16
C LEU C 484 44.14 37.71 3.60
N LEU C 485 45.28 37.04 3.80
CA LEU C 485 45.80 36.80 5.13
C LEU C 485 46.19 38.10 5.82
N GLU C 486 46.62 39.10 5.06
CA GLU C 486 46.92 40.41 5.65
C GLU C 486 45.69 41.05 6.26
N LEU C 487 44.50 40.66 5.82
CA LEU C 487 43.25 41.28 6.26
C LEU C 487 42.78 40.78 7.62
N PHE C 488 43.40 39.75 8.17
CA PHE C 488 43.01 39.24 9.48
C PHE C 488 43.23 40.24 10.60
N ASP C 489 44.02 41.28 10.37
CA ASP C 489 44.27 42.28 11.41
C ASP C 489 43.10 43.21 11.64
N SER C 490 41.93 42.93 11.08
CA SER C 490 40.78 43.79 11.28
C SER C 490 40.30 43.73 12.73
N GLU C 491 39.54 44.73 13.14
CA GLU C 491 39.09 44.87 14.51
C GLU C 491 37.64 44.42 14.71
N ASP C 492 36.83 44.39 13.66
CA ASP C 492 35.47 43.90 13.77
C ASP C 492 35.47 42.38 13.93
N PRO C 493 34.91 41.84 15.01
CA PRO C 493 34.97 40.38 15.21
C PRO C 493 34.26 39.58 14.13
N ARG C 494 33.16 40.11 13.58
CA ARG C 494 32.47 39.40 12.50
C ARG C 494 33.35 39.29 11.27
N GLU C 495 34.07 40.37 10.96
CA GLU C 495 35.05 40.34 9.88
C GLU C 495 36.00 39.16 10.05
N ARG C 496 36.53 38.99 11.26
CA ARG C 496 37.48 37.92 11.51
C ARG C 496 36.82 36.55 11.44
N ASP C 497 35.54 36.46 11.84
CA ASP C 497 34.83 35.19 11.75
C ASP C 497 34.66 34.75 10.30
N PHE C 498 34.16 35.64 9.45
CA PHE C 498 34.05 35.33 8.03
C PHE C 498 35.42 35.05 7.42
N LEU C 499 36.45 35.79 7.84
CA LEU C 499 37.79 35.55 7.31
C LEU C 499 38.29 34.17 7.68
N LYS C 500 38.03 33.73 8.91
CA LYS C 500 38.45 32.40 9.35
C LYS C 500 37.72 31.32 8.55
N THR C 501 36.40 31.45 8.42
CA THR C 501 35.66 30.42 7.70
C THR C 501 35.91 30.46 6.20
N THR C 502 36.47 31.56 5.67
CA THR C 502 36.88 31.59 4.27
C THR C 502 38.27 30.97 4.09
N LEU C 503 39.20 31.29 4.99
CA LEU C 503 40.54 30.74 4.91
C LEU C 503 40.55 29.23 5.11
N HIS C 504 39.65 28.72 5.96
CA HIS C 504 39.56 27.27 6.11
C HIS C 504 39.22 26.60 4.79
N ARG C 505 38.22 27.10 4.07
CA ARG C 505 37.86 26.53 2.77
C ARG C 505 38.98 26.71 1.77
N ILE C 506 39.64 27.88 1.79
CA ILE C 506 40.73 28.12 0.83
C ILE C 506 41.84 27.10 1.03
N TYR C 507 42.23 26.87 2.30
CA TYR C 507 43.28 25.89 2.56
C TYR C 507 42.83 24.48 2.24
N GLY C 508 41.58 24.14 2.52
CA GLY C 508 41.11 22.79 2.26
C GLY C 508 41.01 22.46 0.79
N LYS C 509 40.57 23.42 -0.03
CA LYS C 509 40.30 23.12 -1.43
C LYS C 509 41.58 22.98 -2.24
N PHE C 510 42.56 23.85 -2.02
CA PHE C 510 43.75 23.88 -2.85
C PHE C 510 44.85 23.00 -2.28
N LEU C 511 45.65 22.42 -3.18
CA LEU C 511 46.73 21.53 -2.80
C LEU C 511 48.12 22.14 -2.94
N GLY C 512 48.36 22.94 -3.97
CA GLY C 512 49.65 23.55 -4.16
C GLY C 512 49.93 24.75 -3.29
N LEU C 513 48.95 25.14 -2.47
CA LEU C 513 49.08 26.29 -1.58
C LEU C 513 48.96 25.89 -0.12
N ARG C 514 49.62 24.81 0.28
CA ARG C 514 49.59 24.36 1.67
C ARG C 514 50.91 24.64 2.38
N ALA C 515 52.02 24.17 1.82
CA ALA C 515 53.32 24.44 2.42
C ALA C 515 53.64 25.93 2.39
N TYR C 516 53.22 26.63 1.33
CA TYR C 516 53.42 28.07 1.26
C TYR C 516 52.70 28.76 2.41
N ILE C 517 51.46 28.36 2.68
CA ILE C 517 50.70 28.99 3.76
C ILE C 517 51.27 28.61 5.12
N ARG C 518 51.79 27.38 5.27
CA ARG C 518 52.45 27.02 6.52
C ARG C 518 53.68 27.89 6.76
N LYS C 519 54.49 28.09 5.72
CA LYS C 519 55.66 28.96 5.86
C LYS C 519 55.25 30.39 6.17
N GLN C 520 54.19 30.88 5.53
CA GLN C 520 53.73 32.24 5.77
C GLN C 520 53.18 32.40 7.19
N ILE C 521 52.50 31.38 7.70
CA ILE C 521 51.99 31.49 9.07
C ILE C 521 53.14 31.43 10.06
N ASN C 522 54.19 30.65 9.77
CA ASN C 522 55.38 30.69 10.60
C ASN C 522 56.00 32.09 10.58
N ASN C 523 56.07 32.70 9.40
CA ASN C 523 56.65 34.04 9.29
C ASN C 523 55.84 35.06 10.07
N ILE C 524 54.50 35.00 9.97
CA ILE C 524 53.68 35.97 10.67
C ILE C 524 53.75 35.73 12.18
N PHE C 525 53.87 34.47 12.62
CA PHE C 525 54.06 34.21 14.04
C PHE C 525 55.38 34.79 14.53
N TYR C 526 56.45 34.62 13.74
CA TYR C 526 57.74 35.21 14.10
C TYR C 526 57.63 36.72 14.21
N ARG C 527 56.96 37.35 13.24
CA ARG C 527 56.82 38.81 13.25
C ARG C 527 56.01 39.27 14.45
N PHE C 528 54.94 38.55 14.79
CA PHE C 528 54.11 38.93 15.92
C PHE C 528 54.85 38.76 17.24
N ILE C 529 55.68 37.73 17.35
CA ILE C 529 56.34 37.47 18.63
C ILE C 529 57.63 38.25 18.79
N TYR C 530 58.25 38.71 17.70
CA TYR C 530 59.52 39.42 17.78
C TYR C 530 59.42 40.87 17.30
N GLU C 531 58.93 41.10 16.08
CA GLU C 531 59.02 42.43 15.49
C GLU C 531 57.85 43.33 15.94
N THR C 532 56.64 42.96 15.57
CA THR C 532 55.46 43.79 15.80
C THR C 532 54.56 43.15 16.84
N GLU C 533 54.11 43.94 17.82
CA GLU C 533 53.30 43.44 18.92
C GLU C 533 51.82 43.78 18.77
N HIS C 534 51.41 44.25 17.58
CA HIS C 534 50.03 44.66 17.34
C HIS C 534 49.36 43.62 16.47
N HIS C 535 48.44 42.85 17.06
CA HIS C 535 47.67 41.85 16.32
C HIS C 535 46.44 41.50 17.12
N ASN C 536 45.37 41.14 16.40
CA ASN C 536 44.13 40.74 17.05
C ASN C 536 43.42 39.56 16.38
N GLY C 537 44.02 38.96 15.35
CA GLY C 537 43.41 37.81 14.69
C GLY C 537 44.05 36.50 15.09
N ILE C 538 44.65 36.48 16.28
CA ILE C 538 45.42 35.32 16.73
C ILE C 538 44.51 34.12 17.02
N ALA C 539 43.32 34.35 17.58
CA ALA C 539 42.45 33.24 17.96
C ALA C 539 41.91 32.50 16.73
N GLU C 540 41.48 33.25 15.72
CA GLU C 540 41.00 32.63 14.50
C GLU C 540 42.11 31.83 13.82
N LEU C 541 43.32 32.39 13.80
CA LEU C 541 44.45 31.66 13.24
C LEU C 541 44.73 30.39 14.01
N LEU C 542 44.60 30.43 15.35
CA LEU C 542 44.81 29.22 16.14
C LEU C 542 43.74 28.17 15.84
N GLU C 543 42.50 28.60 15.60
CA GLU C 543 41.46 27.67 15.16
C GLU C 543 41.81 27.04 13.81
N ILE C 544 42.30 27.85 12.87
CA ILE C 544 42.72 27.29 11.58
C ILE C 544 43.83 26.27 11.77
N LEU C 545 44.80 26.60 12.63
CA LEU C 545 45.89 25.66 12.90
C LEU C 545 45.38 24.38 13.52
N GLY C 546 44.43 24.47 14.45
CA GLY C 546 43.87 23.27 15.06
C GLY C 546 43.17 22.40 14.04
N SER C 547 42.38 23.02 13.17
CA SER C 547 41.71 22.26 12.10
C SER C 547 42.73 21.60 11.19
N ILE C 548 43.81 22.29 10.85
CA ILE C 548 44.82 21.71 9.97
C ILE C 548 45.55 20.56 10.65
N ILE C 549 45.90 20.72 11.92
CA ILE C 549 46.72 19.73 12.61
C ILE C 549 45.92 18.52 13.07
N ASN C 550 44.58 18.63 13.14
CA ASN C 550 43.79 17.44 13.46
C ASN C 550 43.85 16.37 12.37
N GLY C 551 44.34 16.71 11.18
CA GLY C 551 44.36 15.76 10.09
C GLY C 551 45.74 15.27 9.69
N PHE C 552 46.70 15.34 10.61
CA PHE C 552 48.03 14.84 10.32
C PHE C 552 48.04 13.31 10.24
N ALA C 553 49.06 12.79 9.58
CA ALA C 553 49.28 11.35 9.44
C ALA C 553 50.62 10.99 10.06
N LEU C 554 50.82 9.69 10.26
CA LEU C 554 52.03 9.20 10.90
C LEU C 554 52.99 8.62 9.88
N PRO C 555 54.31 8.78 10.06
CA PRO C 555 54.93 9.56 11.15
C PRO C 555 54.95 11.06 10.86
N LEU C 556 55.08 11.85 11.92
CA LEU C 556 55.14 13.30 11.76
C LEU C 556 56.49 13.72 11.19
N LYS C 557 56.46 14.57 10.18
CA LYS C 557 57.71 15.05 9.59
C LYS C 557 58.37 16.08 10.51
N GLU C 558 59.68 16.24 10.34
CA GLU C 558 60.48 17.07 11.23
C GLU C 558 60.12 18.55 11.10
N GLU C 559 59.50 18.95 9.98
CA GLU C 559 59.06 20.33 9.83
C GLU C 559 58.00 20.69 10.86
N HIS C 560 57.06 19.78 11.13
CA HIS C 560 56.06 20.03 12.16
C HIS C 560 56.70 20.11 13.54
N LYS C 561 57.73 19.30 13.78
CA LYS C 561 58.46 19.39 15.03
C LYS C 561 59.12 20.75 15.19
N ILE C 562 59.71 21.28 14.11
CA ILE C 562 60.28 22.62 14.16
C ILE C 562 59.18 23.65 14.44
N PHE C 563 58.02 23.49 13.79
CA PHE C 563 56.93 24.43 13.99
C PHE C 563 56.47 24.44 15.45
N LEU C 564 56.42 23.27 16.06
CA LEU C 564 56.13 23.21 17.50
C LEU C 564 57.22 23.87 18.33
N LEU C 565 58.48 23.56 18.04
CA LEU C 565 59.57 23.97 18.92
C LEU C 565 59.95 25.44 18.74
N LYS C 566 59.45 26.09 17.70
CA LYS C 566 59.88 27.45 17.40
C LYS C 566 58.86 28.52 17.75
N VAL C 567 57.60 28.37 17.34
CA VAL C 567 56.64 29.46 17.40
C VAL C 567 55.49 29.21 18.37
N LEU C 568 55.18 27.96 18.70
CA LEU C 568 53.95 27.70 19.43
C LEU C 568 54.15 27.84 20.94
N LEU C 569 55.15 27.17 21.50
CA LEU C 569 55.43 27.32 22.93
C LEU C 569 55.82 28.74 23.32
N PRO C 570 56.74 29.42 22.62
CA PRO C 570 57.07 30.80 23.03
C PRO C 570 55.90 31.76 22.91
N LEU C 571 54.84 31.39 22.19
CA LEU C 571 53.64 32.21 22.16
C LEU C 571 53.03 32.38 23.55
N HIS C 572 53.38 31.50 24.49
CA HIS C 572 52.93 31.64 25.86
C HIS C 572 53.48 32.89 26.55
N LYS C 573 54.51 33.52 25.98
CA LYS C 573 55.16 34.67 26.61
C LYS C 573 54.44 35.99 26.36
N VAL C 574 53.41 35.99 25.52
CA VAL C 574 52.74 37.23 25.15
C VAL C 574 51.93 37.75 26.33
N LYS C 575 52.05 39.05 26.60
CA LYS C 575 51.31 39.67 27.69
C LYS C 575 49.80 39.60 27.46
N SER C 576 49.37 39.53 26.21
CA SER C 576 47.96 39.44 25.85
C SER C 576 47.51 38.00 25.65
N LEU C 577 48.10 37.05 26.37
CA LEU C 577 47.78 35.64 26.16
C LEU C 577 46.32 35.33 26.46
N SER C 578 45.78 35.92 27.52
CA SER C 578 44.46 35.55 28.01
C SER C 578 43.38 35.64 26.94
N VAL C 579 43.40 36.69 26.10
CA VAL C 579 42.34 36.89 25.13
C VAL C 579 42.26 35.72 24.15
N TYR C 580 43.34 34.96 24.00
CA TYR C 580 43.32 33.76 23.15
C TYR C 580 43.80 32.54 23.92
N HIS C 581 43.59 32.51 25.23
CA HIS C 581 44.13 31.41 26.03
C HIS C 581 43.56 30.04 25.67
N PRO C 582 42.23 29.83 25.53
CA PRO C 582 41.74 28.45 25.39
C PRO C 582 42.19 27.79 24.10
N GLN C 583 41.96 28.49 22.99
CA GLN C 583 42.26 27.95 21.66
C GLN C 583 43.69 27.46 21.58
N LEU C 584 44.64 28.27 22.06
CA LEU C 584 46.04 27.87 22.07
C LEU C 584 46.21 26.51 22.71
N ALA C 585 45.67 26.34 23.92
CA ALA C 585 45.79 25.07 24.62
C ALA C 585 45.29 23.93 23.75
N TYR C 586 44.14 24.14 23.09
CA TYR C 586 43.57 23.12 22.22
C TYR C 586 44.60 22.62 21.22
N CYS C 587 45.29 23.56 20.56
CA CYS C 587 46.28 23.17 19.55
C CYS C 587 47.34 22.28 20.16
N VAL C 588 47.84 22.63 21.34
CA VAL C 588 48.86 21.81 21.99
C VAL C 588 48.33 20.40 22.21
N VAL C 589 47.09 20.30 22.68
CA VAL C 589 46.52 18.99 22.96
C VAL C 589 46.48 18.14 21.70
N GLN C 590 46.38 18.77 20.53
CA GLN C 590 46.27 18.01 19.30
C GLN C 590 47.61 17.51 18.78
N PHE C 591 48.73 17.96 19.32
CA PHE C 591 50.02 17.39 18.94
C PHE C 591 50.40 16.17 19.78
N LEU C 592 50.37 16.31 21.11
CA LEU C 592 50.82 15.21 21.97
C LEU C 592 49.92 13.99 21.87
N GLU C 593 48.73 14.13 21.27
CA GLU C 593 47.90 12.96 20.99
C GLU C 593 48.44 12.14 19.83
N LYS C 594 48.94 12.80 18.78
CA LYS C 594 49.47 12.08 17.63
C LYS C 594 50.70 11.24 18.01
N ASP C 595 51.59 11.81 18.81
CA ASP C 595 52.80 11.11 19.24
C ASP C 595 53.09 11.46 20.69
N SER C 596 53.06 10.45 21.57
CA SER C 596 53.35 10.66 22.98
C SER C 596 54.84 10.66 23.27
N THR C 597 55.69 10.30 22.31
CA THR C 597 57.13 10.31 22.53
C THR C 597 57.70 11.72 22.47
N LEU C 598 57.16 12.57 21.59
CA LEU C 598 57.70 13.91 21.34
C LEU C 598 57.19 14.94 22.34
N THR C 599 56.63 14.51 23.46
CA THR C 599 56.10 15.43 24.46
C THR C 599 57.17 15.97 25.41
N GLU C 600 58.34 15.33 25.45
CA GLU C 600 59.39 15.78 26.36
C GLU C 600 59.85 17.21 26.09
N PRO C 601 60.15 17.62 24.86
CA PRO C 601 60.50 19.04 24.64
C PRO C 601 59.39 20.00 25.03
N VAL C 602 58.14 19.62 24.84
CA VAL C 602 57.03 20.52 25.17
C VAL C 602 56.98 20.78 26.67
N VAL C 603 57.01 19.72 27.47
CA VAL C 603 56.95 19.88 28.91
C VAL C 603 58.22 20.55 29.43
N MET C 604 59.37 20.25 28.81
CA MET C 604 60.61 20.91 29.21
C MET C 604 60.54 22.42 28.97
N ALA C 605 60.02 22.82 27.81
CA ALA C 605 59.88 24.25 27.53
C ALA C 605 58.85 24.90 28.44
N LEU C 606 57.75 24.21 28.72
CA LEU C 606 56.74 24.77 29.62
C LEU C 606 57.27 24.95 31.03
N LEU C 607 58.09 24.01 31.51
CA LEU C 607 58.63 24.09 32.86
C LEU C 607 59.78 25.08 32.97
N LYS C 608 60.70 25.10 32.00
CA LYS C 608 61.85 25.99 32.07
C LYS C 608 61.46 27.45 31.89
N TYR C 609 60.50 27.73 31.02
CA TYR C 609 60.06 29.08 30.74
C TYR C 609 58.84 29.48 31.57
N TRP C 610 58.46 28.66 32.54
CA TRP C 610 57.40 29.05 33.46
C TRP C 610 57.86 30.27 34.25
N PRO C 611 57.05 31.34 34.30
CA PRO C 611 57.46 32.54 35.04
C PRO C 611 57.62 32.28 36.53
N LYS C 612 58.79 32.60 37.08
CA LYS C 612 59.06 32.35 38.48
C LYS C 612 58.36 33.35 39.41
N THR C 613 57.78 34.40 38.86
CA THR C 613 57.11 35.43 39.66
C THR C 613 55.60 35.17 39.72
N HIS C 614 55.00 35.62 40.82
CA HIS C 614 53.56 35.46 41.00
C HIS C 614 52.79 36.40 40.07
N SER C 615 51.73 35.88 39.45
CA SER C 615 50.88 36.67 38.59
C SER C 615 49.51 35.99 38.51
N PRO C 616 48.43 36.75 38.34
CA PRO C 616 47.10 36.13 38.27
C PRO C 616 46.92 35.20 37.08
N LYS C 617 47.70 35.37 36.02
CA LYS C 617 47.55 34.54 34.83
C LYS C 617 48.23 33.18 34.97
N GLU C 618 48.99 32.95 36.04
CA GLU C 618 49.64 31.66 36.23
C GLU C 618 48.65 30.51 36.19
N VAL C 619 47.44 30.73 36.72
CA VAL C 619 46.43 29.67 36.74
C VAL C 619 46.19 29.13 35.33
N MET C 620 46.24 30.04 34.34
CA MET C 620 46.17 29.64 32.93
C MET C 620 47.06 28.43 32.67
N PHE C 621 48.36 28.59 32.92
CA PHE C 621 49.30 27.49 32.74
C PHE C 621 48.85 26.24 33.49
N LEU C 622 48.48 26.41 34.77
CA LEU C 622 48.00 25.27 35.55
C LEU C 622 46.89 24.55 34.81
N ASN C 623 45.91 25.30 34.32
CA ASN C 623 44.81 24.69 33.58
C ASN C 623 45.35 23.83 32.46
N GLU C 624 46.21 24.41 31.61
CA GLU C 624 46.80 23.66 30.51
C GLU C 624 47.47 22.40 31.02
N LEU C 625 48.28 22.55 32.07
CA LEU C 625 49.02 21.41 32.61
C LEU C 625 48.08 20.26 32.90
N GLU C 626 46.90 20.57 33.47
CA GLU C 626 45.96 19.53 33.83
C GLU C 626 45.64 18.64 32.63
N GLU C 627 45.26 19.26 31.50
CA GLU C 627 44.94 18.46 30.33
C GLU C 627 46.15 17.66 29.88
N ILE C 628 47.34 18.27 29.89
CA ILE C 628 48.55 17.55 29.55
C ILE C 628 48.69 16.33 30.46
N LEU C 629 48.52 16.54 31.77
CA LEU C 629 48.61 15.43 32.70
C LEU C 629 47.58 14.37 32.37
N ASP C 630 46.36 14.80 32.01
CA ASP C 630 45.29 13.86 31.74
C ASP C 630 45.61 12.96 30.56
N VAL C 631 46.59 13.32 29.74
CA VAL C 631 47.01 12.46 28.63
C VAL C 631 48.39 11.85 28.85
N ILE C 632 49.17 12.36 29.82
CA ILE C 632 50.56 11.93 29.94
C ILE C 632 50.75 10.76 30.90
N GLU C 633 49.76 10.44 31.73
CA GLU C 633 49.90 9.34 32.67
C GLU C 633 50.21 8.00 32.00
N PRO C 634 49.54 7.59 30.90
CA PRO C 634 49.91 6.31 30.29
C PRO C 634 51.29 6.33 29.64
N SER C 635 51.69 5.20 29.06
CA SER C 635 52.97 5.03 28.38
C SER C 635 54.16 5.21 29.31
N GLU C 636 53.92 5.15 30.62
CA GLU C 636 54.97 5.24 31.63
C GLU C 636 55.84 6.48 31.44
N PHE C 637 55.19 7.64 31.53
CA PHE C 637 55.85 8.93 31.36
C PHE C 637 56.17 9.49 32.75
N VAL C 638 57.32 9.10 33.29
CA VAL C 638 57.78 9.57 34.58
C VAL C 638 59.20 10.10 34.45
N LYS C 639 59.65 10.28 33.21
CA LYS C 639 61.00 10.77 32.97
C LYS C 639 61.18 12.19 33.51
N ILE C 640 60.18 13.04 33.32
CA ILE C 640 60.25 14.42 33.75
C ILE C 640 59.24 14.70 34.88
N MET C 641 58.76 13.64 35.55
CA MET C 641 57.82 13.83 36.65
C MET C 641 58.47 14.57 37.82
N GLU C 642 59.68 14.16 38.19
CA GLU C 642 60.37 14.82 39.30
C GLU C 642 60.69 16.29 39.01
N PRO C 643 61.28 16.66 37.86
CA PRO C 643 61.45 18.10 37.60
C PRO C 643 60.14 18.86 37.53
N LEU C 644 59.08 18.24 37.01
CA LEU C 644 57.78 18.90 36.99
C LEU C 644 57.27 19.19 38.40
N PHE C 645 57.39 18.20 39.29
CA PHE C 645 56.97 18.41 40.67
C PHE C 645 57.82 19.46 41.35
N ARG C 646 59.14 19.45 41.09
CA ARG C 646 60.02 20.43 41.69
C ARG C 646 59.66 21.85 41.23
N GLN C 647 59.37 22.01 39.94
CA GLN C 647 58.98 23.33 39.45
C GLN C 647 57.61 23.75 39.99
N LEU C 648 56.68 22.80 40.11
CA LEU C 648 55.34 23.13 40.61
C LEU C 648 55.37 23.48 42.09
N ALA C 649 56.31 22.91 42.85
CA ALA C 649 56.37 23.19 44.28
C ALA C 649 56.63 24.65 44.57
N LYS C 650 57.51 25.28 43.81
CA LYS C 650 57.82 26.69 43.99
C LYS C 650 56.64 27.58 43.58
N SER F 7 -23.34 -42.35 2.14
CA SER F 7 -23.78 -43.70 1.81
C SER F 7 -25.12 -43.68 1.09
N PRO F 8 -25.32 -44.61 0.14
CA PRO F 8 -26.56 -44.62 -0.63
C PRO F 8 -27.82 -44.76 0.21
N ALA F 9 -27.78 -45.55 1.28
CA ALA F 9 -28.95 -45.73 2.12
C ALA F 9 -29.38 -44.42 2.77
N LYS F 10 -28.43 -43.68 3.35
CA LYS F 10 -28.75 -42.39 3.95
C LYS F 10 -29.22 -41.39 2.90
N LEU F 11 -28.60 -41.40 1.73
CA LEU F 11 -28.99 -40.47 0.67
C LEU F 11 -30.43 -40.69 0.25
N HIS F 12 -30.84 -41.96 0.08
CA HIS F 12 -32.22 -42.21 -0.29
C HIS F 12 -33.17 -41.95 0.87
N SER F 13 -32.75 -42.26 2.09
CA SER F 13 -33.61 -42.00 3.25
C SER F 13 -33.84 -40.51 3.43
N PHE F 14 -32.92 -39.66 2.99
CA PHE F 14 -33.08 -38.23 3.14
C PHE F 14 -33.75 -37.58 1.93
N THR F 15 -33.47 -38.05 0.72
CA THR F 15 -33.96 -37.40 -0.49
C THR F 15 -35.00 -38.20 -1.25
N HIS F 16 -35.01 -39.52 -1.11
CA HIS F 16 -35.98 -40.39 -1.79
C HIS F 16 -35.93 -40.20 -3.30
N CYS F 17 -34.73 -40.24 -3.85
CA CYS F 17 -34.54 -40.15 -5.29
C CYS F 17 -34.55 -41.54 -5.91
N GLY F 18 -34.58 -41.57 -7.25
CA GLY F 18 -34.70 -42.82 -7.97
C GLY F 18 -33.44 -43.66 -7.92
N GLN F 19 -33.58 -44.91 -8.37
CA GLN F 19 -32.46 -45.84 -8.34
C GLN F 19 -31.35 -45.41 -9.32
N ALA F 20 -31.74 -44.86 -10.47
CA ALA F 20 -30.73 -44.38 -11.41
C ALA F 20 -29.95 -43.21 -10.84
N ALA F 21 -30.54 -42.47 -9.91
CA ALA F 21 -29.78 -41.45 -9.18
C ALA F 21 -28.76 -42.09 -8.25
N LEU F 22 -29.12 -43.19 -7.59
CA LEU F 22 -28.18 -43.88 -6.72
C LEU F 22 -27.05 -44.53 -7.51
N THR F 23 -27.33 -44.93 -8.75
CA THR F 23 -26.29 -45.58 -9.56
C THR F 23 -25.14 -44.63 -9.86
N LEU F 24 -25.43 -43.34 -10.02
CA LEU F 24 -24.36 -42.36 -10.22
C LEU F 24 -23.45 -42.25 -9.00
N HIS F 25 -23.93 -42.65 -7.83
CA HIS F 25 -23.11 -42.73 -6.63
C HIS F 25 -22.52 -44.14 -6.53
N GLY F 26 -21.99 -44.48 -5.36
CA GLY F 26 -21.27 -45.74 -5.19
C GLY F 26 -22.12 -46.98 -5.40
N ALA F 27 -23.44 -46.85 -5.34
CA ALA F 27 -24.31 -48.01 -5.47
C ALA F 27 -24.30 -48.55 -6.89
N THR F 28 -24.35 -49.87 -7.01
CA THR F 28 -24.47 -50.56 -8.29
C THR F 28 -25.94 -50.91 -8.51
N THR F 29 -26.28 -51.27 -9.75
CA THR F 29 -27.67 -51.38 -10.16
C THR F 29 -28.45 -52.36 -9.29
N THR F 30 -27.84 -53.49 -8.93
CA THR F 30 -28.58 -54.51 -8.18
C THR F 30 -28.93 -54.03 -6.77
N GLU F 31 -27.94 -53.49 -6.04
CA GLU F 31 -28.27 -52.97 -4.72
C GLU F 31 -29.05 -51.66 -4.81
N ALA F 32 -28.92 -50.93 -5.91
CA ALA F 32 -29.79 -49.78 -6.13
C ALA F 32 -31.24 -50.20 -6.19
N LEU F 33 -31.54 -51.26 -6.96
CA LEU F 33 -32.91 -51.78 -7.00
C LEU F 33 -33.33 -52.34 -5.66
N ASN F 34 -32.41 -52.99 -4.94
CA ASN F 34 -32.73 -53.51 -3.62
C ASN F 34 -33.15 -52.40 -2.67
N ILE F 35 -32.38 -51.30 -2.63
CA ILE F 35 -32.74 -50.17 -1.78
C ILE F 35 -34.02 -49.51 -2.27
N LEU F 36 -34.23 -49.47 -3.58
CA LEU F 36 -35.45 -48.86 -4.13
C LEU F 36 -36.69 -49.63 -3.67
N HIS F 37 -36.66 -50.95 -3.72
CA HIS F 37 -37.80 -51.75 -3.31
C HIS F 37 -37.80 -52.07 -1.82
N SER F 38 -36.79 -51.63 -1.09
CA SER F 38 -36.74 -51.80 0.36
C SER F 38 -37.35 -50.64 1.12
N CYS F 39 -37.89 -49.64 0.42
CA CYS F 39 -38.49 -48.47 1.06
C CYS F 39 -40.01 -48.59 1.00
N HIS F 40 -40.66 -48.40 2.15
CA HIS F 40 -42.12 -48.54 2.21
C HIS F 40 -42.81 -47.48 1.37
N ALA F 41 -42.31 -46.25 1.40
CA ALA F 41 -42.95 -45.16 0.67
C ALA F 41 -42.68 -45.21 -0.83
N CYS F 42 -41.64 -45.93 -1.26
CA CYS F 42 -41.26 -45.96 -2.67
C CYS F 42 -41.83 -47.14 -3.44
N ARG F 43 -42.13 -48.25 -2.76
CA ARG F 43 -42.69 -49.41 -3.44
C ARG F 43 -44.14 -49.18 -3.82
N ILE F 56 -43.88 -33.62 -25.57
CA ILE F 56 -42.82 -33.17 -26.46
C ILE F 56 -42.28 -31.81 -25.99
N ARG F 57 -41.05 -31.50 -26.38
CA ARG F 57 -40.40 -30.27 -25.97
C ARG F 57 -40.70 -29.18 -26.99
N ARG F 58 -41.32 -28.09 -26.53
CA ARG F 58 -41.68 -27.00 -27.44
C ARG F 58 -40.55 -25.99 -27.60
N GLY F 59 -39.79 -25.71 -26.54
CA GLY F 59 -38.65 -24.82 -26.67
C GLY F 59 -37.49 -25.48 -27.40
N LEU F 60 -36.67 -24.64 -28.01
CA LEU F 60 -35.54 -25.12 -28.81
C LEU F 60 -34.22 -25.07 -28.07
N LEU F 61 -34.06 -24.16 -27.13
CA LEU F 61 -32.86 -24.00 -26.33
C LEU F 61 -33.27 -23.73 -24.90
N PRO F 62 -32.37 -23.94 -23.93
CA PRO F 62 -32.67 -23.55 -22.55
C PRO F 62 -32.93 -22.05 -22.46
N ASN F 63 -33.86 -21.68 -21.59
CA ASN F 63 -34.26 -20.29 -21.40
C ASN F 63 -34.78 -19.68 -22.70
N HIS F 64 -35.65 -20.43 -23.38
CA HIS F 64 -36.32 -19.95 -24.58
C HIS F 64 -37.82 -19.77 -24.35
N ILE F 65 -38.51 -20.81 -23.90
CA ILE F 65 -39.91 -20.72 -23.52
C ILE F 65 -40.07 -21.34 -22.14
N TRP F 66 -40.73 -20.63 -21.24
CA TRP F 66 -41.05 -21.12 -19.91
C TRP F 66 -42.56 -21.35 -19.80
N GLN F 67 -42.94 -22.17 -18.82
CA GLN F 67 -44.33 -22.42 -18.51
C GLN F 67 -44.55 -22.08 -17.04
N GLY F 68 -45.53 -21.23 -16.76
CA GLY F 68 -45.79 -20.80 -15.40
C GLY F 68 -47.15 -21.23 -14.88
N ASP F 69 -47.16 -21.91 -13.74
CA ASP F 69 -48.39 -22.38 -13.12
C ASP F 69 -48.47 -21.93 -11.68
N ILE F 70 -49.69 -21.84 -11.16
CA ILE F 70 -49.95 -21.59 -9.75
C ILE F 70 -50.76 -22.76 -9.23
N THR F 71 -50.26 -23.42 -8.18
CA THR F 71 -50.80 -24.68 -7.72
C THR F 71 -51.13 -24.60 -6.23
N HIS F 72 -52.19 -25.29 -5.85
CA HIS F 72 -52.60 -25.36 -4.44
C HIS F 72 -52.01 -26.62 -3.82
N PHE F 73 -51.14 -26.43 -2.83
CA PHE F 73 -50.61 -27.53 -2.04
C PHE F 73 -51.47 -27.69 -0.79
N LYS F 74 -52.07 -28.86 -0.65
CA LYS F 74 -53.01 -29.15 0.44
C LYS F 74 -52.27 -29.66 1.66
N TYR F 75 -52.63 -29.14 2.82
CA TYR F 75 -52.14 -29.65 4.10
C TYR F 75 -53.34 -29.94 4.99
N LYS F 76 -53.06 -30.56 6.14
CA LYS F 76 -54.13 -30.96 7.04
C LYS F 76 -54.92 -29.77 7.57
N ASN F 77 -54.23 -28.69 7.93
CA ASN F 77 -54.92 -27.53 8.49
C ASN F 77 -54.57 -26.22 7.79
N THR F 78 -53.91 -26.27 6.63
CA THR F 78 -53.55 -25.05 5.92
C THR F 78 -53.39 -25.34 4.44
N LEU F 79 -53.26 -24.28 3.67
CA LEU F 79 -53.02 -24.36 2.23
C LEU F 79 -51.80 -23.52 1.88
N TYR F 80 -51.10 -23.93 0.83
CA TYR F 80 -50.00 -23.15 0.28
C TYR F 80 -50.22 -22.93 -1.20
N ARG F 81 -49.69 -21.83 -1.73
CA ARG F 81 -49.79 -21.54 -3.16
C ARG F 81 -48.39 -21.55 -3.74
N LEU F 82 -48.12 -22.53 -4.59
CA LEU F 82 -46.80 -22.72 -5.19
C LEU F 82 -46.81 -22.12 -6.59
N HIS F 83 -45.97 -21.11 -6.79
CA HIS F 83 -45.72 -20.57 -8.12
C HIS F 83 -44.56 -21.35 -8.73
N VAL F 84 -44.80 -22.00 -9.86
CA VAL F 84 -43.85 -22.92 -10.46
C VAL F 84 -43.55 -22.46 -11.88
N TRP F 85 -42.27 -22.35 -12.22
CA TRP F 85 -41.82 -22.08 -13.57
C TRP F 85 -40.99 -23.24 -14.06
N VAL F 86 -41.34 -23.77 -15.23
CA VAL F 86 -40.68 -24.95 -15.78
C VAL F 86 -40.16 -24.60 -17.17
N ASP F 87 -38.91 -24.95 -17.44
CA ASP F 87 -38.35 -24.77 -18.76
C ASP F 87 -38.84 -25.88 -19.69
N THR F 88 -39.27 -25.49 -20.89
CA THR F 88 -39.82 -26.45 -21.84
C THR F 88 -38.77 -27.29 -22.54
N PHE F 89 -37.49 -26.96 -22.39
CA PHE F 89 -36.41 -27.72 -23.02
C PHE F 89 -35.70 -28.67 -22.08
N SER F 90 -35.40 -28.25 -20.85
CA SER F 90 -34.67 -29.07 -19.91
C SER F 90 -35.52 -29.64 -18.80
N GLY F 91 -36.69 -29.07 -18.55
CA GLY F 91 -37.50 -29.50 -17.43
C GLY F 91 -37.09 -28.94 -16.10
N SER F 92 -36.13 -28.01 -16.07
CA SER F 92 -35.70 -27.41 -14.82
C SER F 92 -36.85 -26.64 -14.19
N VAL F 93 -36.96 -26.75 -12.87
CA VAL F 93 -38.11 -26.25 -12.13
C VAL F 93 -37.65 -25.23 -11.11
N SER F 94 -38.34 -24.10 -11.06
CA SER F 94 -38.17 -23.12 -10.00
C SER F 94 -39.51 -22.92 -9.31
N ALA F 95 -39.56 -23.22 -8.02
CA ALA F 95 -40.80 -23.17 -7.27
C ALA F 95 -40.65 -22.25 -6.07
N THR F 96 -41.68 -21.45 -5.81
CA THR F 96 -41.70 -20.56 -4.66
C THR F 96 -43.07 -20.64 -3.99
N HIS F 97 -43.08 -20.78 -2.67
CA HIS F 97 -44.33 -20.94 -1.93
C HIS F 97 -44.75 -19.62 -1.32
N LYS F 98 -46.03 -19.30 -1.42
CA LYS F 98 -46.63 -18.12 -0.81
C LYS F 98 -47.94 -18.51 -0.15
N LYS F 99 -48.55 -17.54 0.53
CA LYS F 99 -49.82 -17.73 1.20
C LYS F 99 -50.95 -16.94 0.57
N ARG F 100 -50.70 -16.22 -0.53
CA ARG F 100 -51.73 -15.48 -1.22
C ARG F 100 -51.47 -15.63 -2.72
N GLU F 101 -52.20 -14.87 -3.54
CA GLU F 101 -52.03 -14.93 -4.98
C GLU F 101 -52.35 -13.54 -5.54
N THR F 102 -51.36 -12.89 -6.11
CA THR F 102 -51.52 -11.55 -6.65
C THR F 102 -50.45 -11.31 -7.70
N SER F 103 -50.59 -10.19 -8.42
CA SER F 103 -49.61 -9.84 -9.44
C SER F 103 -48.23 -9.59 -8.83
N SER F 104 -48.18 -9.02 -7.63
CA SER F 104 -46.90 -8.77 -6.98
C SER F 104 -46.15 -10.07 -6.70
N GLU F 105 -46.86 -11.08 -6.22
CA GLU F 105 -46.19 -12.35 -5.94
C GLU F 105 -45.82 -13.07 -7.22
N ALA F 106 -46.60 -12.90 -8.29
CA ALA F 106 -46.18 -13.42 -9.59
C ALA F 106 -44.88 -12.76 -10.05
N ILE F 107 -44.78 -11.45 -9.87
CA ILE F 107 -43.54 -10.74 -10.22
C ILE F 107 -42.37 -11.27 -9.39
N SER F 108 -42.59 -11.44 -8.08
CA SER F 108 -41.52 -11.92 -7.22
C SER F 108 -41.08 -13.32 -7.61
N SER F 109 -42.03 -14.20 -7.90
CA SER F 109 -41.69 -15.56 -8.32
C SER F 109 -40.94 -15.57 -9.64
N LEU F 110 -41.36 -14.73 -10.59
CA LEU F 110 -40.64 -14.65 -11.85
C LEU F 110 -39.21 -14.17 -11.65
N LEU F 111 -39.02 -13.15 -10.81
CA LEU F 111 -37.67 -12.67 -10.54
C LEU F 111 -36.81 -13.73 -9.85
N HIS F 112 -37.40 -14.46 -8.91
CA HIS F 112 -36.66 -15.53 -8.24
C HIS F 112 -36.26 -16.62 -9.23
N ALA F 113 -37.17 -16.98 -10.13
CA ALA F 113 -36.86 -17.98 -11.14
C ALA F 113 -35.77 -17.48 -12.09
N ILE F 114 -35.79 -16.19 -12.43
CA ILE F 114 -34.75 -15.62 -13.27
C ILE F 114 -33.41 -15.69 -12.56
N ALA F 115 -33.39 -15.39 -11.25
CA ALA F 115 -32.16 -15.47 -10.49
C ALA F 115 -31.61 -16.89 -10.45
N HIS F 116 -32.48 -17.87 -10.27
CA HIS F 116 -32.02 -19.27 -10.16
C HIS F 116 -31.63 -19.86 -11.50
N LEU F 117 -32.38 -19.55 -12.56
CA LEU F 117 -32.21 -20.18 -13.86
C LEU F 117 -31.59 -19.27 -14.91
N GLY F 118 -32.02 -18.01 -14.97
CA GLY F 118 -31.62 -17.08 -16.01
C GLY F 118 -32.81 -16.40 -16.63
N ARG F 119 -32.52 -15.43 -17.48
CA ARG F 119 -33.57 -14.63 -18.10
C ARG F 119 -34.18 -15.39 -19.27
N PRO F 120 -35.50 -15.61 -19.27
CA PRO F 120 -36.13 -16.26 -20.42
C PRO F 120 -36.49 -15.25 -21.50
N SER F 121 -36.43 -15.72 -22.75
CA SER F 121 -36.78 -14.88 -23.88
C SER F 121 -38.29 -14.84 -24.13
N HIS F 122 -38.97 -15.97 -23.97
CA HIS F 122 -40.41 -16.06 -24.18
C HIS F 122 -41.05 -16.72 -22.96
N ILE F 123 -42.19 -16.18 -22.55
CA ILE F 123 -42.88 -16.61 -21.34
C ILE F 123 -44.32 -16.95 -21.71
N ASN F 124 -44.83 -18.04 -21.13
CA ASN F 124 -46.16 -18.53 -21.45
C ASN F 124 -46.87 -18.95 -20.16
N THR F 125 -48.15 -18.58 -20.04
CA THR F 125 -48.91 -18.92 -18.84
C THR F 125 -50.40 -18.82 -19.16
N ASP F 126 -51.20 -19.14 -18.15
CA ASP F 126 -52.65 -19.13 -18.26
C ASP F 126 -53.21 -17.79 -17.80
N ASN F 127 -54.44 -17.51 -18.23
CA ASN F 127 -55.17 -16.36 -17.72
C ASN F 127 -55.51 -16.53 -16.24
N GLY F 128 -55.66 -15.41 -15.56
CA GLY F 128 -56.04 -15.40 -14.16
C GLY F 128 -56.00 -13.99 -13.60
N PRO F 129 -56.28 -13.85 -12.30
CA PRO F 129 -56.12 -12.53 -11.68
C PRO F 129 -54.72 -11.98 -11.84
N ALA F 130 -53.71 -12.86 -11.74
CA ALA F 130 -52.34 -12.50 -12.05
C ALA F 130 -52.07 -12.76 -13.53
N TYR F 131 -50.89 -12.34 -13.99
CA TYR F 131 -50.43 -12.49 -15.37
C TYR F 131 -51.24 -11.66 -16.36
N ALA F 132 -52.28 -10.95 -15.92
CA ALA F 132 -53.13 -10.18 -16.80
C ALA F 132 -53.24 -8.72 -16.43
N SER F 133 -52.89 -8.33 -15.21
CA SER F 133 -52.95 -6.94 -14.81
C SER F 133 -51.79 -6.17 -15.44
N GLN F 134 -51.87 -4.84 -15.37
CA GLN F 134 -50.83 -4.00 -15.93
C GLN F 134 -49.50 -4.14 -15.20
N GLU F 135 -49.52 -4.59 -13.94
CA GLU F 135 -48.28 -4.78 -13.20
C GLU F 135 -47.40 -5.84 -13.84
N PHE F 136 -47.97 -7.01 -14.12
CA PHE F 136 -47.21 -8.09 -14.73
C PHE F 136 -46.76 -7.73 -16.14
N GLN F 137 -47.63 -7.04 -16.90
CA GLN F 137 -47.27 -6.62 -18.24
C GLN F 137 -46.09 -5.65 -18.22
N HIS F 138 -46.13 -4.68 -17.29
CA HIS F 138 -45.03 -3.73 -17.16
C HIS F 138 -43.75 -4.44 -16.72
N ALA F 139 -43.87 -5.40 -15.81
CA ALA F 139 -42.70 -6.15 -15.36
C ALA F 139 -42.08 -6.92 -16.50
N CYS F 140 -42.89 -7.54 -17.36
CA CYS F 140 -42.37 -8.24 -18.51
C CYS F 140 -41.70 -7.29 -19.49
N THR F 141 -42.30 -6.12 -19.73
CA THR F 141 -41.70 -5.17 -20.65
C THR F 141 -40.41 -4.56 -20.11
N SER F 142 -40.27 -4.46 -18.78
CA SER F 142 -39.02 -3.97 -18.22
C SER F 142 -37.85 -4.92 -18.51
N LEU F 143 -38.10 -6.22 -18.47
CA LEU F 143 -37.10 -7.22 -18.81
C LEU F 143 -37.08 -7.55 -20.29
N ALA F 144 -37.98 -6.97 -21.09
CA ALA F 144 -38.09 -7.26 -22.51
C ALA F 144 -38.37 -8.75 -22.76
N ILE F 145 -39.42 -9.26 -22.12
CA ILE F 145 -39.83 -10.64 -22.26
C ILE F 145 -41.18 -10.66 -22.97
N ARG F 146 -41.25 -11.40 -24.09
CA ARG F 146 -42.49 -11.52 -24.83
C ARG F 146 -43.43 -12.48 -24.11
N HIS F 147 -44.66 -12.05 -23.90
CA HIS F 147 -45.62 -12.77 -23.07
C HIS F 147 -46.85 -13.16 -23.89
N THR F 148 -47.16 -14.46 -23.91
CA THR F 148 -48.36 -14.97 -24.55
C THR F 148 -49.15 -15.82 -23.56
N THR F 149 -50.46 -15.70 -23.59
CA THR F 149 -51.34 -16.36 -22.63
C THR F 149 -52.42 -17.13 -23.38
N HIS F 150 -52.74 -18.32 -22.88
CA HIS F 150 -53.65 -19.22 -23.59
C HIS F 150 -54.52 -19.96 -22.59
N ILE F 151 -55.63 -20.51 -23.08
CA ILE F 151 -56.57 -21.27 -22.26
C ILE F 151 -56.55 -22.71 -22.74
N PRO F 152 -56.52 -23.71 -21.84
CA PRO F 152 -56.59 -25.11 -22.25
C PRO F 152 -57.96 -25.47 -22.84
N VAL F 161 -46.02 -27.27 -17.55
CA VAL F 161 -46.57 -28.62 -17.69
C VAL F 161 -47.14 -29.06 -16.34
N GLU F 162 -48.13 -29.95 -16.38
CA GLU F 162 -48.81 -30.40 -15.18
C GLU F 162 -48.22 -31.69 -14.60
N ARG F 163 -47.18 -32.24 -15.22
CA ARG F 163 -46.59 -33.46 -14.68
C ARG F 163 -45.53 -33.15 -13.63
N THR F 164 -44.60 -32.23 -13.93
CA THR F 164 -43.59 -31.86 -12.96
C THR F 164 -44.21 -31.33 -11.68
N ASN F 165 -45.39 -30.71 -11.79
CA ASN F 165 -46.15 -30.34 -10.61
C ASN F 165 -46.51 -31.57 -9.79
N GLY F 166 -46.89 -32.67 -10.46
CA GLY F 166 -47.20 -33.90 -9.75
C GLY F 166 -45.97 -34.51 -9.08
N ILE F 167 -44.83 -34.52 -9.78
CA ILE F 167 -43.61 -35.00 -9.14
C ILE F 167 -43.27 -34.16 -7.91
N LEU F 168 -43.40 -32.83 -8.02
CA LEU F 168 -43.13 -31.98 -6.87
C LEU F 168 -44.06 -32.29 -5.72
N LYS F 169 -45.36 -32.45 -6.01
CA LYS F 169 -46.33 -32.77 -4.96
C LYS F 169 -46.00 -34.08 -4.27
N THR F 170 -45.72 -35.13 -5.05
CA THR F 170 -45.51 -36.44 -4.44
C THR F 170 -44.20 -36.48 -3.65
N LEU F 171 -43.16 -35.77 -4.12
CA LEU F 171 -41.93 -35.72 -3.37
C LEU F 171 -42.11 -34.95 -2.06
N LEU F 172 -42.86 -33.85 -2.10
CA LEU F 172 -43.16 -33.11 -0.88
C LEU F 172 -43.96 -33.97 0.10
N TYR F 173 -44.93 -34.73 -0.42
CA TYR F 173 -45.74 -35.58 0.44
C TYR F 173 -44.90 -36.68 1.09
N LYS F 174 -43.98 -37.28 0.33
CA LYS F 174 -43.08 -38.26 0.93
C LYS F 174 -42.23 -37.64 2.01
N TYR F 175 -41.70 -36.45 1.76
CA TYR F 175 -40.87 -35.78 2.76
C TYR F 175 -41.65 -35.50 4.03
N PHE F 176 -42.90 -35.04 3.89
CA PHE F 176 -43.70 -34.74 5.07
C PHE F 176 -44.16 -36.00 5.79
N SER F 177 -44.41 -37.08 5.05
CA SER F 177 -44.76 -38.34 5.69
C SER F 177 -43.59 -38.90 6.48
N ASP F 178 -42.37 -38.74 5.97
CA ASP F 178 -41.20 -39.19 6.72
C ASP F 178 -41.06 -38.43 8.04
N ASN F 179 -41.30 -37.12 8.01
CA ASN F 179 -41.19 -36.31 9.22
C ASN F 179 -42.24 -35.20 9.19
N PRO F 180 -43.25 -35.24 10.07
CA PRO F 180 -44.29 -34.21 10.06
C PRO F 180 -43.83 -32.86 10.58
N ASN F 181 -42.65 -32.77 11.18
CA ASN F 181 -42.15 -31.51 11.73
C ASN F 181 -41.16 -30.88 10.75
N LEU F 182 -41.71 -30.26 9.70
CA LEU F 182 -40.92 -29.52 8.73
C LEU F 182 -41.55 -28.14 8.50
N PRO F 183 -40.72 -27.12 8.29
CA PRO F 183 -41.24 -25.75 8.12
C PRO F 183 -41.64 -25.36 6.70
N MET F 184 -41.72 -26.31 5.77
CA MET F 184 -42.26 -26.11 4.42
C MET F 184 -41.30 -25.32 3.51
N ASP F 185 -40.23 -24.77 4.08
CA ASP F 185 -39.20 -24.17 3.23
C ASP F 185 -38.05 -25.14 3.01
N ASN F 186 -37.63 -25.83 4.07
CA ASN F 186 -36.61 -26.86 3.92
C ASN F 186 -37.10 -27.98 3.02
N ALA F 187 -38.37 -28.36 3.16
CA ALA F 187 -38.92 -29.40 2.29
C ALA F 187 -38.88 -28.99 0.84
N LEU F 188 -39.27 -27.75 0.54
CA LEU F 188 -39.25 -27.27 -0.84
C LEU F 188 -37.82 -27.22 -1.38
N SER F 189 -36.88 -26.76 -0.56
CA SER F 189 -35.48 -26.70 -1.00
C SER F 189 -34.93 -28.09 -1.30
N VAL F 190 -35.22 -29.06 -0.43
CA VAL F 190 -34.72 -30.42 -0.63
C VAL F 190 -35.39 -31.06 -1.85
N ALA F 191 -36.68 -30.79 -2.05
CA ALA F 191 -37.36 -31.31 -3.22
C ALA F 191 -36.78 -30.73 -4.50
N LEU F 192 -36.51 -29.43 -4.52
CA LEU F 192 -35.90 -28.82 -5.69
C LEU F 192 -34.50 -29.38 -5.96
N TRP F 193 -33.72 -29.59 -4.90
CA TRP F 193 -32.40 -30.20 -5.06
C TRP F 193 -32.51 -31.60 -5.63
N THR F 194 -33.45 -32.40 -5.12
CA THR F 194 -33.62 -33.76 -5.60
C THR F 194 -34.06 -33.78 -7.06
N ILE F 195 -35.01 -32.92 -7.43
CA ILE F 195 -35.49 -32.88 -8.81
C ILE F 195 -34.44 -32.38 -9.79
N ASN F 196 -33.68 -31.34 -9.44
CA ASN F 196 -32.78 -30.71 -10.40
C ASN F 196 -31.38 -31.31 -10.42
N HIS F 197 -30.85 -31.78 -9.28
CA HIS F 197 -29.48 -32.24 -9.21
C HIS F 197 -29.31 -33.74 -8.99
N LEU F 198 -30.35 -34.45 -8.57
CA LEU F 198 -30.22 -35.85 -8.21
C LEU F 198 -30.87 -36.79 -9.21
N ASN F 199 -32.15 -36.59 -9.51
CA ASN F 199 -32.83 -37.43 -10.48
C ASN F 199 -32.24 -37.21 -11.87
N VAL F 200 -32.22 -38.28 -12.67
CA VAL F 200 -31.63 -38.26 -14.00
C VAL F 200 -32.72 -38.56 -15.03
N LEU F 201 -32.67 -37.87 -16.15
CA LEU F 201 -33.67 -38.05 -17.19
C LEU F 201 -33.50 -39.40 -17.88
N THR F 202 -34.62 -39.99 -18.28
CA THR F 202 -34.58 -41.33 -18.85
C THR F 202 -34.01 -41.34 -20.27
N HIS F 203 -34.40 -40.35 -21.08
CA HIS F 203 -33.98 -40.35 -22.48
C HIS F 203 -32.48 -40.18 -22.64
N CYS F 204 -31.87 -39.28 -21.88
CA CYS F 204 -30.47 -38.93 -22.09
C CYS F 204 -29.56 -39.25 -20.90
N GLN F 205 -30.09 -39.84 -19.83
CA GLN F 205 -29.29 -40.20 -18.66
C GLN F 205 -28.55 -38.99 -18.09
N LYS F 206 -29.24 -37.85 -18.07
CA LYS F 206 -28.70 -36.62 -17.50
C LYS F 206 -29.67 -36.07 -16.46
N THR F 207 -29.13 -35.27 -15.56
CA THR F 207 -29.99 -34.51 -14.65
C THR F 207 -30.48 -33.25 -15.35
N ARG F 208 -31.53 -32.65 -14.78
CA ARG F 208 -32.08 -31.42 -15.36
C ARG F 208 -31.07 -30.28 -15.30
N TRP F 209 -30.29 -30.23 -14.22
CA TRP F 209 -29.31 -29.16 -14.07
C TRP F 209 -28.26 -29.21 -15.17
N GLN F 210 -27.72 -30.40 -15.45
CA GLN F 210 -26.70 -30.53 -16.48
C GLN F 210 -27.26 -30.18 -17.86
N LEU F 211 -28.48 -30.62 -18.16
CA LEU F 211 -29.09 -30.29 -19.44
C LEU F 211 -29.32 -28.80 -19.58
N HIS F 212 -29.75 -28.15 -18.49
CA HIS F 212 -30.00 -26.72 -18.54
C HIS F 212 -28.72 -25.91 -18.70
N HIS F 213 -27.67 -26.27 -17.96
CA HIS F 213 -26.47 -25.45 -17.87
C HIS F 213 -25.30 -26.01 -18.65
N SER F 214 -25.53 -26.96 -19.54
CA SER F 214 -24.45 -27.44 -20.41
C SER F 214 -24.14 -26.38 -21.46
N PRO F 215 -22.91 -25.87 -21.53
CA PRO F 215 -22.59 -24.90 -22.57
C PRO F 215 -22.76 -25.49 -23.96
N ARG F 216 -23.23 -24.66 -24.89
CA ARG F 216 -23.45 -25.11 -26.25
C ARG F 216 -22.16 -25.09 -27.05
N LEU F 217 -22.18 -25.78 -28.18
CA LEU F 217 -21.00 -25.85 -29.03
C LEU F 217 -20.76 -24.50 -29.70
N PRO F 218 -19.54 -24.01 -29.73
CA PRO F 218 -19.25 -22.72 -30.39
C PRO F 218 -19.45 -22.84 -31.89
N PRO F 219 -19.77 -21.73 -32.56
CA PRO F 219 -19.88 -21.77 -34.02
C PRO F 219 -18.54 -22.04 -34.69
N ILE F 220 -18.61 -22.60 -35.88
CA ILE F 220 -17.44 -22.99 -36.65
C ILE F 220 -17.39 -22.12 -37.91
N PRO F 221 -16.52 -21.11 -37.94
CA PRO F 221 -16.42 -20.26 -39.13
C PRO F 221 -15.92 -21.05 -40.34
N GLU F 222 -16.38 -20.63 -41.51
CA GLU F 222 -15.98 -21.26 -42.77
C GLU F 222 -14.79 -20.54 -43.36
N GLU F 223 -13.91 -21.31 -44.01
CA GLU F 223 -12.69 -20.81 -44.63
C GLU F 223 -11.75 -20.13 -43.63
N LYS F 224 -11.92 -20.43 -42.34
CA LYS F 224 -11.08 -19.87 -41.30
C LYS F 224 -10.85 -20.91 -40.20
N PRO F 225 -9.62 -21.36 -40.01
CA PRO F 225 -9.37 -22.38 -38.98
C PRO F 225 -9.68 -21.85 -37.59
N VAL F 226 -10.18 -22.74 -36.74
CA VAL F 226 -10.49 -22.43 -35.35
C VAL F 226 -9.22 -22.70 -34.54
N THR F 227 -8.43 -21.66 -34.30
CA THR F 227 -7.21 -21.80 -33.55
C THR F 227 -7.50 -21.95 -32.06
N THR F 228 -6.59 -22.62 -31.36
CA THR F 228 -6.72 -22.79 -29.92
C THR F 228 -6.34 -21.50 -29.21
N SER F 229 -7.17 -21.07 -28.26
CA SER F 229 -6.90 -19.85 -27.53
C SER F 229 -5.67 -20.01 -26.66
N LYS F 230 -4.77 -19.02 -26.72
CA LYS F 230 -3.55 -19.01 -25.92
C LYS F 230 -3.78 -18.18 -24.68
N THR F 231 -3.56 -18.77 -23.51
CA THR F 231 -3.76 -18.08 -22.25
C THR F 231 -2.54 -17.22 -21.94
N HIS F 232 -2.46 -16.70 -20.72
CA HIS F 232 -1.51 -15.64 -20.39
C HIS F 232 -0.32 -16.18 -19.60
N TRP F 233 0.69 -15.32 -19.46
CA TRP F 233 1.90 -15.60 -18.71
C TRP F 233 1.90 -14.76 -17.44
N TYR F 234 2.43 -15.32 -16.36
CA TYR F 234 2.41 -14.63 -15.07
C TYR F 234 3.76 -14.73 -14.38
N TYR F 235 4.17 -13.62 -13.77
CA TYR F 235 5.18 -13.65 -12.73
C TYR F 235 4.51 -13.95 -11.39
N PHE F 236 5.11 -14.85 -10.62
CA PHE F 236 4.45 -15.37 -9.44
C PHE F 236 5.39 -15.35 -8.24
N LYS F 237 4.78 -15.40 -7.05
CA LYS F 237 5.49 -15.55 -5.79
C LYS F 237 4.84 -16.67 -5.00
N ILE F 238 5.67 -17.48 -4.36
CA ILE F 238 5.15 -18.63 -3.62
C ILE F 238 4.56 -18.15 -2.30
N PRO F 239 3.31 -18.52 -1.98
CA PRO F 239 2.71 -18.07 -0.72
C PRO F 239 3.46 -18.59 0.49
N GLY F 240 3.49 -17.78 1.54
CA GLY F 240 4.10 -18.18 2.79
C GLY F 240 5.60 -18.04 2.85
N LEU F 241 6.21 -17.22 2.01
CA LEU F 241 7.66 -17.02 2.02
C LEU F 241 8.09 -15.59 2.27
N ASN F 242 7.20 -14.61 2.17
CA ASN F 242 7.55 -13.19 2.29
C ASN F 242 8.67 -12.82 1.34
N SER F 243 8.56 -13.27 0.09
CA SER F 243 9.54 -12.91 -0.91
C SER F 243 9.16 -11.58 -1.55
N ARG F 244 10.13 -10.99 -2.26
CA ARG F 244 9.94 -9.70 -2.91
C ARG F 244 10.45 -9.69 -4.34
N GLN F 245 10.74 -10.86 -4.90
CA GLN F 245 11.25 -10.98 -6.26
C GLN F 245 10.40 -11.99 -7.02
N TRP F 246 9.83 -11.54 -8.14
CA TRP F 246 9.02 -12.41 -8.98
C TRP F 246 9.94 -13.37 -9.73
N LYS F 247 9.81 -14.66 -9.44
CA LYS F 247 10.71 -15.68 -10.00
C LYS F 247 10.03 -16.36 -11.18
N GLY F 248 10.45 -15.97 -12.38
CA GLY F 248 10.09 -16.69 -13.59
C GLY F 248 8.69 -16.41 -14.08
N PRO F 249 8.55 -16.19 -15.38
CA PRO F 249 7.22 -16.15 -15.98
C PRO F 249 6.76 -17.53 -16.40
N GLN F 250 5.57 -17.94 -15.97
CA GLN F 250 5.04 -19.26 -16.29
C GLN F 250 3.68 -19.15 -16.95
N ARG F 251 3.33 -20.21 -17.68
CA ARG F 251 2.04 -20.34 -18.33
C ARG F 251 1.00 -20.81 -17.32
N ALA F 252 -0.21 -20.26 -17.42
CA ALA F 252 -1.29 -20.66 -16.52
C ALA F 252 -2.03 -21.86 -17.11
N LEU F 253 -2.27 -22.86 -16.25
CA LEU F 253 -3.04 -24.03 -16.67
C LEU F 253 -4.54 -23.76 -16.62
N GLN F 254 -5.04 -23.40 -15.45
CA GLN F 254 -6.45 -23.12 -15.25
C GLN F 254 -6.59 -21.80 -14.52
N GLU F 255 -7.65 -21.07 -14.86
CA GLU F 255 -7.95 -19.77 -14.26
C GLU F 255 -9.30 -19.84 -13.58
N ALA F 256 -9.33 -19.46 -12.30
CA ALA F 256 -10.55 -19.44 -11.51
C ALA F 256 -10.62 -18.13 -10.75
N ALA F 257 -11.74 -17.94 -10.04
CA ALA F 257 -11.87 -16.77 -9.19
C ALA F 257 -10.96 -16.90 -7.98
N GLY F 258 -10.13 -15.89 -7.74
CA GLY F 258 -9.29 -15.86 -6.57
C GLY F 258 -7.92 -16.48 -6.73
N ALA F 259 -7.69 -17.31 -7.75
CA ALA F 259 -6.40 -17.97 -7.91
C ALA F 259 -6.25 -18.45 -9.34
N ALA F 260 -5.01 -18.79 -9.68
CA ALA F 260 -4.69 -19.39 -10.97
C ALA F 260 -3.72 -20.55 -10.75
N LEU F 261 -3.75 -21.52 -11.67
CA LEU F 261 -2.94 -22.72 -11.56
C LEU F 261 -1.60 -22.49 -12.27
N ILE F 262 -0.52 -22.48 -11.51
CA ILE F 262 0.82 -22.26 -12.06
C ILE F 262 1.72 -23.41 -11.65
N PRO F 263 2.52 -23.96 -12.57
CA PRO F 263 3.49 -25.02 -12.20
C PRO F 263 4.71 -24.40 -11.52
N VAL F 264 4.80 -24.59 -10.20
CA VAL F 264 5.92 -24.05 -9.46
C VAL F 264 7.21 -24.79 -9.81
N SER F 265 7.10 -26.07 -10.18
CA SER F 265 8.24 -26.86 -10.61
C SER F 265 7.80 -27.76 -11.74
N ASP F 266 8.70 -28.63 -12.20
CA ASP F 266 8.40 -29.58 -13.25
C ASP F 266 7.82 -30.87 -12.70
N THR F 267 7.32 -30.87 -11.47
CA THR F 267 6.79 -32.07 -10.86
C THR F 267 5.44 -31.83 -10.18
N ALA F 268 5.13 -30.57 -9.88
CA ALA F 268 3.89 -30.23 -9.19
C ALA F 268 3.41 -28.87 -9.63
N ALA F 269 2.11 -28.63 -9.43
CA ALA F 269 1.47 -27.36 -9.73
C ALA F 269 0.76 -26.86 -8.48
N GLN F 270 0.56 -25.54 -8.41
CA GLN F 270 -0.03 -24.93 -7.23
C GLN F 270 -0.99 -23.82 -7.65
N TRP F 271 -2.00 -23.59 -6.81
CA TRP F 271 -2.95 -22.51 -7.03
C TRP F 271 -2.43 -21.26 -6.33
N ILE F 272 -1.95 -20.31 -7.11
CA ILE F 272 -1.39 -19.07 -6.60
C ILE F 272 -2.46 -17.99 -6.62
N PRO F 273 -2.65 -17.23 -5.54
CA PRO F 273 -3.66 -16.18 -5.55
C PRO F 273 -3.32 -15.05 -6.50
N TRP F 274 -4.33 -14.25 -6.82
CA TRP F 274 -4.15 -13.16 -7.79
C TRP F 274 -3.18 -12.10 -7.28
N LYS F 275 -3.21 -11.80 -5.99
CA LYS F 275 -2.34 -10.78 -5.44
C LYS F 275 -0.87 -11.13 -5.55
N LEU F 276 -0.53 -12.42 -5.68
CA LEU F 276 0.84 -12.86 -5.89
C LEU F 276 1.15 -13.10 -7.36
N LEU F 277 0.29 -12.64 -8.26
CA LEU F 277 0.49 -12.79 -9.69
C LEU F 277 0.57 -11.42 -10.36
N LYS F 278 1.44 -11.33 -11.36
CA LYS F 278 1.63 -10.11 -12.12
C LYS F 278 1.64 -10.44 -13.60
N ARG F 279 0.91 -9.66 -14.39
CA ARG F 279 0.79 -9.91 -15.82
C ARG F 279 2.15 -9.76 -16.49
N ALA F 280 2.43 -10.66 -17.43
CA ALA F 280 3.70 -10.69 -18.14
C ALA F 280 3.44 -10.63 -19.63
N VAL F 281 4.52 -10.76 -20.41
CA VAL F 281 4.47 -10.80 -21.86
C VAL F 281 5.23 -12.03 -22.33
N CYS F 282 4.82 -12.58 -23.46
CA CYS F 282 5.46 -13.78 -23.99
C CYS F 282 6.93 -13.50 -24.28
N PRO F 283 7.85 -14.39 -23.90
CA PRO F 283 9.28 -14.11 -24.11
C PRO F 283 9.67 -13.92 -25.56
N ARG F 284 8.99 -14.59 -26.50
CA ARG F 284 9.32 -14.54 -27.92
C ARG F 284 10.76 -14.96 -28.18
N SER G 7 31.09 2.87 25.51
CA SER G 7 30.66 1.57 25.02
C SER G 7 29.27 1.65 24.42
N PRO G 8 29.10 1.11 23.21
CA PRO G 8 27.77 1.11 22.59
C PRO G 8 26.71 0.40 23.42
N ALA G 9 27.09 -0.70 24.07
CA ALA G 9 26.10 -1.50 24.81
C ALA G 9 25.50 -0.70 25.96
N LYS G 10 26.35 -0.05 26.75
CA LYS G 10 25.84 0.73 27.89
C LYS G 10 25.07 1.96 27.40
N LEU G 11 25.53 2.59 26.32
CA LEU G 11 24.82 3.73 25.77
C LEU G 11 23.41 3.34 25.32
N HIS G 12 23.28 2.20 24.64
CA HIS G 12 21.95 1.76 24.21
C HIS G 12 21.12 1.29 25.39
N SER G 13 21.74 0.69 26.40
CA SER G 13 20.99 0.28 27.58
C SER G 13 20.46 1.49 28.34
N PHE G 14 21.15 2.63 28.25
CA PHE G 14 20.66 3.82 28.93
C PHE G 14 19.61 4.56 28.09
N THR G 15 19.90 4.79 26.80
CA THR G 15 19.08 5.66 25.98
C THR G 15 18.24 4.93 24.94
N HIS G 16 18.57 3.68 24.61
CA HIS G 16 17.87 2.94 23.56
C HIS G 16 17.90 3.69 22.23
N CYS G 17 19.05 4.27 21.91
CA CYS G 17 19.24 4.94 20.64
C CYS G 17 19.30 3.93 19.50
N GLY G 18 19.27 4.45 18.28
CA GLY G 18 19.17 3.61 17.09
C GLY G 18 20.51 3.10 16.61
N GLN G 19 20.49 2.57 15.38
CA GLN G 19 21.68 1.96 14.80
C GLN G 19 22.76 3.00 14.53
N ALA G 20 22.41 4.09 13.85
CA ALA G 20 23.41 5.07 13.46
C ALA G 20 24.02 5.76 14.66
N ALA G 21 23.24 5.93 15.73
CA ALA G 21 23.79 6.51 16.96
C ALA G 21 24.88 5.62 17.55
N LEU G 22 24.67 4.31 17.54
CA LEU G 22 25.70 3.40 18.02
C LEU G 22 26.88 3.35 17.08
N THR G 23 26.64 3.46 15.77
CA THR G 23 27.75 3.44 14.81
C THR G 23 28.63 4.67 14.96
N LEU G 24 28.03 5.84 15.16
CA LEU G 24 28.82 7.07 15.29
C LEU G 24 29.61 7.13 16.59
N HIS G 25 29.20 6.38 17.61
CA HIS G 25 29.96 6.29 18.85
C HIS G 25 31.01 5.18 18.81
N GLY G 26 31.11 4.46 17.70
CA GLY G 26 32.13 3.45 17.51
C GLY G 26 31.60 2.05 17.68
N ALA G 27 31.26 1.41 16.56
CA ALA G 27 30.76 0.05 16.49
C ALA G 27 30.56 -0.29 15.03
N THR G 28 30.74 -1.55 14.68
CA THR G 28 30.46 -1.97 13.33
C THR G 28 28.96 -2.09 13.13
N THR G 29 28.53 -2.12 11.86
CA THR G 29 27.13 -2.30 11.56
C THR G 29 26.60 -3.61 12.14
N THR G 30 27.42 -4.66 12.10
CA THR G 30 26.99 -5.95 12.61
C THR G 30 26.75 -5.90 14.12
N GLU G 31 27.68 -5.32 14.88
CA GLU G 31 27.51 -5.24 16.32
C GLU G 31 26.31 -4.39 16.71
N ALA G 32 26.15 -3.24 16.06
CA ALA G 32 25.02 -2.37 16.36
C ALA G 32 23.70 -3.07 16.04
N LEU G 33 23.63 -3.75 14.89
CA LEU G 33 22.40 -4.44 14.52
C LEU G 33 22.11 -5.60 15.47
N ASN G 34 23.15 -6.30 15.92
CA ASN G 34 22.95 -7.36 16.90
C ASN G 34 22.47 -6.80 18.24
N ILE G 35 23.01 -5.66 18.66
CA ILE G 35 22.55 -5.01 19.88
C ILE G 35 21.09 -4.63 19.76
N LEU G 36 20.70 -4.10 18.60
CA LEU G 36 19.30 -3.75 18.38
C LEU G 36 18.40 -4.97 18.43
N HIS G 37 18.80 -6.05 17.76
CA HIS G 37 17.97 -7.25 17.71
C HIS G 37 17.91 -7.99 19.03
N SER G 38 18.91 -7.81 19.89
CA SER G 38 18.95 -8.53 21.16
C SER G 38 18.23 -7.80 22.28
N CYS G 39 17.75 -6.58 22.06
CA CYS G 39 17.09 -5.80 23.09
C CYS G 39 15.63 -6.19 23.19
N HIS G 40 15.22 -6.73 24.34
CA HIS G 40 13.83 -7.09 24.54
C HIS G 40 12.93 -5.85 24.58
N ALA G 41 13.41 -4.77 25.19
CA ALA G 41 12.63 -3.54 25.27
C ALA G 41 12.36 -2.95 23.89
N CYS G 42 13.37 -2.94 23.01
CA CYS G 42 13.20 -2.38 21.69
C CYS G 42 12.38 -3.27 20.76
N ARG G 43 12.09 -4.50 21.16
CA ARG G 43 11.27 -5.39 20.34
C ARG G 43 9.88 -5.64 20.92
N LYS G 44 9.70 -5.45 22.22
CA LYS G 44 8.37 -5.53 22.81
C LYS G 44 7.56 -4.27 22.60
N ASN G 45 8.20 -3.15 22.27
CA ASN G 45 7.52 -1.86 22.20
C ASN G 45 7.45 -1.29 20.79
N ASN G 46 8.09 -1.93 19.81
CA ASN G 46 7.98 -1.50 18.42
C ASN G 46 6.85 -2.26 17.75
N PRO G 47 5.78 -1.59 17.31
CA PRO G 47 4.68 -2.30 16.63
C PRO G 47 5.06 -2.86 15.27
N GLN G 48 6.16 -2.40 14.67
CA GLN G 48 6.55 -2.88 13.34
C GLN G 48 7.04 -4.32 13.41
N HIS G 49 6.71 -5.10 12.38
CA HIS G 49 7.12 -6.49 12.28
C HIS G 49 7.04 -6.90 10.82
N GLN G 50 7.60 -8.07 10.51
CA GLN G 50 7.78 -8.47 9.12
C GLN G 50 7.64 -9.99 9.03
N MET G 51 6.45 -10.45 8.65
CA MET G 51 6.14 -11.86 8.46
C MET G 51 5.26 -12.08 7.24
N PRO G 52 5.21 -13.30 6.71
CA PRO G 52 4.43 -13.54 5.49
C PRO G 52 2.94 -13.43 5.73
N ARG G 53 2.23 -13.24 4.62
CA ARG G 53 0.78 -13.10 4.62
C ARG G 53 0.11 -14.47 4.51
N GLY G 54 -1.13 -14.53 4.97
CA GLY G 54 -1.93 -15.74 4.86
C GLY G 54 -3.03 -15.61 3.83
N HIS G 55 -3.52 -16.74 3.33
CA HIS G 55 -4.59 -16.76 2.33
C HIS G 55 -5.59 -17.86 2.69
N ILE G 56 -6.87 -17.55 2.54
CA ILE G 56 -7.90 -18.55 2.84
C ILE G 56 -7.72 -19.77 1.95
N ARG G 57 -8.15 -20.93 2.46
CA ARG G 57 -8.10 -22.14 1.67
C ARG G 57 -9.17 -22.10 0.58
N ARG G 58 -8.78 -22.48 -0.64
CA ARG G 58 -9.65 -22.43 -1.79
C ARG G 58 -9.90 -23.83 -2.34
N GLY G 59 -11.12 -24.04 -2.83
CA GLY G 59 -11.46 -25.31 -3.42
C GLY G 59 -10.72 -25.55 -4.73
N LEU G 60 -10.60 -26.83 -5.07
CA LEU G 60 -9.92 -27.24 -6.30
C LEU G 60 -10.89 -27.45 -7.45
N LEU G 61 -12.19 -27.45 -7.18
CA LEU G 61 -13.24 -27.58 -8.17
C LEU G 61 -14.54 -27.05 -7.56
N PRO G 62 -15.58 -26.77 -8.37
CA PRO G 62 -16.81 -26.22 -7.80
C PRO G 62 -17.44 -27.16 -6.78
N ASN G 63 -18.05 -26.56 -5.76
CA ASN G 63 -18.69 -27.30 -4.67
C ASN G 63 -17.69 -28.13 -3.87
N HIS G 64 -16.51 -27.56 -3.62
CA HIS G 64 -15.51 -28.19 -2.77
C HIS G 64 -15.42 -27.54 -1.40
N ILE G 65 -15.23 -26.23 -1.35
CA ILE G 65 -15.19 -25.48 -0.10
C ILE G 65 -16.08 -24.25 -0.25
N TRP G 66 -16.92 -24.00 0.75
CA TRP G 66 -17.80 -22.84 0.78
C TRP G 66 -17.50 -22.00 2.01
N GLN G 67 -17.80 -20.71 1.92
CA GLN G 67 -17.68 -19.80 3.05
C GLN G 67 -19.02 -19.12 3.28
N GLY G 68 -19.47 -19.09 4.52
CA GLY G 68 -20.77 -18.54 4.85
C GLY G 68 -20.68 -17.54 5.98
N ASP G 69 -21.58 -16.56 5.93
CA ASP G 69 -21.59 -15.49 6.92
C ASP G 69 -22.98 -14.89 6.98
N ILE G 70 -23.23 -14.12 8.05
CA ILE G 70 -24.49 -13.44 8.26
C ILE G 70 -24.22 -11.95 8.40
N THR G 71 -24.91 -11.14 7.60
CA THR G 71 -24.77 -9.69 7.65
C THR G 71 -26.13 -9.07 7.92
N HIS G 72 -26.11 -7.77 8.22
CA HIS G 72 -27.32 -7.02 8.51
C HIS G 72 -27.59 -6.00 7.42
N PHE G 73 -28.87 -5.70 7.20
CA PHE G 73 -29.27 -4.69 6.23
C PHE G 73 -30.45 -3.90 6.79
N LYS G 74 -30.36 -2.58 6.71
CA LYS G 74 -31.41 -1.70 7.20
C LYS G 74 -32.26 -1.22 6.02
N TYR G 75 -33.56 -1.42 6.10
CA TYR G 75 -34.46 -1.08 5.00
C TYR G 75 -35.85 -0.83 5.55
N LYS G 76 -36.32 0.41 5.42
CA LYS G 76 -37.68 0.80 5.80
C LYS G 76 -37.97 0.43 7.25
N ASN G 77 -37.06 0.84 8.14
CA ASN G 77 -37.15 0.58 9.58
C ASN G 77 -37.17 -0.92 9.90
N THR G 78 -36.63 -1.74 9.01
CA THR G 78 -36.57 -3.19 9.21
C THR G 78 -35.13 -3.66 9.11
N LEU G 79 -34.71 -4.47 10.07
CA LEU G 79 -33.36 -5.03 10.11
C LEU G 79 -33.41 -6.45 9.56
N TYR G 80 -33.12 -6.59 8.27
CA TYR G 80 -33.08 -7.89 7.64
C TYR G 80 -31.72 -8.55 7.88
N ARG G 81 -31.74 -9.86 8.11
CA ARG G 81 -30.52 -10.65 8.26
C ARG G 81 -30.28 -11.39 6.95
N LEU G 82 -29.13 -11.14 6.33
CA LEU G 82 -28.77 -11.78 5.08
C LEU G 82 -27.79 -12.91 5.37
N HIS G 83 -28.21 -14.14 5.07
CA HIS G 83 -27.33 -15.30 5.13
C HIS G 83 -26.73 -15.50 3.75
N VAL G 84 -25.39 -15.44 3.67
CA VAL G 84 -24.67 -15.45 2.41
C VAL G 84 -23.73 -16.65 2.40
N TRP G 85 -23.77 -17.42 1.32
CA TRP G 85 -22.83 -18.49 1.05
C TRP G 85 -22.13 -18.20 -0.26
N VAL G 86 -20.82 -18.44 -0.31
CA VAL G 86 -20.02 -18.17 -1.50
C VAL G 86 -19.10 -19.35 -1.74
N ASP G 87 -18.96 -19.74 -3.01
CA ASP G 87 -18.09 -20.83 -3.41
C ASP G 87 -16.68 -20.30 -3.62
N THR G 88 -15.71 -20.93 -2.96
CA THR G 88 -14.34 -20.44 -2.98
C THR G 88 -13.62 -20.70 -4.29
N PHE G 89 -14.22 -21.45 -5.21
CA PHE G 89 -13.61 -21.70 -6.51
C PHE G 89 -14.21 -20.82 -7.60
N SER G 90 -15.52 -20.87 -7.77
CA SER G 90 -16.20 -20.12 -8.81
C SER G 90 -16.62 -18.72 -8.38
N GLY G 91 -16.75 -18.48 -7.09
CA GLY G 91 -17.24 -17.21 -6.60
C GLY G 91 -18.74 -17.07 -6.60
N SER G 92 -19.48 -18.13 -6.92
CA SER G 92 -20.93 -18.08 -6.98
C SER G 92 -21.52 -17.80 -5.59
N VAL G 93 -22.59 -17.01 -5.57
CA VAL G 93 -23.15 -16.49 -4.34
C VAL G 93 -24.61 -16.91 -4.23
N SER G 94 -25.00 -17.38 -3.06
CA SER G 94 -26.39 -17.59 -2.71
C SER G 94 -26.70 -16.81 -1.45
N ALA G 95 -27.81 -16.08 -1.45
CA ALA G 95 -28.15 -15.24 -0.30
C ALA G 95 -29.64 -15.33 -0.02
N THR G 96 -29.98 -15.41 1.27
CA THR G 96 -31.38 -15.42 1.69
C THR G 96 -31.59 -14.38 2.78
N HIS G 97 -32.75 -13.74 2.76
CA HIS G 97 -33.10 -12.72 3.75
C HIS G 97 -34.08 -13.29 4.76
N LYS G 98 -33.84 -12.98 6.04
CA LYS G 98 -34.66 -13.46 7.15
C LYS G 98 -34.84 -12.32 8.14
N LYS G 99 -35.61 -12.57 9.19
CA LYS G 99 -35.90 -11.57 10.20
C LYS G 99 -34.94 -11.61 11.38
N ARG G 100 -34.45 -12.78 11.76
CA ARG G 100 -33.46 -12.87 12.82
C ARG G 100 -32.38 -13.89 12.46
N GLU G 101 -31.51 -14.21 13.42
CA GLU G 101 -30.46 -15.19 13.22
C GLU G 101 -30.62 -16.33 14.22
N THR G 102 -30.52 -17.56 13.72
CA THR G 102 -30.77 -18.75 14.53
C THR G 102 -30.17 -19.94 13.80
N SER G 103 -29.88 -21.00 14.55
CA SER G 103 -29.32 -22.21 13.95
C SER G 103 -30.27 -22.79 12.90
N SER G 104 -31.58 -22.77 13.18
CA SER G 104 -32.55 -23.30 12.23
C SER G 104 -32.54 -22.50 10.93
N GLU G 105 -32.44 -21.17 11.04
CA GLU G 105 -32.38 -20.34 9.85
C GLU G 105 -31.07 -20.53 9.09
N ALA G 106 -29.96 -20.78 9.80
CA ALA G 106 -28.73 -21.13 9.12
C ALA G 106 -28.89 -22.44 8.35
N ILE G 107 -29.57 -23.42 8.94
CA ILE G 107 -29.82 -24.69 8.25
C ILE G 107 -30.68 -24.47 7.02
N SER G 108 -31.73 -23.64 7.14
CA SER G 108 -32.59 -23.36 6.00
C SER G 108 -31.83 -22.66 4.89
N SER G 109 -30.98 -21.69 5.24
CA SER G 109 -30.17 -21.01 4.24
C SER G 109 -29.18 -21.97 3.58
N LEU G 110 -28.60 -22.87 4.35
CA LEU G 110 -27.71 -23.87 3.77
C LEU G 110 -28.45 -24.76 2.79
N LEU G 111 -29.67 -25.19 3.14
CA LEU G 111 -30.44 -26.03 2.23
C LEU G 111 -30.81 -25.28 0.96
N HIS G 112 -31.21 -24.01 1.09
CA HIS G 112 -31.52 -23.22 -0.10
C HIS G 112 -30.29 -23.03 -0.97
N ALA G 113 -29.14 -22.80 -0.36
CA ALA G 113 -27.90 -22.68 -1.13
C ALA G 113 -27.55 -23.98 -1.83
N ILE G 114 -27.78 -25.12 -1.17
CA ILE G 114 -27.53 -26.41 -1.80
C ILE G 114 -28.45 -26.61 -2.99
N ALA G 115 -29.72 -26.22 -2.85
CA ALA G 115 -30.65 -26.32 -3.97
C ALA G 115 -30.23 -25.42 -5.12
N HIS G 116 -29.72 -24.23 -4.81
CA HIS G 116 -29.37 -23.28 -5.86
C HIS G 116 -28.08 -23.66 -6.57
N LEU G 117 -27.08 -24.13 -5.83
CA LEU G 117 -25.74 -24.37 -6.36
C LEU G 117 -25.34 -25.83 -6.41
N GLY G 118 -25.64 -26.60 -5.36
CA GLY G 118 -25.19 -27.97 -5.24
C GLY G 118 -24.72 -28.26 -3.83
N ARG G 119 -24.35 -29.52 -3.61
CA ARG G 119 -23.91 -29.95 -2.28
C ARG G 119 -22.41 -29.79 -2.16
N PRO G 120 -21.91 -29.04 -1.18
CA PRO G 120 -20.47 -28.90 -0.99
C PRO G 120 -19.89 -30.01 -0.12
N SER G 121 -18.56 -30.11 -0.17
CA SER G 121 -17.85 -31.08 0.66
C SER G 121 -17.51 -30.52 2.02
N HIS G 122 -16.93 -29.33 2.07
CA HIS G 122 -16.58 -28.67 3.32
C HIS G 122 -17.13 -27.25 3.32
N ILE G 123 -17.45 -26.75 4.52
CA ILE G 123 -17.84 -25.36 4.73
C ILE G 123 -17.10 -24.84 5.96
N ASN G 124 -16.54 -23.63 5.84
CA ASN G 124 -15.85 -22.98 6.94
C ASN G 124 -16.49 -21.63 7.22
N THR G 125 -16.87 -21.41 8.47
CA THR G 125 -17.49 -20.18 8.91
C THR G 125 -16.83 -19.71 10.19
N ASP G 126 -17.08 -18.46 10.57
CA ASP G 126 -16.55 -17.94 11.82
C ASP G 126 -17.25 -18.61 13.00
N ASN G 127 -16.87 -18.21 14.21
CA ASN G 127 -17.45 -18.78 15.43
C ASN G 127 -18.66 -17.97 15.88
N GLY G 128 -19.64 -17.89 14.99
CA GLY G 128 -20.89 -17.25 15.29
C GLY G 128 -21.74 -18.09 16.23
N PRO G 129 -22.67 -17.45 16.94
CA PRO G 129 -23.52 -18.22 17.86
C PRO G 129 -24.35 -19.29 17.17
N ALA G 130 -24.75 -19.09 15.93
CA ALA G 130 -25.62 -20.03 15.22
C ALA G 130 -24.83 -21.06 14.41
N TYR G 131 -23.51 -21.01 14.43
CA TYR G 131 -22.70 -21.93 13.65
C TYR G 131 -22.02 -23.01 14.49
N ALA G 132 -21.73 -22.74 15.75
CA ALA G 132 -21.15 -23.73 16.66
C ALA G 132 -22.23 -24.51 17.41
N SER G 133 -23.50 -24.24 17.13
CA SER G 133 -24.58 -24.92 17.81
C SER G 133 -24.62 -26.41 17.42
N GLN G 134 -25.11 -27.23 18.36
CA GLN G 134 -25.23 -28.65 18.11
C GLN G 134 -26.16 -28.94 16.94
N GLU G 135 -27.21 -28.13 16.76
CA GLU G 135 -28.15 -28.35 15.68
C GLU G 135 -27.48 -28.22 14.32
N PHE G 136 -26.62 -27.21 14.16
CA PHE G 136 -25.92 -27.02 12.89
C PHE G 136 -24.96 -28.17 12.60
N GLN G 137 -24.26 -28.65 13.64
CA GLN G 137 -23.38 -29.79 13.44
C GLN G 137 -24.15 -31.03 13.04
N HIS G 138 -25.31 -31.26 13.67
CA HIS G 138 -26.14 -32.39 13.29
C HIS G 138 -26.61 -32.28 11.85
N ALA G 139 -27.03 -31.07 11.44
CA ALA G 139 -27.45 -30.87 10.06
C ALA G 139 -26.32 -31.13 9.08
N CYS G 140 -25.12 -30.64 9.39
CA CYS G 140 -23.97 -30.87 8.52
C CYS G 140 -23.62 -32.34 8.43
N THR G 141 -23.67 -33.06 9.56
CA THR G 141 -23.37 -34.49 9.55
C THR G 141 -24.45 -35.27 8.81
N SER G 142 -25.69 -34.77 8.81
CA SER G 142 -26.77 -35.46 8.12
C SER G 142 -26.48 -35.60 6.63
N LEU G 143 -25.97 -34.54 6.01
CA LEU G 143 -25.63 -34.56 4.58
C LEU G 143 -24.16 -34.87 4.35
N ALA G 144 -23.41 -35.25 5.39
CA ALA G 144 -21.99 -35.54 5.30
C ALA G 144 -21.21 -34.34 4.77
N ILE G 145 -21.33 -33.23 5.50
CA ILE G 145 -20.61 -32.00 5.18
C ILE G 145 -19.70 -31.68 6.36
N ARG G 146 -18.40 -31.61 6.10
CA ARG G 146 -17.43 -31.31 7.14
C ARG G 146 -17.40 -29.81 7.40
N HIS G 147 -17.69 -29.39 8.62
CA HIS G 147 -17.73 -27.99 8.99
C HIS G 147 -16.60 -27.70 9.97
N THR G 148 -15.76 -26.73 9.62
CA THR G 148 -14.70 -26.24 10.50
C THR G 148 -14.97 -24.79 10.86
N THR G 149 -14.22 -24.30 11.83
CA THR G 149 -14.36 -22.93 12.30
C THR G 149 -13.01 -22.22 12.26
N HIS G 150 -13.07 -20.90 12.13
CA HIS G 150 -11.88 -20.07 12.04
C HIS G 150 -11.33 -19.76 13.43
N ILE G 151 -10.21 -19.06 13.46
CA ILE G 151 -9.71 -18.51 14.72
C ILE G 151 -10.68 -17.46 15.22
N PRO G 152 -11.14 -17.51 16.46
CA PRO G 152 -12.11 -16.52 16.94
C PRO G 152 -11.54 -15.11 16.91
N TYR G 153 -12.43 -14.15 16.66
CA TYR G 153 -12.10 -12.73 16.60
C TYR G 153 -11.06 -12.42 15.53
N ASN G 154 -11.12 -13.12 14.40
CA ASN G 154 -10.24 -12.89 13.26
C ASN G 154 -11.07 -12.93 11.98
N PRO G 155 -11.82 -11.87 11.69
CA PRO G 155 -12.68 -11.88 10.50
C PRO G 155 -11.94 -12.01 9.18
N THR G 156 -10.65 -11.65 9.12
CA THR G 156 -9.91 -11.76 7.88
C THR G 156 -9.87 -13.17 7.33
N SER G 157 -9.96 -14.18 8.22
CA SER G 157 -9.96 -15.57 7.78
C SER G 157 -11.21 -15.93 6.99
N SER G 158 -12.27 -15.13 7.07
CA SER G 158 -13.47 -15.32 6.26
C SER G 158 -13.55 -14.24 5.19
N GLY G 159 -12.40 -13.65 4.86
CA GLY G 159 -12.38 -12.41 4.11
C GLY G 159 -13.23 -12.45 2.85
N LEU G 160 -13.11 -13.53 2.07
CA LEU G 160 -13.86 -13.62 0.82
C LEU G 160 -15.34 -13.38 1.05
N VAL G 161 -15.95 -14.14 1.97
CA VAL G 161 -17.38 -13.96 2.14
C VAL G 161 -17.67 -12.55 2.65
N GLU G 162 -16.81 -12.01 3.52
CA GLU G 162 -17.00 -10.65 3.98
C GLU G 162 -17.01 -9.69 2.80
N ARG G 163 -16.04 -9.84 1.89
CA ARG G 163 -16.04 -9.00 0.71
C ARG G 163 -17.35 -9.11 -0.04
N THR G 164 -17.82 -10.34 -0.24
CA THR G 164 -19.07 -10.55 -0.96
C THR G 164 -20.20 -9.79 -0.31
N ASN G 165 -20.26 -9.82 1.03
CA ASN G 165 -21.31 -9.10 1.73
C ASN G 165 -21.35 -7.65 1.26
N GLY G 166 -20.20 -6.98 1.31
CA GLY G 166 -20.18 -5.59 0.88
C GLY G 166 -20.67 -5.43 -0.54
N ILE G 167 -20.19 -6.27 -1.45
CA ILE G 167 -20.61 -6.18 -2.84
C ILE G 167 -22.13 -6.25 -2.91
N LEU G 168 -22.71 -7.27 -2.27
CA LEU G 168 -24.15 -7.42 -2.32
C LEU G 168 -24.83 -6.16 -1.84
N LYS G 169 -24.43 -5.66 -0.66
CA LYS G 169 -25.12 -4.53 -0.08
C LYS G 169 -25.05 -3.33 -1.01
N THR G 170 -23.90 -3.15 -1.68
CA THR G 170 -23.77 -2.00 -2.56
C THR G 170 -24.86 -2.00 -3.62
N LEU G 171 -25.07 -3.14 -4.29
CA LEU G 171 -26.12 -3.19 -5.31
C LEU G 171 -27.47 -2.85 -4.71
N LEU G 172 -27.76 -3.40 -3.52
CA LEU G 172 -29.04 -3.12 -2.91
C LEU G 172 -29.24 -1.62 -2.74
N TYR G 173 -28.20 -0.92 -2.30
CA TYR G 173 -28.31 0.52 -2.12
C TYR G 173 -28.66 1.19 -3.44
N LYS G 174 -27.97 0.80 -4.52
CA LYS G 174 -28.31 1.33 -5.83
C LYS G 174 -29.77 1.05 -6.16
N TYR G 175 -30.22 -0.18 -5.92
CA TYR G 175 -31.60 -0.54 -6.25
C TYR G 175 -32.58 0.27 -5.41
N PHE G 176 -32.16 0.72 -4.23
CA PHE G 176 -33.05 1.52 -3.40
C PHE G 176 -32.85 3.01 -3.64
N SER G 177 -31.82 3.39 -4.39
CA SER G 177 -31.65 4.80 -4.72
C SER G 177 -32.64 5.23 -5.80
N ASP G 178 -32.85 4.39 -6.80
CA ASP G 178 -33.78 4.72 -7.87
C ASP G 178 -35.22 4.66 -7.41
N ASN G 179 -35.58 3.61 -6.67
CA ASN G 179 -36.96 3.39 -6.23
C ASN G 179 -36.94 2.90 -4.78
N PRO G 180 -37.25 3.76 -3.81
CA PRO G 180 -37.27 3.30 -2.41
C PRO G 180 -38.44 2.39 -2.09
N ASN G 181 -39.40 2.21 -2.98
CA ASN G 181 -40.58 1.38 -2.74
C ASN G 181 -40.41 -0.04 -3.27
N LEU G 182 -39.24 -0.40 -3.75
CA LEU G 182 -39.02 -1.74 -4.28
C LEU G 182 -39.00 -2.76 -3.16
N PRO G 183 -39.70 -3.89 -3.29
CA PRO G 183 -39.70 -4.89 -2.22
C PRO G 183 -38.34 -5.54 -2.05
N MET G 184 -38.09 -6.02 -0.83
CA MET G 184 -36.79 -6.60 -0.50
C MET G 184 -36.50 -7.87 -1.31
N ASP G 185 -37.49 -8.74 -1.45
CA ASP G 185 -37.27 -9.98 -2.18
C ASP G 185 -36.94 -9.72 -3.64
N ASN G 186 -37.65 -8.77 -4.26
CA ASN G 186 -37.35 -8.41 -5.64
C ASN G 186 -35.93 -7.89 -5.78
N ALA G 187 -35.52 -7.01 -4.87
CA ALA G 187 -34.17 -6.46 -4.92
C ALA G 187 -33.13 -7.55 -4.77
N LEU G 188 -33.34 -8.47 -3.82
CA LEU G 188 -32.36 -9.54 -3.60
C LEU G 188 -32.27 -10.45 -4.82
N SER G 189 -33.41 -10.80 -5.41
CA SER G 189 -33.38 -11.67 -6.59
C SER G 189 -32.68 -11.00 -7.76
N VAL G 190 -32.98 -9.72 -8.00
CA VAL G 190 -32.33 -9.00 -9.10
C VAL G 190 -30.84 -8.87 -8.85
N ALA G 191 -30.44 -8.59 -7.61
CA ALA G 191 -29.03 -8.47 -7.28
C ALA G 191 -28.30 -9.79 -7.47
N LEU G 192 -28.92 -10.91 -7.05
CA LEU G 192 -28.30 -12.21 -7.26
C LEU G 192 -28.17 -12.52 -8.75
N TRP G 193 -29.19 -12.21 -9.53
CA TRP G 193 -29.10 -12.41 -10.98
C TRP G 193 -27.96 -11.60 -11.57
N THR G 194 -27.85 -10.33 -11.18
CA THR G 194 -26.79 -9.47 -11.71
C THR G 194 -25.41 -9.98 -11.31
N ILE G 195 -25.25 -10.38 -10.05
CA ILE G 195 -23.94 -10.81 -9.55
C ILE G 195 -23.51 -12.10 -10.23
N ASN G 196 -24.41 -13.08 -10.31
CA ASN G 196 -24.03 -14.40 -10.77
C ASN G 196 -24.06 -14.55 -12.29
N HIS G 197 -24.87 -13.76 -12.99
CA HIS G 197 -25.03 -13.95 -14.43
C HIS G 197 -24.54 -12.79 -15.27
N LEU G 198 -24.60 -11.56 -14.77
CA LEU G 198 -24.30 -10.38 -15.58
C LEU G 198 -22.92 -9.81 -15.31
N ASN G 199 -22.53 -9.64 -14.06
CA ASN G 199 -21.22 -9.09 -13.74
C ASN G 199 -20.12 -10.08 -14.12
N VAL G 200 -18.99 -9.53 -14.55
CA VAL G 200 -17.84 -10.32 -14.99
C VAL G 200 -16.72 -10.14 -13.97
N LEU G 201 -16.11 -11.26 -13.57
CA LEU G 201 -15.03 -11.22 -12.60
C LEU G 201 -13.83 -10.45 -13.17
N THR G 202 -13.14 -9.74 -12.28
CA THR G 202 -12.14 -8.76 -12.71
C THR G 202 -10.95 -9.42 -13.38
N HIS G 203 -10.40 -10.47 -12.77
CA HIS G 203 -9.11 -11.00 -13.20
C HIS G 203 -9.23 -12.14 -14.21
N CYS G 204 -10.14 -13.09 -14.00
CA CYS G 204 -10.30 -14.17 -14.97
C CYS G 204 -11.16 -13.77 -16.16
N GLN G 205 -11.78 -12.59 -16.12
CA GLN G 205 -12.58 -12.07 -17.22
C GLN G 205 -13.69 -13.04 -17.62
N LYS G 206 -14.31 -13.65 -16.62
CA LYS G 206 -15.44 -14.55 -16.85
C LYS G 206 -16.50 -14.27 -15.81
N THR G 207 -17.62 -14.97 -15.94
CA THR G 207 -18.73 -14.83 -15.02
C THR G 207 -18.71 -15.98 -14.01
N ARG G 208 -19.24 -15.69 -12.82
CA ARG G 208 -19.28 -16.71 -11.77
C ARG G 208 -20.06 -17.93 -12.20
N TRP G 209 -21.19 -17.72 -12.89
CA TRP G 209 -21.99 -18.84 -13.36
C TRP G 209 -21.22 -19.67 -14.40
N GLN G 210 -20.46 -19.01 -15.26
CA GLN G 210 -19.68 -19.74 -16.25
C GLN G 210 -18.62 -20.63 -15.59
N LEU G 211 -17.96 -20.13 -14.56
CA LEU G 211 -17.00 -20.95 -13.82
C LEU G 211 -17.68 -22.09 -13.09
N HIS G 212 -18.87 -21.83 -12.51
CA HIS G 212 -19.54 -22.86 -11.72
C HIS G 212 -19.92 -24.07 -12.58
N HIS G 213 -20.39 -23.82 -13.80
CA HIS G 213 -20.90 -24.88 -14.65
C HIS G 213 -19.96 -25.23 -15.80
N SER G 214 -18.73 -24.73 -15.78
CA SER G 214 -17.78 -25.12 -16.80
C SER G 214 -17.46 -26.60 -16.66
N PRO G 215 -17.14 -27.27 -17.77
CA PRO G 215 -16.86 -28.71 -17.72
C PRO G 215 -15.78 -29.04 -16.69
N ARG G 216 -16.05 -30.07 -15.88
CA ARG G 216 -15.12 -30.51 -14.85
C ARG G 216 -14.03 -31.40 -15.40
N LEU G 217 -13.77 -31.33 -16.69
CA LEU G 217 -12.75 -32.17 -17.32
C LEU G 217 -11.39 -32.11 -16.65
N PRO G 218 -10.86 -30.95 -16.23
CA PRO G 218 -9.64 -30.96 -15.44
C PRO G 218 -9.88 -31.60 -14.08
N PRO G 219 -9.19 -32.69 -13.77
CA PRO G 219 -9.32 -33.32 -12.47
C PRO G 219 -8.53 -32.54 -11.41
N ILE G 220 -8.47 -33.12 -10.21
CA ILE G 220 -7.86 -32.48 -9.06
C ILE G 220 -6.36 -32.78 -9.09
N PRO G 221 -5.49 -31.77 -9.06
CA PRO G 221 -4.08 -32.04 -8.78
C PRO G 221 -3.91 -32.62 -7.38
N GLU G 222 -2.96 -33.54 -7.25
CA GLU G 222 -2.70 -34.12 -5.94
C GLU G 222 -2.03 -33.11 -5.02
N GLU G 223 -2.33 -33.21 -3.73
CA GLU G 223 -1.76 -32.31 -2.73
C GLU G 223 -0.85 -33.08 -1.79
N LYS G 224 -0.08 -32.31 -1.02
CA LYS G 224 0.91 -32.88 -0.09
C LYS G 224 0.69 -32.27 1.29
N PRO G 225 0.50 -33.07 2.34
CA PRO G 225 0.31 -32.51 3.68
C PRO G 225 1.62 -32.26 4.40
N VAL G 226 2.73 -32.28 3.66
CA VAL G 226 4.04 -32.10 4.28
C VAL G 226 4.20 -30.67 4.76
N THR G 227 4.62 -30.52 6.01
CA THR G 227 4.85 -29.22 6.63
C THR G 227 6.25 -29.16 7.23
N THR G 228 6.68 -27.94 7.56
CA THR G 228 7.99 -27.76 8.15
C THR G 228 8.04 -28.40 9.54
N SER G 229 9.15 -29.08 9.82
CA SER G 229 9.32 -29.82 11.07
C SER G 229 10.02 -29.01 12.15
N LYS G 230 10.34 -27.75 11.89
CA LYS G 230 11.05 -26.91 12.84
C LYS G 230 10.11 -25.85 13.40
N THR G 231 10.40 -25.42 14.63
CA THR G 231 9.62 -24.41 15.31
C THR G 231 10.53 -23.28 15.76
N HIS G 232 9.94 -22.12 16.00
CA HIS G 232 10.68 -20.91 16.32
C HIS G 232 10.09 -20.26 17.56
N TRP G 233 10.72 -19.17 17.98
CA TRP G 233 10.24 -18.35 19.07
C TRP G 233 9.51 -17.13 18.53
N TYR G 234 8.49 -16.69 19.24
CA TYR G 234 7.63 -15.61 18.75
C TYR G 234 7.15 -14.73 19.89
N TYR G 235 7.19 -13.42 19.68
CA TYR G 235 6.33 -12.51 20.42
C TYR G 235 4.95 -12.55 19.80
N PHE G 236 3.92 -12.39 20.62
CA PHE G 236 2.56 -12.58 20.14
C PHE G 236 1.62 -11.53 20.71
N LYS G 237 0.48 -11.38 20.04
CA LYS G 237 -0.64 -10.56 20.48
C LYS G 237 -1.92 -11.38 20.34
N ILE G 238 -2.76 -11.33 21.36
CA ILE G 238 -4.00 -12.13 21.36
C ILE G 238 -5.00 -11.48 20.42
N PRO G 239 -5.60 -12.24 19.49
CA PRO G 239 -6.54 -11.63 18.54
C PRO G 239 -7.77 -11.01 19.19
N GLY G 240 -8.26 -11.58 20.30
CA GLY G 240 -9.50 -11.10 20.88
C GLY G 240 -9.41 -9.68 21.37
N LEU G 241 -8.33 -9.35 22.06
CA LEU G 241 -8.14 -8.03 22.66
C LEU G 241 -6.87 -7.40 22.11
N ASN G 242 -6.99 -6.16 21.66
CA ASN G 242 -5.84 -5.45 21.13
C ASN G 242 -4.90 -5.02 22.26
N SER G 243 -3.61 -5.26 22.07
CA SER G 243 -2.60 -4.90 23.05
C SER G 243 -1.58 -3.97 22.40
N ARG G 244 -1.12 -2.99 23.18
CA ARG G 244 -0.17 -2.03 22.65
C ARG G 244 1.20 -2.65 22.43
N GLN G 245 1.64 -3.52 23.34
CA GLN G 245 2.96 -4.12 23.27
C GLN G 245 2.86 -5.62 23.11
N TRP G 246 3.90 -6.21 22.54
CA TRP G 246 3.96 -7.65 22.32
C TRP G 246 4.10 -8.38 23.66
N LYS G 247 3.92 -9.70 23.60
CA LYS G 247 4.01 -10.56 24.76
C LYS G 247 4.94 -11.73 24.44
N GLY G 248 5.49 -12.32 25.48
CA GLY G 248 6.41 -13.43 25.32
C GLY G 248 7.85 -13.03 25.48
N PRO G 249 8.74 -13.62 24.67
CA PRO G 249 8.45 -14.61 23.64
C PRO G 249 8.27 -16.04 24.16
N GLN G 250 7.49 -16.84 23.44
CA GLN G 250 7.30 -18.25 23.70
C GLN G 250 7.75 -19.04 22.48
N ARG G 251 7.69 -20.37 22.58
CA ARG G 251 8.08 -21.24 21.48
C ARG G 251 6.86 -21.98 20.94
N ALA G 252 6.76 -22.05 19.62
CA ALA G 252 5.61 -22.67 18.98
C ALA G 252 5.62 -24.18 19.15
N LEU G 253 4.50 -24.73 19.61
CA LEU G 253 4.38 -26.19 19.70
C LEU G 253 4.34 -26.82 18.32
N GLN G 254 3.64 -26.21 17.38
CA GLN G 254 3.59 -26.69 16.01
C GLN G 254 3.18 -25.54 15.11
N GLU G 255 3.77 -25.49 13.92
CA GLU G 255 3.58 -24.39 12.99
C GLU G 255 2.81 -24.89 11.78
N ALA G 256 1.72 -24.20 11.46
CA ALA G 256 0.90 -24.49 10.30
C ALA G 256 1.13 -23.44 9.22
N ALA G 257 0.42 -23.59 8.11
CA ALA G 257 0.47 -22.61 7.04
C ALA G 257 -0.47 -21.46 7.37
N GLY G 258 0.08 -20.32 7.79
CA GLY G 258 -0.70 -19.15 8.09
C GLY G 258 -0.94 -18.88 9.55
N ALA G 259 -0.59 -19.81 10.44
CA ALA G 259 -0.79 -19.63 11.87
C ALA G 259 0.21 -20.50 12.62
N ALA G 260 0.17 -20.39 13.95
CA ALA G 260 1.05 -21.18 14.80
C ALA G 260 0.38 -21.43 16.13
N LEU G 261 0.78 -22.51 16.79
CA LEU G 261 0.28 -22.86 18.11
C LEU G 261 1.24 -22.30 19.16
N ILE G 262 0.73 -21.39 19.99
CA ILE G 262 1.54 -20.64 20.94
C ILE G 262 0.94 -20.85 22.32
N PRO G 263 1.74 -21.19 23.33
CA PRO G 263 1.20 -21.27 24.70
C PRO G 263 1.01 -19.90 25.33
N VAL G 264 -0.26 -19.46 25.43
CA VAL G 264 -0.53 -18.17 26.06
C VAL G 264 -0.27 -18.25 27.55
N SER G 265 -0.69 -19.33 28.19
CA SER G 265 -0.47 -19.56 29.62
C SER G 265 0.21 -20.92 29.79
N ASP G 266 0.55 -21.24 31.04
CA ASP G 266 1.19 -22.51 31.34
C ASP G 266 0.24 -23.69 31.23
N THR G 267 -1.06 -23.46 31.07
CA THR G 267 -2.06 -24.52 31.02
C THR G 267 -2.38 -24.96 29.60
N ALA G 268 -2.85 -24.05 28.75
CA ALA G 268 -3.30 -24.41 27.41
C ALA G 268 -2.74 -23.44 26.40
N ALA G 269 -2.72 -23.87 25.14
CA ALA G 269 -2.18 -23.10 24.04
C ALA G 269 -3.31 -22.43 23.25
N GLN G 270 -2.94 -21.78 22.15
CA GLN G 270 -3.88 -21.06 21.32
C GLN G 270 -3.32 -20.96 19.91
N TRP G 271 -4.21 -20.87 18.94
CA TRP G 271 -3.81 -20.70 17.54
C TRP G 271 -3.78 -19.21 17.22
N ILE G 272 -2.63 -18.73 16.74
CA ILE G 272 -2.40 -17.31 16.50
C ILE G 272 -2.07 -17.16 15.02
N PRO G 273 -2.73 -16.27 14.29
CA PRO G 273 -2.37 -16.04 12.89
C PRO G 273 -1.00 -15.38 12.77
N TRP G 274 -0.43 -15.49 11.58
CA TRP G 274 0.90 -14.95 11.33
C TRP G 274 0.95 -13.43 11.51
N LYS G 275 -0.17 -12.74 11.33
CA LYS G 275 -0.16 -11.29 11.34
C LYS G 275 -0.20 -10.69 12.75
N LEU G 276 -0.34 -11.51 13.80
CA LEU G 276 -0.21 -11.05 15.17
C LEU G 276 0.97 -11.74 15.85
N LEU G 277 2.02 -11.99 15.10
CA LEU G 277 3.24 -12.61 15.58
C LEU G 277 4.45 -11.78 15.15
N LYS G 278 5.52 -11.89 15.93
CA LYS G 278 6.77 -11.20 15.65
C LYS G 278 7.93 -12.15 15.94
N ARG G 279 8.92 -12.15 15.05
CA ARG G 279 10.06 -13.05 15.20
C ARG G 279 10.87 -12.71 16.45
N ALA G 280 11.41 -13.75 17.09
CA ALA G 280 12.21 -13.59 18.30
C ALA G 280 13.53 -14.33 18.16
N VAL G 281 14.56 -13.79 18.80
CA VAL G 281 15.88 -14.41 18.79
C VAL G 281 15.87 -15.59 19.76
N CYS G 282 16.60 -16.64 19.40
CA CYS G 282 16.67 -17.83 20.24
C CYS G 282 17.39 -17.50 21.55
N PRO G 283 16.80 -17.81 22.70
CA PRO G 283 17.48 -17.51 23.98
C PRO G 283 18.81 -18.24 24.14
N ARG G 284 18.96 -19.43 23.58
CA ARG G 284 20.20 -20.19 23.70
C ARG G 284 21.00 -20.13 22.40
N LEU H 344 3.50 -51.59 -12.70
CA LEU H 344 4.64 -50.90 -13.28
C LEU H 344 5.11 -49.75 -12.39
N LEU H 345 5.47 -48.63 -13.00
CA LEU H 345 5.95 -47.46 -12.28
C LEU H 345 5.16 -46.24 -12.72
N HIS H 346 4.83 -45.39 -11.74
CA HIS H 346 4.06 -44.19 -12.04
C HIS H 346 4.84 -43.24 -12.94
N ILE H 347 4.13 -42.56 -13.84
CA ILE H 347 4.79 -41.71 -14.82
C ILE H 347 5.37 -40.46 -14.16
N ARG H 348 4.77 -39.97 -13.08
CA ARG H 348 5.24 -38.73 -12.48
C ARG H 348 6.47 -38.91 -11.61
N ASP H 349 6.85 -40.15 -11.29
CA ASP H 349 7.98 -40.44 -10.41
C ASP H 349 9.19 -40.94 -11.17
N VAL H 350 9.44 -40.41 -12.36
CA VAL H 350 10.60 -40.82 -13.17
C VAL H 350 11.27 -39.56 -13.70
N PRO H 351 12.58 -39.60 -13.90
CA PRO H 351 13.25 -38.49 -14.56
C PRO H 351 12.66 -38.23 -15.93
N PRO H 352 12.62 -36.96 -16.35
CA PRO H 352 12.02 -36.65 -17.67
C PRO H 352 12.77 -37.23 -18.85
N ALA H 353 14.01 -37.67 -18.66
CA ALA H 353 14.78 -38.21 -19.79
C ALA H 353 14.11 -39.45 -20.37
N ASP H 354 13.62 -40.34 -19.53
CA ASP H 354 12.92 -41.54 -19.96
C ASP H 354 11.44 -41.52 -19.63
N GLN H 355 10.89 -40.33 -19.33
CA GLN H 355 9.47 -40.25 -18.99
C GLN H 355 8.61 -40.51 -20.22
N GLU H 356 9.03 -40.05 -21.39
CA GLU H 356 8.26 -40.29 -22.61
C GLU H 356 8.17 -41.77 -22.93
N LYS H 357 9.26 -42.51 -22.71
CA LYS H 357 9.23 -43.95 -22.95
C LYS H 357 8.25 -44.65 -22.02
N LEU H 358 8.23 -44.24 -20.75
CA LEU H 358 7.25 -44.81 -19.83
C LEU H 358 5.83 -44.43 -20.20
N PHE H 359 5.63 -43.21 -20.72
CA PHE H 359 4.31 -42.82 -21.20
C PHE H 359 3.87 -43.71 -22.36
N ILE H 360 4.77 -43.99 -23.29
CA ILE H 360 4.46 -44.86 -24.42
C ILE H 360 4.13 -46.27 -23.92
N GLN H 361 4.92 -46.77 -22.96
CA GLN H 361 4.66 -48.11 -22.41
C GLN H 361 3.30 -48.17 -21.73
N LYS H 362 2.94 -47.13 -20.97
CA LYS H 362 1.65 -47.12 -20.29
C LYS H 362 0.50 -46.96 -21.27
N LEU H 363 0.73 -46.25 -22.38
CA LEU H 363 -0.22 -46.24 -23.48
C LEU H 363 -0.41 -47.65 -24.05
N ARG H 364 0.69 -48.36 -24.28
CA ARG H 364 0.61 -49.67 -24.93
C ARG H 364 -0.01 -50.72 -24.02
N GLN H 365 0.20 -50.62 -22.71
CA GLN H 365 -0.33 -51.63 -21.80
C GLN H 365 -1.84 -51.57 -21.66
N CYS H 366 -2.47 -50.47 -22.07
CA CYS H 366 -3.93 -50.35 -22.05
C CYS H 366 -4.56 -50.78 -23.37
N CYS H 367 -3.75 -51.19 -24.35
CA CYS H 367 -4.28 -51.64 -25.63
C CYS H 367 -5.00 -52.98 -25.52
N VAL H 368 -4.71 -53.75 -24.47
CA VAL H 368 -5.35 -55.05 -24.30
C VAL H 368 -6.84 -54.86 -24.03
N LEU H 369 -7.66 -55.69 -24.66
CA LEU H 369 -9.10 -55.56 -24.55
C LEU H 369 -9.61 -56.24 -23.28
N PHE H 370 -10.83 -55.86 -22.89
CA PHE H 370 -11.53 -56.48 -21.77
C PHE H 370 -13.02 -56.46 -22.07
N ASP H 371 -13.63 -57.64 -22.15
CA ASP H 371 -15.02 -57.77 -22.56
C ASP H 371 -15.88 -57.97 -21.32
N PHE H 372 -16.71 -56.96 -21.02
CA PHE H 372 -17.69 -57.10 -19.94
C PHE H 372 -18.92 -57.88 -20.39
N VAL H 373 -19.25 -57.85 -21.68
CA VAL H 373 -20.44 -58.53 -22.17
C VAL H 373 -20.23 -60.03 -22.23
N SER H 374 -18.97 -60.47 -22.36
CA SER H 374 -18.69 -61.91 -22.42
C SER H 374 -19.09 -62.60 -21.12
N ASP H 375 -18.74 -62.00 -19.98
CA ASP H 375 -19.09 -62.55 -18.67
C ASP H 375 -18.92 -61.45 -17.64
N PRO H 376 -19.76 -61.43 -16.60
CA PRO H 376 -19.71 -60.31 -15.64
C PRO H 376 -18.42 -60.23 -14.85
N LEU H 377 -17.64 -61.31 -14.77
CA LEU H 377 -16.42 -61.32 -13.96
C LEU H 377 -15.31 -61.99 -14.76
N SER H 378 -14.32 -61.21 -15.17
CA SER H 378 -13.18 -61.74 -15.91
C SER H 378 -12.03 -60.74 -15.82
N ASP H 379 -10.88 -61.20 -15.31
CA ASP H 379 -9.69 -60.37 -15.18
C ASP H 379 -9.98 -59.12 -14.34
N LEU H 380 -10.36 -59.36 -13.09
CA LEU H 380 -10.74 -58.25 -12.22
C LEU H 380 -9.58 -57.31 -11.95
N LYS H 381 -8.41 -57.86 -11.59
CA LYS H 381 -7.27 -57.00 -11.28
C LYS H 381 -6.70 -56.35 -12.53
N TRP H 382 -6.74 -57.05 -13.67
CA TRP H 382 -6.34 -56.42 -14.92
C TRP H 382 -7.23 -55.23 -15.24
N LYS H 383 -8.55 -55.39 -15.09
CA LYS H 383 -9.47 -54.30 -15.33
C LYS H 383 -9.23 -53.14 -14.37
N GLU H 384 -8.98 -53.47 -13.09
CA GLU H 384 -8.73 -52.42 -12.11
C GLU H 384 -7.46 -51.64 -12.42
N VAL H 385 -6.39 -52.33 -12.79
CA VAL H 385 -5.15 -51.62 -13.10
C VAL H 385 -5.29 -50.82 -14.38
N LYS H 386 -6.06 -51.31 -15.36
CA LYS H 386 -6.30 -50.53 -16.56
C LYS H 386 -7.08 -49.25 -16.24
N ARG H 387 -8.12 -49.37 -15.40
CA ARG H 387 -8.87 -48.19 -14.98
C ARG H 387 -7.98 -47.20 -14.25
N ALA H 388 -7.18 -47.70 -13.31
CA ALA H 388 -6.24 -46.85 -12.61
C ALA H 388 -5.33 -46.12 -13.58
N ALA H 389 -4.69 -46.86 -14.50
CA ALA H 389 -3.75 -46.27 -15.42
C ALA H 389 -4.41 -45.21 -16.29
N LEU H 390 -5.63 -45.47 -16.75
CA LEU H 390 -6.37 -44.44 -17.47
C LEU H 390 -6.57 -43.20 -16.61
N SER H 391 -6.84 -43.39 -15.31
CA SER H 391 -7.01 -42.25 -14.42
C SER H 391 -5.73 -41.43 -14.30
N GLU H 392 -4.59 -42.09 -14.05
CA GLU H 392 -3.35 -41.31 -13.94
C GLU H 392 -2.98 -40.67 -15.27
N MET H 393 -3.29 -41.33 -16.38
CA MET H 393 -2.99 -40.74 -17.69
C MET H 393 -3.80 -39.47 -17.92
N VAL H 394 -5.11 -39.50 -17.63
CA VAL H 394 -5.91 -38.32 -17.84
C VAL H 394 -5.53 -37.22 -16.85
N GLU H 395 -5.12 -37.60 -15.64
CA GLU H 395 -4.62 -36.60 -14.69
C GLU H 395 -3.33 -35.95 -15.19
N TYR H 396 -2.43 -36.76 -15.73
CA TYR H 396 -1.09 -36.27 -16.07
C TYR H 396 -1.11 -35.45 -17.35
N ILE H 397 -1.96 -35.81 -18.32
CA ILE H 397 -1.96 -35.12 -19.60
C ILE H 397 -2.41 -33.67 -19.46
N THR H 398 -3.20 -33.34 -18.44
CA THR H 398 -3.79 -32.02 -18.30
C THR H 398 -3.10 -31.17 -17.23
N HIS H 399 -1.89 -31.53 -16.83
CA HIS H 399 -1.16 -30.74 -15.84
C HIS H 399 0.29 -30.47 -16.21
N ASN H 400 0.74 -30.85 -17.40
CA ASN H 400 2.09 -30.61 -17.84
C ASN H 400 2.09 -30.16 -19.30
N ARG H 401 3.04 -29.30 -19.64
CA ARG H 401 3.16 -28.79 -21.00
C ARG H 401 4.42 -29.35 -21.65
N ASN H 402 4.44 -29.30 -22.99
CA ASN H 402 5.53 -29.83 -23.79
C ASN H 402 5.80 -31.29 -23.47
N VAL H 403 4.73 -32.07 -23.28
CA VAL H 403 4.85 -33.47 -22.93
C VAL H 403 4.49 -34.33 -24.14
N ILE H 404 3.68 -33.79 -25.04
CA ILE H 404 3.23 -34.51 -26.22
C ILE H 404 4.10 -34.13 -27.40
N THR H 405 4.79 -35.12 -27.98
CA THR H 405 5.61 -34.89 -29.16
C THR H 405 5.25 -35.87 -30.26
N GLU H 406 6.07 -35.90 -31.32
CA GLU H 406 5.74 -36.70 -32.50
C GLU H 406 5.53 -38.18 -32.22
N PRO H 407 6.35 -38.88 -31.40
CA PRO H 407 6.16 -40.33 -31.27
C PRO H 407 4.96 -40.72 -30.41
N ILE H 408 4.10 -39.76 -30.08
CA ILE H 408 2.92 -40.02 -29.27
C ILE H 408 1.63 -39.94 -30.09
N TYR H 409 1.59 -39.04 -31.07
CA TYR H 409 0.36 -38.78 -31.82
C TYR H 409 -0.24 -40.02 -32.48
N PRO H 410 0.51 -40.83 -33.26
CA PRO H 410 -0.14 -41.98 -33.92
C PRO H 410 -0.50 -43.09 -32.95
N GLU H 411 0.29 -43.23 -31.88
CA GLU H 411 0.06 -44.31 -30.93
C GLU H 411 -1.24 -44.08 -30.16
N VAL H 412 -1.55 -42.83 -29.81
CA VAL H 412 -2.80 -42.53 -29.13
C VAL H 412 -3.98 -42.80 -30.05
N VAL H 413 -3.84 -42.47 -31.33
CA VAL H 413 -4.90 -42.74 -32.30
C VAL H 413 -5.11 -44.25 -32.41
N HIS H 414 -4.02 -45.02 -32.42
CA HIS H 414 -4.14 -46.47 -32.43
C HIS H 414 -4.85 -46.99 -31.19
N MET H 415 -4.52 -46.41 -30.03
CA MET H 415 -5.17 -46.82 -28.78
C MET H 415 -6.67 -46.55 -28.83
N PHE H 416 -7.06 -45.38 -29.31
CA PHE H 416 -8.47 -45.06 -29.44
C PHE H 416 -9.17 -45.99 -30.42
N ALA H 417 -8.51 -46.28 -31.55
CA ALA H 417 -9.09 -47.20 -32.54
C ALA H 417 -9.27 -48.60 -31.98
N VAL H 418 -8.29 -49.08 -31.22
CA VAL H 418 -8.40 -50.40 -30.58
C VAL H 418 -9.49 -50.44 -29.51
N ASN H 419 -9.65 -49.37 -28.73
CA ASN H 419 -10.61 -49.36 -27.63
C ASN H 419 -12.04 -49.03 -28.06
N MET H 420 -12.23 -48.28 -29.15
CA MET H 420 -13.55 -47.87 -29.60
C MET H 420 -14.02 -48.57 -30.86
N PHE H 421 -13.24 -48.49 -31.95
CA PHE H 421 -13.69 -49.01 -33.22
C PHE H 421 -13.87 -50.52 -33.16
N ARG H 422 -15.12 -50.98 -33.24
CA ARG H 422 -15.45 -52.40 -33.16
C ARG H 422 -16.83 -52.58 -33.78
N THR H 423 -17.21 -53.84 -33.95
CA THR H 423 -18.55 -54.14 -34.44
C THR H 423 -19.59 -53.66 -33.43
N LEU H 424 -20.66 -53.08 -33.95
CA LEU H 424 -21.69 -52.52 -33.09
C LEU H 424 -22.48 -53.64 -32.40
N PRO H 425 -23.01 -53.37 -31.21
CA PRO H 425 -23.87 -54.37 -30.57
C PRO H 425 -25.10 -54.61 -31.41
N PRO H 426 -25.65 -55.83 -31.35
CA PRO H 426 -26.82 -56.14 -32.18
C PRO H 426 -28.00 -55.25 -31.85
N SER H 427 -28.75 -54.89 -32.88
CA SER H 427 -29.89 -53.99 -32.71
C SER H 427 -30.98 -54.66 -31.88
N SER H 428 -31.55 -53.90 -30.94
CA SER H 428 -32.61 -54.40 -30.09
C SER H 428 -33.78 -53.42 -29.99
N ASN H 429 -33.78 -52.36 -30.79
CA ASN H 429 -34.83 -51.34 -30.78
C ASN H 429 -35.03 -50.73 -29.40
N GLU H 441 -36.63 -47.46 -21.39
CA GLU H 441 -35.29 -46.91 -21.28
C GLU H 441 -34.30 -47.72 -22.11
N PRO H 442 -33.33 -47.05 -22.72
CA PRO H 442 -32.32 -47.76 -23.50
C PRO H 442 -31.37 -48.54 -22.60
N THR H 443 -30.82 -49.61 -23.16
CA THR H 443 -29.84 -50.41 -22.43
C THR H 443 -28.51 -49.67 -22.35
N LEU H 444 -27.74 -49.99 -21.32
CA LEU H 444 -26.47 -49.32 -21.06
C LEU H 444 -25.32 -50.29 -21.32
N GLU H 445 -24.27 -49.77 -21.98
CA GLU H 445 -23.11 -50.60 -22.27
C GLU H 445 -22.39 -50.98 -20.98
N ALA H 446 -22.12 -52.28 -20.82
CA ALA H 446 -21.52 -52.78 -19.59
C ALA H 446 -20.06 -52.38 -19.42
N ALA H 447 -19.39 -51.98 -20.51
CA ALA H 447 -18.00 -51.57 -20.45
C ALA H 447 -17.85 -50.07 -20.23
N TRP H 448 -18.83 -49.44 -19.59
CA TRP H 448 -18.87 -47.98 -19.46
C TRP H 448 -17.70 -47.37 -18.69
N PRO H 449 -17.12 -48.02 -17.66
CA PRO H 449 -15.97 -47.41 -16.99
C PRO H 449 -14.80 -47.09 -17.92
N HIS H 450 -14.28 -48.11 -18.60
CA HIS H 450 -13.15 -47.90 -19.50
C HIS H 450 -13.54 -46.98 -20.66
N LEU H 451 -14.75 -47.14 -21.19
CA LEU H 451 -15.22 -46.31 -22.29
C LEU H 451 -15.24 -44.83 -21.88
N GLN H 452 -15.82 -44.53 -20.72
CA GLN H 452 -15.90 -43.15 -20.26
C GLN H 452 -14.52 -42.58 -19.96
N LEU H 453 -13.65 -43.36 -19.32
CA LEU H 453 -12.31 -42.86 -19.02
C LEU H 453 -11.53 -42.58 -20.29
N VAL H 454 -11.63 -43.45 -21.30
CA VAL H 454 -10.87 -43.22 -22.52
C VAL H 454 -11.47 -42.07 -23.33
N TYR H 455 -12.79 -41.88 -23.28
CA TYR H 455 -13.37 -40.68 -23.88
C TYR H 455 -12.88 -39.42 -23.20
N GLU H 456 -12.80 -39.43 -21.87
CA GLU H 456 -12.26 -38.28 -21.15
C GLU H 456 -10.83 -38.01 -21.57
N PHE H 457 -10.01 -39.06 -21.66
CA PHE H 457 -8.62 -38.90 -22.07
C PHE H 457 -8.52 -38.34 -23.48
N PHE H 458 -9.31 -38.88 -24.41
CA PHE H 458 -9.24 -38.42 -25.80
C PHE H 458 -9.70 -36.96 -25.92
N LEU H 459 -10.75 -36.60 -25.20
CA LEU H 459 -11.22 -35.21 -25.23
C LEU H 459 -10.16 -34.26 -24.68
N ARG H 460 -9.52 -34.63 -23.56
CA ARG H 460 -8.48 -33.78 -23.01
C ARG H 460 -7.27 -33.72 -23.92
N PHE H 461 -6.99 -34.79 -24.66
CA PHE H 461 -5.83 -34.80 -25.55
C PHE H 461 -6.07 -33.96 -26.80
N LEU H 462 -7.31 -33.98 -27.32
CA LEU H 462 -7.59 -33.28 -28.56
C LEU H 462 -7.52 -31.76 -28.43
N GLU H 463 -7.75 -31.22 -27.23
CA GLU H 463 -7.80 -29.78 -27.04
C GLU H 463 -6.64 -29.26 -26.19
N SER H 464 -5.56 -30.01 -26.09
CA SER H 464 -4.38 -29.52 -25.40
C SER H 464 -3.75 -28.38 -26.19
N PRO H 465 -3.23 -27.34 -25.51
CA PRO H 465 -2.59 -26.24 -26.25
C PRO H 465 -1.35 -26.67 -27.03
N ASP H 466 -0.73 -27.79 -26.67
CA ASP H 466 0.44 -28.29 -27.39
C ASP H 466 0.07 -29.12 -28.62
N PHE H 467 -1.21 -29.32 -28.87
CA PHE H 467 -1.64 -30.04 -30.07
C PHE H 467 -1.26 -29.25 -31.32
N GLN H 468 -0.70 -29.94 -32.31
CA GLN H 468 -0.26 -29.31 -33.53
C GLN H 468 -1.04 -29.86 -34.72
N PRO H 469 -1.66 -29.00 -35.54
CA PRO H 469 -2.47 -29.49 -36.66
C PRO H 469 -1.66 -29.98 -37.84
N ASN H 470 -0.33 -29.83 -37.81
CA ASN H 470 0.52 -30.30 -38.90
C ASN H 470 1.04 -31.71 -38.68
N ILE H 471 0.69 -32.34 -37.56
CA ILE H 471 1.16 -33.69 -37.25
C ILE H 471 0.07 -34.74 -37.42
N ALA H 472 -1.20 -34.37 -37.21
CA ALA H 472 -2.30 -35.32 -37.31
C ALA H 472 -2.84 -35.47 -38.72
N LYS H 473 -2.36 -34.67 -39.68
CA LYS H 473 -2.79 -34.81 -41.06
C LYS H 473 -2.26 -36.08 -41.72
N LYS H 474 -1.20 -36.67 -41.18
CA LYS H 474 -0.64 -37.90 -41.71
C LYS H 474 -0.91 -39.12 -40.84
N TYR H 475 -1.38 -38.94 -39.61
CA TYR H 475 -1.74 -40.05 -38.74
C TYR H 475 -3.23 -40.25 -38.58
N ILE H 476 -4.04 -39.23 -38.89
CA ILE H 476 -5.50 -39.33 -38.91
C ILE H 476 -5.95 -38.99 -40.33
N ASP H 477 -6.68 -39.91 -40.96
CA ASP H 477 -7.13 -39.72 -42.32
C ASP H 477 -8.64 -39.92 -42.42
N GLN H 478 -9.16 -39.98 -43.65
CA GLN H 478 -10.59 -40.14 -43.83
C GLN H 478 -11.11 -41.45 -43.25
N LYS H 479 -10.29 -42.50 -43.27
CA LYS H 479 -10.74 -43.78 -42.74
C LYS H 479 -11.08 -43.68 -41.25
N PHE H 480 -10.23 -43.00 -40.48
CA PHE H 480 -10.50 -42.83 -39.05
C PHE H 480 -11.80 -42.09 -38.80
N VAL H 481 -12.04 -41.02 -39.56
CA VAL H 481 -13.22 -40.20 -39.31
C VAL H 481 -14.48 -40.92 -39.76
N LEU H 482 -14.39 -41.69 -40.84
CA LEU H 482 -15.52 -42.54 -41.24
C LEU H 482 -15.83 -43.59 -40.18
N GLN H 483 -14.80 -44.24 -39.65
CA GLN H 483 -15.03 -45.24 -38.61
C GLN H 483 -15.59 -44.60 -37.35
N LEU H 484 -15.22 -43.35 -37.08
CA LEU H 484 -15.78 -42.63 -35.93
C LEU H 484 -17.24 -42.26 -36.16
N LEU H 485 -17.56 -41.74 -37.35
CA LEU H 485 -18.93 -41.35 -37.67
C LEU H 485 -19.86 -42.56 -37.69
N GLU H 486 -19.34 -43.73 -38.09
CA GLU H 486 -20.15 -44.94 -38.07
C GLU H 486 -20.59 -45.31 -36.65
N LEU H 487 -19.87 -44.84 -35.64
CA LEU H 487 -20.12 -45.20 -34.25
C LEU H 487 -21.29 -44.43 -33.63
N PHE H 488 -21.81 -43.40 -34.31
CA PHE H 488 -22.93 -42.64 -33.78
C PHE H 488 -24.20 -43.46 -33.64
N ASP H 489 -24.27 -44.63 -34.27
CA ASP H 489 -25.48 -45.46 -34.17
C ASP H 489 -25.59 -46.18 -32.84
N SER H 490 -24.78 -45.84 -31.84
CA SER H 490 -24.86 -46.49 -30.55
C SER H 490 -26.17 -46.12 -29.86
N GLU H 491 -26.54 -46.93 -28.87
CA GLU H 491 -27.81 -46.78 -28.18
C GLU H 491 -27.66 -46.12 -26.81
N ASP H 492 -26.47 -46.15 -26.22
CA ASP H 492 -26.23 -45.46 -24.95
C ASP H 492 -26.19 -43.96 -25.19
N PRO H 493 -27.06 -43.17 -24.53
CA PRO H 493 -27.05 -41.72 -24.79
C PRO H 493 -25.75 -41.03 -24.42
N ARG H 494 -25.08 -41.48 -23.37
CA ARG H 494 -23.80 -40.87 -22.99
C ARG H 494 -22.76 -41.09 -24.08
N GLU H 495 -22.75 -42.29 -24.66
CA GLU H 495 -21.90 -42.57 -25.81
C GLU H 495 -22.09 -41.52 -26.90
N ARG H 496 -23.34 -41.23 -27.23
CA ARG H 496 -23.63 -40.27 -28.28
C ARG H 496 -23.24 -38.85 -27.87
N ASP H 497 -23.37 -38.53 -26.58
CA ASP H 497 -22.97 -37.20 -26.11
C ASP H 497 -21.46 -36.99 -26.28
N PHE H 498 -20.66 -37.94 -25.79
CA PHE H 498 -19.21 -37.84 -25.99
C PHE H 498 -18.86 -37.85 -27.47
N LEU H 499 -19.57 -38.65 -28.28
CA LEU H 499 -19.28 -38.69 -29.71
C LEU H 499 -19.56 -37.34 -30.35
N LYS H 500 -20.64 -36.68 -29.97
CA LYS H 500 -20.97 -35.36 -30.50
C LYS H 500 -19.90 -34.34 -30.13
N THR H 501 -19.53 -34.30 -28.84
CA THR H 501 -18.54 -33.32 -28.42
C THR H 501 -17.14 -33.65 -28.92
N THR H 502 -16.90 -34.88 -29.38
CA THR H 502 -15.62 -35.20 -30.01
C THR H 502 -15.63 -34.82 -31.48
N LEU H 503 -16.74 -35.10 -32.18
CA LEU H 503 -16.85 -34.76 -33.59
C LEU H 503 -16.84 -33.26 -33.81
N HIS H 504 -17.41 -32.49 -32.87
CA HIS H 504 -17.34 -31.04 -32.99
C HIS H 504 -15.90 -30.55 -33.01
N ARG H 505 -15.08 -31.03 -32.08
CA ARG H 505 -13.67 -30.64 -32.05
C ARG H 505 -12.94 -31.14 -33.29
N ILE H 506 -13.25 -32.35 -33.74
CA ILE H 506 -12.58 -32.90 -34.92
C ILE H 506 -12.86 -32.02 -36.13
N TYR H 507 -14.11 -31.64 -36.33
CA TYR H 507 -14.46 -30.78 -37.46
C TYR H 507 -13.85 -29.40 -37.32
N GLY H 508 -13.84 -28.84 -36.10
CA GLY H 508 -13.31 -27.50 -35.91
C GLY H 508 -11.81 -27.41 -36.13
N LYS H 509 -11.06 -28.42 -35.68
CA LYS H 509 -9.61 -28.33 -35.71
C LYS H 509 -9.05 -28.50 -37.12
N PHE H 510 -9.57 -29.45 -37.89
CA PHE H 510 -9.01 -29.79 -39.19
C PHE H 510 -9.66 -28.97 -40.30
N LEU H 511 -8.87 -28.67 -41.33
CA LEU H 511 -9.33 -27.87 -42.46
C LEU H 511 -9.56 -28.68 -43.73
N GLY H 512 -8.71 -29.66 -44.01
CA GLY H 512 -8.87 -30.46 -45.20
C GLY H 512 -9.93 -31.53 -45.11
N LEU H 513 -10.59 -31.65 -43.96
CA LEU H 513 -11.63 -32.64 -43.74
C LEU H 513 -12.97 -32.00 -43.43
N ARG H 514 -13.34 -30.96 -44.19
CA ARG H 514 -14.62 -30.29 -43.99
C ARG H 514 -15.61 -30.63 -45.09
N ALA H 515 -15.23 -30.40 -46.35
CA ALA H 515 -16.10 -30.75 -47.47
C ALA H 515 -16.34 -32.26 -47.54
N TYR H 516 -15.32 -33.05 -47.20
CA TYR H 516 -15.49 -34.49 -47.17
C TYR H 516 -16.55 -34.90 -46.15
N ILE H 517 -16.52 -34.29 -44.97
CA ILE H 517 -17.50 -34.61 -43.94
C ILE H 517 -18.89 -34.10 -44.33
N ARG H 518 -18.97 -32.95 -45.00
CA ARG H 518 -20.26 -32.48 -45.48
C ARG H 518 -20.85 -33.45 -46.49
N LYS H 519 -20.03 -33.93 -47.43
CA LYS H 519 -20.52 -34.91 -48.40
C LYS H 519 -20.94 -36.21 -47.70
N GLN H 520 -20.16 -36.64 -46.71
CA GLN H 520 -20.49 -37.87 -46.00
C GLN H 520 -21.78 -37.73 -45.19
N ILE H 521 -22.01 -36.55 -44.59
CA ILE H 521 -23.25 -36.35 -43.86
C ILE H 521 -24.44 -36.29 -44.81
N ASN H 522 -24.25 -35.72 -46.00
CA ASN H 522 -25.31 -35.80 -47.01
C ASN H 522 -25.59 -37.24 -47.38
N ASN H 523 -24.55 -38.05 -47.56
CA ASN H 523 -24.74 -39.45 -47.92
C ASN H 523 -25.47 -40.21 -46.82
N ILE H 524 -25.10 -39.99 -45.55
CA ILE H 524 -25.76 -40.70 -44.47
C ILE H 524 -27.20 -40.23 -44.31
N PHE H 525 -27.47 -38.95 -44.57
CA PHE H 525 -28.86 -38.48 -44.56
C PHE H 525 -29.68 -39.14 -45.66
N TYR H 526 -29.10 -39.25 -46.86
CA TYR H 526 -29.78 -39.95 -47.94
C TYR H 526 -30.07 -41.39 -47.57
N ARG H 527 -29.08 -42.07 -46.98
CA ARG H 527 -29.28 -43.48 -46.62
C ARG H 527 -30.33 -43.62 -45.53
N PHE H 528 -30.35 -42.71 -44.55
CA PHE H 528 -31.34 -42.79 -43.48
C PHE H 528 -32.74 -42.51 -44.01
N ILE H 529 -32.88 -41.59 -44.96
CA ILE H 529 -34.20 -41.21 -45.42
C ILE H 529 -34.72 -42.13 -46.52
N TYR H 530 -33.85 -42.84 -47.23
CA TYR H 530 -34.28 -43.70 -48.33
C TYR H 530 -34.00 -45.18 -48.08
N GLU H 531 -32.75 -45.53 -47.78
CA GLU H 531 -32.38 -46.95 -47.75
C GLU H 531 -32.70 -47.58 -46.40
N THR H 532 -32.05 -47.13 -45.33
CA THR H 532 -32.15 -47.75 -44.02
C THR H 532 -32.89 -46.81 -43.07
N GLU H 533 -33.86 -47.37 -42.34
CA GLU H 533 -34.70 -46.59 -41.44
C GLU H 533 -34.31 -46.75 -39.97
N HIS H 534 -33.15 -47.34 -39.70
CA HIS H 534 -32.69 -47.60 -38.33
C HIS H 534 -31.57 -46.63 -38.00
N HIS H 535 -31.86 -45.66 -37.14
CA HIS H 535 -30.85 -44.70 -36.70
C HIS H 535 -31.33 -44.05 -35.40
N ASN H 536 -30.38 -43.68 -34.55
CA ASN H 536 -30.70 -43.00 -33.31
C ASN H 536 -29.76 -41.87 -32.93
N GLY H 537 -28.79 -41.53 -33.78
CA GLY H 537 -27.88 -40.44 -33.50
C GLY H 537 -28.22 -39.18 -34.26
N ILE H 538 -29.48 -39.04 -34.65
CA ILE H 538 -29.90 -37.94 -35.50
C ILE H 538 -29.85 -36.59 -34.77
N ALA H 539 -30.19 -36.57 -33.48
CA ALA H 539 -30.23 -35.30 -32.75
C ALA H 539 -28.83 -34.71 -32.56
N GLU H 540 -27.87 -35.56 -32.20
CA GLU H 540 -26.50 -35.08 -32.05
C GLU H 540 -25.95 -34.57 -33.37
N LEU H 541 -26.25 -35.28 -34.46
CA LEU H 541 -25.83 -34.82 -35.78
C LEU H 541 -26.47 -33.48 -36.12
N LEU H 542 -27.73 -33.29 -35.76
CA LEU H 542 -28.38 -32.00 -36.01
C LEU H 542 -27.74 -30.88 -35.20
N GLU H 543 -27.32 -31.18 -33.96
CA GLU H 543 -26.56 -30.19 -33.20
C GLU H 543 -25.24 -29.85 -33.87
N ILE H 544 -24.53 -30.85 -34.38
CA ILE H 544 -23.28 -30.59 -35.11
C ILE H 544 -23.56 -29.71 -36.32
N LEU H 545 -24.62 -30.02 -37.06
CA LEU H 545 -24.97 -29.21 -38.21
C LEU H 545 -25.30 -27.77 -37.82
N GLY H 546 -26.03 -27.60 -36.73
CA GLY H 546 -26.33 -26.23 -36.28
C GLY H 546 -25.09 -25.46 -35.92
N SER H 547 -24.16 -26.10 -35.20
CA SER H 547 -22.91 -25.45 -34.86
C SER H 547 -22.13 -25.08 -36.12
N ILE H 548 -22.11 -25.97 -37.12
CA ILE H 548 -21.37 -25.69 -38.35
C ILE H 548 -22.02 -24.54 -39.12
N ILE H 549 -23.35 -24.54 -39.21
CA ILE H 549 -24.04 -23.57 -40.05
C ILE H 549 -24.16 -22.21 -39.39
N ASN H 550 -23.99 -22.11 -38.06
CA ASN H 550 -23.99 -20.79 -37.44
C ASN H 550 -22.79 -19.94 -37.86
N GLY H 551 -21.78 -20.54 -38.49
CA GLY H 551 -20.59 -19.80 -38.85
C GLY H 551 -20.41 -19.56 -40.34
N PHE H 552 -21.49 -19.62 -41.11
CA PHE H 552 -21.41 -19.35 -42.53
C PHE H 552 -21.13 -17.88 -42.80
N ALA H 553 -20.61 -17.61 -44.00
CA ALA H 553 -20.34 -16.26 -44.47
C ALA H 553 -21.14 -15.99 -45.73
N LEU H 554 -21.20 -14.71 -46.10
CA LEU H 554 -22.00 -14.30 -47.24
C LEU H 554 -21.11 -14.02 -48.45
N PRO H 555 -21.58 -14.33 -49.66
CA PRO H 555 -22.86 -15.00 -49.95
C PRO H 555 -22.79 -16.51 -49.77
N LEU H 556 -23.96 -17.13 -49.58
CA LEU H 556 -24.01 -18.58 -49.43
C LEU H 556 -23.78 -19.25 -50.77
N LYS H 557 -22.91 -20.26 -50.79
CA LYS H 557 -22.65 -20.99 -52.02
C LYS H 557 -23.81 -21.93 -52.33
N GLU H 558 -23.92 -22.29 -53.62
CA GLU H 558 -25.05 -23.08 -54.09
C GLU H 558 -25.06 -24.49 -53.52
N GLU H 559 -23.92 -24.98 -53.06
CA GLU H 559 -23.87 -26.30 -52.42
C GLU H 559 -24.71 -26.34 -51.15
N HIS H 560 -24.65 -25.27 -50.34
CA HIS H 560 -25.49 -25.21 -49.15
C HIS H 560 -26.96 -25.14 -49.52
N LYS H 561 -27.29 -24.46 -50.62
CA LYS H 561 -28.67 -24.44 -51.09
C LYS H 561 -29.14 -25.83 -51.47
N ILE H 562 -28.28 -26.60 -52.14
CA ILE H 562 -28.62 -27.99 -52.47
C ILE H 562 -28.82 -28.79 -51.19
N PHE H 563 -27.94 -28.59 -50.20
CA PHE H 563 -28.05 -29.33 -48.94
C PHE H 563 -29.37 -29.04 -48.25
N LEU H 564 -29.80 -27.78 -48.29
CA LEU H 564 -31.12 -27.44 -47.76
C LEU H 564 -32.24 -28.10 -48.56
N LEU H 565 -32.17 -28.01 -49.89
CA LEU H 565 -33.29 -28.42 -50.72
C LEU H 565 -33.39 -29.93 -50.89
N LYS H 566 -32.38 -30.68 -50.48
CA LYS H 566 -32.35 -32.11 -50.72
C LYS H 566 -32.63 -32.97 -49.49
N VAL H 567 -31.96 -32.70 -48.36
CA VAL H 567 -31.98 -33.63 -47.25
C VAL H 567 -32.67 -33.07 -46.00
N LEU H 568 -32.75 -31.75 -45.85
CA LEU H 568 -33.19 -31.22 -44.56
C LEU H 568 -34.71 -31.13 -44.47
N LEU H 569 -35.35 -30.52 -45.46
CA LEU H 569 -36.81 -30.46 -45.46
C LEU H 569 -37.46 -31.84 -45.53
N PRO H 570 -37.06 -32.75 -46.44
CA PRO H 570 -37.71 -34.07 -46.46
C PRO H 570 -37.51 -34.86 -45.18
N LEU H 571 -36.54 -34.49 -44.34
CA LEU H 571 -36.39 -35.13 -43.05
C LEU H 571 -37.63 -34.98 -42.18
N HIS H 572 -38.50 -34.01 -42.51
CA HIS H 572 -39.77 -33.86 -41.80
C HIS H 572 -40.70 -35.05 -42.02
N LYS H 573 -40.45 -35.91 -43.01
CA LYS H 573 -41.35 -36.99 -43.34
C LYS H 573 -41.14 -38.23 -42.47
N VAL H 574 -40.12 -38.23 -41.61
CA VAL H 574 -39.79 -39.42 -40.82
C VAL H 574 -40.85 -39.62 -39.75
N LYS H 575 -41.31 -40.86 -39.60
CA LYS H 575 -42.31 -41.18 -38.59
C LYS H 575 -41.79 -40.95 -37.17
N SER H 576 -40.47 -41.03 -36.99
CA SER H 576 -39.84 -40.80 -35.69
C SER H 576 -39.35 -39.37 -35.53
N LEU H 577 -40.04 -38.40 -36.14
CA LEU H 577 -39.58 -37.02 -36.11
C LEU H 577 -39.54 -36.47 -34.68
N SER H 578 -40.54 -36.80 -33.87
CA SER H 578 -40.70 -36.18 -32.56
C SER H 578 -39.46 -36.30 -31.68
N VAL H 579 -38.80 -37.47 -31.68
CA VAL H 579 -37.67 -37.68 -30.79
C VAL H 579 -36.55 -36.69 -31.07
N TYR H 580 -36.50 -36.11 -32.28
CA TYR H 580 -35.51 -35.08 -32.59
C TYR H 580 -36.18 -33.82 -33.13
N HIS H 581 -37.42 -33.55 -32.71
CA HIS H 581 -38.15 -32.42 -33.27
C HIS H 581 -37.51 -31.06 -33.01
N PRO H 582 -37.07 -30.69 -31.78
CA PRO H 582 -36.65 -29.30 -31.55
C PRO H 582 -35.40 -28.93 -32.32
N GLN H 583 -34.37 -29.77 -32.18
CA GLN H 583 -33.07 -29.51 -32.78
C GLN H 583 -33.21 -29.23 -34.27
N LEU H 584 -33.97 -30.07 -34.97
CA LEU H 584 -34.20 -29.88 -36.40
C LEU H 584 -34.67 -28.46 -36.68
N ALA H 585 -35.71 -28.02 -35.96
CA ALA H 585 -36.24 -26.68 -36.16
C ALA H 585 -35.14 -25.65 -36.02
N TYR H 586 -34.31 -25.79 -34.99
CA TYR H 586 -33.21 -24.87 -34.76
C TYR H 586 -32.39 -24.69 -36.02
N CYS H 587 -32.00 -25.81 -36.65
CA CYS H 587 -31.17 -25.73 -37.84
C CYS H 587 -31.84 -24.90 -38.92
N VAL H 588 -33.14 -25.12 -39.13
CA VAL H 588 -33.85 -24.35 -40.15
C VAL H 588 -33.77 -22.87 -39.83
N VAL H 589 -33.97 -22.51 -38.56
CA VAL H 589 -33.96 -21.11 -38.16
C VAL H 589 -32.61 -20.48 -38.49
N GLN H 590 -31.54 -21.28 -38.51
CA GLN H 590 -30.22 -20.73 -38.73
C GLN H 590 -29.90 -20.50 -40.20
N PHE H 591 -30.72 -21.01 -41.13
CA PHE H 591 -30.53 -20.69 -42.53
C PHE H 591 -31.25 -19.41 -42.95
N LEU H 592 -32.55 -19.32 -42.68
CA LEU H 592 -33.32 -18.17 -43.14
C LEU H 592 -32.88 -16.87 -42.49
N GLU H 593 -32.08 -16.94 -41.42
CA GLU H 593 -31.49 -15.74 -40.85
C GLU H 593 -30.35 -15.20 -41.71
N LYS H 594 -29.53 -16.09 -42.27
CA LYS H 594 -28.42 -15.63 -43.11
C LYS H 594 -28.91 -14.94 -44.37
N ASP H 595 -29.95 -15.47 -45.00
CA ASP H 595 -30.50 -14.88 -46.22
C ASP H 595 -32.02 -15.02 -46.19
N SER H 596 -32.72 -13.90 -46.17
CA SER H 596 -34.18 -13.91 -46.18
C SER H 596 -34.77 -14.06 -47.56
N THR H 597 -33.95 -13.97 -48.61
CA THR H 597 -34.45 -14.16 -49.97
C THR H 597 -34.69 -15.62 -50.31
N LEU H 598 -33.84 -16.53 -49.80
CA LEU H 598 -33.91 -17.94 -50.14
C LEU H 598 -34.91 -18.71 -49.31
N THR H 599 -35.83 -18.02 -48.63
CA THR H 599 -36.82 -18.69 -47.80
C THR H 599 -38.02 -19.20 -48.58
N GLU H 600 -38.21 -18.74 -49.82
CA GLU H 600 -39.36 -19.17 -50.61
C GLU H 600 -39.38 -20.67 -50.86
N PRO H 601 -38.30 -21.32 -51.29
CA PRO H 601 -38.35 -22.78 -51.45
C PRO H 601 -38.64 -23.50 -50.15
N VAL H 602 -38.16 -23.00 -49.01
CA VAL H 602 -38.38 -23.67 -47.74
C VAL H 602 -39.87 -23.67 -47.39
N VAL H 603 -40.51 -22.50 -47.45
CA VAL H 603 -41.92 -22.41 -47.12
C VAL H 603 -42.76 -23.16 -48.14
N MET H 604 -42.34 -23.13 -49.42
CA MET H 604 -43.06 -23.88 -50.44
C MET H 604 -43.02 -25.37 -50.17
N ALA H 605 -41.85 -25.90 -49.80
CA ALA H 605 -41.74 -27.31 -49.48
C ALA H 605 -42.52 -27.66 -48.21
N LEU H 606 -42.48 -26.78 -47.21
CA LEU H 606 -43.23 -27.05 -45.98
C LEU H 606 -44.72 -27.06 -46.22
N LEU H 607 -45.22 -26.17 -47.08
CA LEU H 607 -46.65 -26.11 -47.36
C LEU H 607 -47.13 -27.22 -48.29
N LYS H 608 -46.37 -27.52 -49.35
CA LYS H 608 -46.78 -28.53 -50.31
C LYS H 608 -46.73 -29.94 -49.72
N TYR H 609 -45.73 -30.22 -48.90
CA TYR H 609 -45.57 -31.54 -48.29
C TYR H 609 -46.18 -31.62 -46.90
N TRP H 610 -46.93 -30.60 -46.49
CA TRP H 610 -47.67 -30.68 -45.25
C TRP H 610 -48.70 -31.81 -45.34
N PRO H 611 -48.73 -32.74 -44.38
CA PRO H 611 -49.69 -33.85 -44.45
C PRO H 611 -51.14 -33.36 -44.38
N LYS H 612 -51.93 -33.75 -45.38
CA LYS H 612 -53.33 -33.32 -45.44
C LYS H 612 -54.21 -34.03 -44.42
N THR H 613 -53.72 -35.08 -43.78
CA THR H 613 -54.49 -35.86 -42.82
C THR H 613 -54.22 -35.39 -41.40
N HIS H 614 -55.23 -35.57 -40.54
CA HIS H 614 -55.10 -35.18 -39.14
C HIS H 614 -54.17 -36.14 -38.41
N SER H 615 -53.29 -35.60 -37.57
CA SER H 615 -52.40 -36.40 -36.75
C SER H 615 -51.96 -35.57 -35.56
N PRO H 616 -51.68 -36.20 -34.42
CA PRO H 616 -51.26 -35.42 -33.23
C PRO H 616 -49.95 -34.67 -33.43
N LYS H 617 -49.09 -35.12 -34.34
CA LYS H 617 -47.80 -34.48 -34.54
C LYS H 617 -47.88 -33.23 -35.39
N GLU H 618 -49.05 -32.92 -35.98
CA GLU H 618 -49.17 -31.72 -36.80
C GLU H 618 -48.78 -30.47 -36.03
N VAL H 619 -49.09 -30.43 -34.73
CA VAL H 619 -48.77 -29.26 -33.91
C VAL H 619 -47.28 -28.94 -34.02
N MET H 620 -46.44 -29.98 -34.08
CA MET H 620 -45.02 -29.83 -34.34
C MET H 620 -44.77 -28.81 -35.45
N PHE H 621 -45.30 -29.09 -36.64
CA PHE H 621 -45.15 -28.18 -37.77
C PHE H 621 -45.62 -26.78 -37.40
N LEU H 622 -46.82 -26.68 -36.79
CA LEU H 622 -47.32 -25.38 -36.38
C LEU H 622 -46.28 -24.64 -35.55
N ASN H 623 -45.71 -25.32 -34.55
CA ASN H 623 -44.70 -24.70 -33.72
C ASN H 623 -43.59 -24.12 -34.58
N GLU H 624 -43.03 -24.94 -35.47
CA GLU H 624 -41.96 -24.47 -36.35
C GLU H 624 -42.42 -23.25 -37.12
N LEU H 625 -43.63 -23.32 -37.70
CA LEU H 625 -44.13 -22.23 -38.51
C LEU H 625 -44.08 -20.93 -37.73
N GLU H 626 -44.44 -20.98 -36.45
CA GLU H 626 -44.45 -19.77 -35.64
C GLU H 626 -43.11 -19.06 -35.69
N GLU H 627 -42.03 -19.80 -35.41
CA GLU H 627 -40.72 -19.16 -35.43
C GLU H 627 -40.41 -18.61 -36.82
N ILE H 628 -40.75 -19.38 -37.87
CA ILE H 628 -40.55 -18.89 -39.22
C ILE H 628 -41.29 -17.58 -39.41
N LEU H 629 -42.56 -17.55 -38.97
CA LEU H 629 -43.33 -16.31 -39.08
C LEU H 629 -42.65 -15.20 -38.31
N ASP H 630 -42.13 -15.50 -37.12
CA ASP H 630 -41.52 -14.48 -36.29
C ASP H 630 -40.31 -13.84 -36.95
N VAL H 631 -39.77 -14.45 -38.00
CA VAL H 631 -38.66 -13.86 -38.72
C VAL H 631 -39.07 -13.43 -40.13
N ILE H 632 -40.23 -13.86 -40.64
CA ILE H 632 -40.57 -13.62 -42.03
C ILE H 632 -41.37 -12.34 -42.25
N GLU H 633 -41.93 -11.75 -41.18
CA GLU H 633 -42.73 -10.54 -41.35
C GLU H 633 -41.96 -9.38 -41.98
N PRO H 634 -40.71 -9.07 -41.59
CA PRO H 634 -40.00 -7.98 -42.27
C PRO H 634 -39.65 -8.29 -43.71
N SER H 635 -39.02 -7.34 -44.39
CA SER H 635 -38.57 -7.46 -45.78
C SER H 635 -39.74 -7.63 -46.75
N GLU H 636 -40.96 -7.34 -46.30
CA GLU H 636 -42.17 -7.40 -47.13
C GLU H 636 -42.32 -8.77 -47.79
N PHE H 637 -42.44 -9.79 -46.96
CA PHE H 637 -42.58 -11.17 -47.42
C PHE H 637 -44.07 -11.52 -47.39
N VAL H 638 -44.76 -11.21 -48.49
CA VAL H 638 -46.18 -11.53 -48.61
C VAL H 638 -46.40 -12.25 -49.93
N LYS H 639 -45.31 -12.70 -50.55
CA LYS H 639 -45.41 -13.40 -51.83
C LYS H 639 -46.16 -14.72 -51.67
N ILE H 640 -45.89 -15.46 -50.60
CA ILE H 640 -46.52 -16.74 -50.35
C ILE H 640 -47.45 -16.68 -49.15
N MET H 641 -47.86 -15.48 -48.73
CA MET H 641 -48.77 -15.36 -47.59
C MET H 641 -50.13 -15.96 -47.90
N GLU H 642 -50.68 -15.68 -49.08
CA GLU H 642 -51.99 -16.23 -49.45
C GLU H 642 -51.97 -17.75 -49.57
N PRO H 643 -51.02 -18.38 -50.27
CA PRO H 643 -50.98 -19.86 -50.26
C PRO H 643 -50.78 -20.44 -48.87
N LEU H 644 -49.98 -19.77 -48.04
CA LEU H 644 -49.79 -20.25 -46.67
C LEU H 644 -51.08 -20.21 -45.88
N PHE H 645 -51.84 -19.13 -45.99
CA PHE H 645 -53.12 -19.04 -45.32
C PHE H 645 -54.11 -20.08 -45.85
N ARG H 646 -54.10 -20.29 -47.17
CA ARG H 646 -55.00 -21.27 -47.76
C ARG H 646 -54.68 -22.68 -47.27
N GLN H 647 -53.40 -23.02 -47.18
CA GLN H 647 -53.01 -24.33 -46.66
C GLN H 647 -53.31 -24.46 -45.18
N LEU H 648 -53.13 -23.39 -44.41
CA LEU H 648 -53.39 -23.44 -42.97
C LEU H 648 -54.88 -23.55 -42.68
N ALA H 649 -55.73 -23.00 -43.55
CA ALA H 649 -57.16 -23.03 -43.31
C ALA H 649 -57.70 -24.45 -43.27
N LYS H 650 -57.21 -25.32 -44.15
CA LYS H 650 -57.65 -26.71 -44.20
C LYS H 650 -57.14 -27.48 -42.98
#